data_1D9A
# 
_entry.id   1D9A 
# 
_audit_conform.dict_name       mmcif_pdbx.dic 
_audit_conform.dict_version    5.392 
_audit_conform.dict_location   http://mmcif.pdb.org/dictionaries/ascii/mmcif_pdbx.dic 
# 
loop_
_database_2.database_id 
_database_2.database_code 
_database_2.pdbx_database_accession 
_database_2.pdbx_DOI 
PDB   1D9A         pdb_00001d9a 10.2210/pdb1d9a/pdb 
RCSB  RCSB009904   ?            ?                   
WWPDB D_1000009904 ?            ?                   
# 
loop_
_pdbx_audit_revision_history.ordinal 
_pdbx_audit_revision_history.data_content_type 
_pdbx_audit_revision_history.major_revision 
_pdbx_audit_revision_history.minor_revision 
_pdbx_audit_revision_history.revision_date 
1 'Structure model' 1 0 2000-04-07 
2 'Structure model' 1 1 2008-04-27 
3 'Structure model' 1 2 2011-07-13 
4 'Structure model' 1 3 2022-02-16 
5 'Structure model' 1 4 2024-05-22 
# 
_pdbx_audit_revision_details.ordinal             1 
_pdbx_audit_revision_details.revision_ordinal    1 
_pdbx_audit_revision_details.data_content_type   'Structure model' 
_pdbx_audit_revision_details.provider            repository 
_pdbx_audit_revision_details.type                'Initial release' 
_pdbx_audit_revision_details.description         ? 
_pdbx_audit_revision_details.details             ? 
# 
loop_
_pdbx_audit_revision_group.ordinal 
_pdbx_audit_revision_group.revision_ordinal 
_pdbx_audit_revision_group.data_content_type 
_pdbx_audit_revision_group.group 
1 2 'Structure model' 'Version format compliance' 
2 3 'Structure model' 'Version format compliance' 
3 4 'Structure model' 'Database references'       
4 4 'Structure model' 'Derived calculations'      
5 5 'Structure model' 'Data collection'           
# 
loop_
_pdbx_audit_revision_category.ordinal 
_pdbx_audit_revision_category.revision_ordinal 
_pdbx_audit_revision_category.data_content_type 
_pdbx_audit_revision_category.category 
1 4 'Structure model' database_2            
2 4 'Structure model' pdbx_struct_assembly  
3 4 'Structure model' pdbx_struct_oper_list 
4 5 'Structure model' chem_comp_atom        
5 5 'Structure model' chem_comp_bond        
# 
loop_
_pdbx_audit_revision_item.ordinal 
_pdbx_audit_revision_item.revision_ordinal 
_pdbx_audit_revision_item.data_content_type 
_pdbx_audit_revision_item.item 
1 4 'Structure model' '_database_2.pdbx_DOI'                
2 4 'Structure model' '_database_2.pdbx_database_accession' 
# 
_pdbx_database_status.status_code                     REL 
_pdbx_database_status.entry_id                        1D9A 
_pdbx_database_status.recvd_initial_deposition_date   1999-10-26 
_pdbx_database_status.deposit_site                    RCSB 
_pdbx_database_status.process_site                    RCSB 
_pdbx_database_status.status_code_mr                  REL 
_pdbx_database_status.SG_entry                        Y 
_pdbx_database_status.pdb_format_compatible           Y 
_pdbx_database_status.status_code_sf                  ? 
_pdbx_database_status.status_code_cs                  ? 
_pdbx_database_status.status_code_nmr_data            ? 
_pdbx_database_status.methods_development_category    ? 
# 
loop_
_pdbx_database_related.db_name 
_pdbx_database_related.db_id 
_pdbx_database_related.details 
_pdbx_database_related.content_type 
PDB      1D8Z           'FIRST RNA-BINDING DOMAIN (RBD1) OF HUC' unspecified 
TargetDB trt001000186.1 .                                        unspecified 
# 
loop_
_audit_author.name 
_audit_author.pdbx_ordinal 
'Inoue, M.'                                              1 
'Muto, Y.'                                               2 
'Sakamoto, H.'                                           3 
'Yokoyama, S.'                                           4 
'RIKEN Structural Genomics/Proteomics Initiative (RSGI)' 5 
# 
_citation.id                        primary 
_citation.title                     'NMR studies on functional structures of the AU-rich element-binding domains of Hu antigen C.' 
_citation.journal_abbrev            'Nucleic Acids Res.' 
_citation.journal_volume            28 
_citation.page_first                1743 
_citation.page_last                 1750 
_citation.year                      2000 
_citation.journal_id_ASTM           NARHAD 
_citation.country                   UK 
_citation.journal_id_ISSN           0305-1048 
_citation.journal_id_CSD            0389 
_citation.book_publisher            ? 
_citation.pdbx_database_id_PubMed   10734193 
_citation.pdbx_database_id_DOI      10.1093/nar/28.8.1743 
# 
loop_
_citation_author.citation_id 
_citation_author.name 
_citation_author.ordinal 
_citation_author.identifier_ORCID 
primary 'Inoue, M.'    1 ? 
primary 'Muto, Y.'     2 ? 
primary 'Sakamoto, H.' 3 ? 
primary 'Yokoyama, S.' 4 ? 
# 
_entity.id                         1 
_entity.type                       polymer 
_entity.src_method                 man 
_entity.pdbx_description           'HU ANTIGEN C' 
_entity.formula_weight             9351.658 
_entity.pdbx_number_of_molecules   1 
_entity.pdbx_ec                    ? 
_entity.pdbx_mutation              ? 
_entity.pdbx_fragment              'SECOND RNA-BINDING DOMAIN (RBD2)' 
_entity.details                    ? 
# 
_entity_poly.entity_id                      1 
_entity_poly.type                           'polypeptide(L)' 
_entity_poly.nstd_linkage                   no 
_entity_poly.nstd_monomer                   no 
_entity_poly.pdbx_seq_one_letter_code       
;DANLYVSGLPKTMSQKEMEQLFSQYGRIITSRILLDQATGVSRGVGFIRFDKRIEAEEAIKGLNGQKPLGAAEPITVKFA
NNPSQ
;
_entity_poly.pdbx_seq_one_letter_code_can   
;DANLYVSGLPKTMSQKEMEQLFSQYGRIITSRILLDQATGVSRGVGFIRFDKRIEAEEAIKGLNGQKPLGAAEPITVKFA
NNPSQ
;
_entity_poly.pdbx_strand_id                 A 
_entity_poly.pdbx_target_identifier         trt001000186.1 
# 
loop_
_entity_poly_seq.entity_id 
_entity_poly_seq.num 
_entity_poly_seq.mon_id 
_entity_poly_seq.hetero 
1 1  ASP n 
1 2  ALA n 
1 3  ASN n 
1 4  LEU n 
1 5  TYR n 
1 6  VAL n 
1 7  SER n 
1 8  GLY n 
1 9  LEU n 
1 10 PRO n 
1 11 LYS n 
1 12 THR n 
1 13 MET n 
1 14 SER n 
1 15 GLN n 
1 16 LYS n 
1 17 GLU n 
1 18 MET n 
1 19 GLU n 
1 20 GLN n 
1 21 LEU n 
1 22 PHE n 
1 23 SER n 
1 24 GLN n 
1 25 TYR n 
1 26 GLY n 
1 27 ARG n 
1 28 ILE n 
1 29 ILE n 
1 30 THR n 
1 31 SER n 
1 32 ARG n 
1 33 ILE n 
1 34 LEU n 
1 35 LEU n 
1 36 ASP n 
1 37 GLN n 
1 38 ALA n 
1 39 THR n 
1 40 GLY n 
1 41 VAL n 
1 42 SER n 
1 43 ARG n 
1 44 GLY n 
1 45 VAL n 
1 46 GLY n 
1 47 PHE n 
1 48 ILE n 
1 49 ARG n 
1 50 PHE n 
1 51 ASP n 
1 52 LYS n 
1 53 ARG n 
1 54 ILE n 
1 55 GLU n 
1 56 ALA n 
1 57 GLU n 
1 58 GLU n 
1 59 ALA n 
1 60 ILE n 
1 61 LYS n 
1 62 GLY n 
1 63 LEU n 
1 64 ASN n 
1 65 GLY n 
1 66 GLN n 
1 67 LYS n 
1 68 PRO n 
1 69 LEU n 
1 70 GLY n 
1 71 ALA n 
1 72 ALA n 
1 73 GLU n 
1 74 PRO n 
1 75 ILE n 
1 76 THR n 
1 77 VAL n 
1 78 LYS n 
1 79 PHE n 
1 80 ALA n 
1 81 ASN n 
1 82 ASN n 
1 83 PRO n 
1 84 SER n 
1 85 GLN n 
# 
_entity_src_gen.entity_id                          1 
_entity_src_gen.pdbx_src_id                        1 
_entity_src_gen.pdbx_alt_source_flag               sample 
_entity_src_gen.pdbx_seq_type                      ? 
_entity_src_gen.pdbx_beg_seq_num                   ? 
_entity_src_gen.pdbx_end_seq_num                   ? 
_entity_src_gen.gene_src_common_name               'house mouse' 
_entity_src_gen.gene_src_genus                     Mus 
_entity_src_gen.pdbx_gene_src_gene                 ? 
_entity_src_gen.gene_src_species                   ? 
_entity_src_gen.gene_src_strain                    ? 
_entity_src_gen.gene_src_tissue                    ? 
_entity_src_gen.gene_src_tissue_fraction           ? 
_entity_src_gen.gene_src_details                   ? 
_entity_src_gen.pdbx_gene_src_fragment             ? 
_entity_src_gen.pdbx_gene_src_scientific_name      'Mus musculus' 
_entity_src_gen.pdbx_gene_src_ncbi_taxonomy_id     10090 
_entity_src_gen.pdbx_gene_src_variant              ? 
_entity_src_gen.pdbx_gene_src_cell_line            ? 
_entity_src_gen.pdbx_gene_src_atcc                 ? 
_entity_src_gen.pdbx_gene_src_organ                ? 
_entity_src_gen.pdbx_gene_src_organelle            ? 
_entity_src_gen.pdbx_gene_src_cell                 ? 
_entity_src_gen.pdbx_gene_src_cellular_location    ? 
_entity_src_gen.host_org_common_name               ? 
_entity_src_gen.pdbx_host_org_scientific_name      'Escherichia coli BL21(DE3)' 
_entity_src_gen.pdbx_host_org_ncbi_taxonomy_id     469008 
_entity_src_gen.host_org_genus                     Escherichia 
_entity_src_gen.pdbx_host_org_gene                 ? 
_entity_src_gen.pdbx_host_org_organ                ? 
_entity_src_gen.host_org_species                   'Escherichia coli' 
_entity_src_gen.pdbx_host_org_tissue               ? 
_entity_src_gen.pdbx_host_org_tissue_fraction      ? 
_entity_src_gen.pdbx_host_org_strain               'BL21(DE3)' 
_entity_src_gen.pdbx_host_org_variant              ? 
_entity_src_gen.pdbx_host_org_cell_line            ? 
_entity_src_gen.pdbx_host_org_atcc                 ? 
_entity_src_gen.pdbx_host_org_culture_collection   ? 
_entity_src_gen.pdbx_host_org_cell                 ? 
_entity_src_gen.pdbx_host_org_organelle            ? 
_entity_src_gen.pdbx_host_org_cellular_location    ? 
_entity_src_gen.pdbx_host_org_vector_type          ? 
_entity_src_gen.pdbx_host_org_vector               ? 
_entity_src_gen.host_org_details                   ? 
_entity_src_gen.expression_system_id               ? 
_entity_src_gen.plasmid_name                       PK7 
_entity_src_gen.plasmid_details                    ? 
_entity_src_gen.pdbx_description                   ? 
# 
loop_
_chem_comp.id 
_chem_comp.type 
_chem_comp.mon_nstd_flag 
_chem_comp.name 
_chem_comp.pdbx_synonyms 
_chem_comp.formula 
_chem_comp.formula_weight 
ALA 'L-peptide linking' y ALANINE         ? 'C3 H7 N O2'     89.093  
ARG 'L-peptide linking' y ARGININE        ? 'C6 H15 N4 O2 1' 175.209 
ASN 'L-peptide linking' y ASPARAGINE      ? 'C4 H8 N2 O3'    132.118 
ASP 'L-peptide linking' y 'ASPARTIC ACID' ? 'C4 H7 N O4'     133.103 
GLN 'L-peptide linking' y GLUTAMINE       ? 'C5 H10 N2 O3'   146.144 
GLU 'L-peptide linking' y 'GLUTAMIC ACID' ? 'C5 H9 N O4'     147.129 
GLY 'peptide linking'   y GLYCINE         ? 'C2 H5 N O2'     75.067  
ILE 'L-peptide linking' y ISOLEUCINE      ? 'C6 H13 N O2'    131.173 
LEU 'L-peptide linking' y LEUCINE         ? 'C6 H13 N O2'    131.173 
LYS 'L-peptide linking' y LYSINE          ? 'C6 H15 N2 O2 1' 147.195 
MET 'L-peptide linking' y METHIONINE      ? 'C5 H11 N O2 S'  149.211 
PHE 'L-peptide linking' y PHENYLALANINE   ? 'C9 H11 N O2'    165.189 
PRO 'L-peptide linking' y PROLINE         ? 'C5 H9 N O2'     115.130 
SER 'L-peptide linking' y SERINE          ? 'C3 H7 N O3'     105.093 
THR 'L-peptide linking' y THREONINE       ? 'C4 H9 N O3'     119.119 
TYR 'L-peptide linking' y TYROSINE        ? 'C9 H11 N O3'    181.189 
VAL 'L-peptide linking' y VALINE          ? 'C5 H11 N O2'    117.146 
# 
loop_
_pdbx_poly_seq_scheme.asym_id 
_pdbx_poly_seq_scheme.entity_id 
_pdbx_poly_seq_scheme.seq_id 
_pdbx_poly_seq_scheme.mon_id 
_pdbx_poly_seq_scheme.ndb_seq_num 
_pdbx_poly_seq_scheme.pdb_seq_num 
_pdbx_poly_seq_scheme.auth_seq_num 
_pdbx_poly_seq_scheme.pdb_mon_id 
_pdbx_poly_seq_scheme.auth_mon_id 
_pdbx_poly_seq_scheme.pdb_strand_id 
_pdbx_poly_seq_scheme.pdb_ins_code 
_pdbx_poly_seq_scheme.hetero 
A 1 1  ASP 1  1  1  ASP ASP A . n 
A 1 2  ALA 2  2  2  ALA ALA A . n 
A 1 3  ASN 3  3  3  ASN ASN A . n 
A 1 4  LEU 4  4  4  LEU LEU A . n 
A 1 5  TYR 5  5  5  TYR TYR A . n 
A 1 6  VAL 6  6  6  VAL VAL A . n 
A 1 7  SER 7  7  7  SER SER A . n 
A 1 8  GLY 8  8  8  GLY GLY A . n 
A 1 9  LEU 9  9  9  LEU LEU A . n 
A 1 10 PRO 10 10 10 PRO PRO A . n 
A 1 11 LYS 11 11 11 LYS LYS A . n 
A 1 12 THR 12 12 12 THR THR A . n 
A 1 13 MET 13 13 13 MET MET A . n 
A 1 14 SER 14 14 14 SER SER A . n 
A 1 15 GLN 15 15 15 GLN GLN A . n 
A 1 16 LYS 16 16 16 LYS LYS A . n 
A 1 17 GLU 17 17 17 GLU GLU A . n 
A 1 18 MET 18 18 18 MET MET A . n 
A 1 19 GLU 19 19 19 GLU GLU A . n 
A 1 20 GLN 20 20 20 GLN GLN A . n 
A 1 21 LEU 21 21 21 LEU LEU A . n 
A 1 22 PHE 22 22 22 PHE PHE A . n 
A 1 23 SER 23 23 23 SER SER A . n 
A 1 24 GLN 24 24 24 GLN GLN A . n 
A 1 25 TYR 25 25 25 TYR TYR A . n 
A 1 26 GLY 26 26 26 GLY GLY A . n 
A 1 27 ARG 27 27 27 ARG ARG A . n 
A 1 28 ILE 28 28 28 ILE ILE A . n 
A 1 29 ILE 29 29 29 ILE ILE A . n 
A 1 30 THR 30 30 30 THR THR A . n 
A 1 31 SER 31 31 31 SER SER A . n 
A 1 32 ARG 32 32 32 ARG ARG A . n 
A 1 33 ILE 33 33 33 ILE ILE A . n 
A 1 34 LEU 34 34 34 LEU LEU A . n 
A 1 35 LEU 35 35 35 LEU LEU A . n 
A 1 36 ASP 36 36 36 ASP ASP A . n 
A 1 37 GLN 37 37 37 GLN GLN A . n 
A 1 38 ALA 38 38 38 ALA ALA A . n 
A 1 39 THR 39 39 39 THR THR A . n 
A 1 40 GLY 40 40 40 GLY GLY A . n 
A 1 41 VAL 41 41 41 VAL VAL A . n 
A 1 42 SER 42 42 42 SER SER A . n 
A 1 43 ARG 43 43 43 ARG ARG A . n 
A 1 44 GLY 44 44 44 GLY GLY A . n 
A 1 45 VAL 45 45 45 VAL VAL A . n 
A 1 46 GLY 46 46 46 GLY GLY A . n 
A 1 47 PHE 47 47 47 PHE PHE A . n 
A 1 48 ILE 48 48 48 ILE ILE A . n 
A 1 49 ARG 49 49 49 ARG ARG A . n 
A 1 50 PHE 50 50 50 PHE PHE A . n 
A 1 51 ASP 51 51 51 ASP ASP A . n 
A 1 52 LYS 52 52 52 LYS LYS A . n 
A 1 53 ARG 53 53 53 ARG ARG A . n 
A 1 54 ILE 54 54 54 ILE ILE A . n 
A 1 55 GLU 55 55 55 GLU GLU A . n 
A 1 56 ALA 56 56 56 ALA ALA A . n 
A 1 57 GLU 57 57 57 GLU GLU A . n 
A 1 58 GLU 58 58 58 GLU GLU A . n 
A 1 59 ALA 59 59 59 ALA ALA A . n 
A 1 60 ILE 60 60 60 ILE ILE A . n 
A 1 61 LYS 61 61 61 LYS LYS A . n 
A 1 62 GLY 62 62 62 GLY GLY A . n 
A 1 63 LEU 63 63 63 LEU LEU A . n 
A 1 64 ASN 64 64 64 ASN ASN A . n 
A 1 65 GLY 65 65 65 GLY GLY A . n 
A 1 66 GLN 66 66 66 GLN GLN A . n 
A 1 67 LYS 67 67 67 LYS LYS A . n 
A 1 68 PRO 68 68 68 PRO PRO A . n 
A 1 69 LEU 69 69 69 LEU LEU A . n 
A 1 70 GLY 70 70 70 GLY GLY A . n 
A 1 71 ALA 71 71 71 ALA ALA A . n 
A 1 72 ALA 72 72 72 ALA ALA A . n 
A 1 73 GLU 73 73 73 GLU GLU A . n 
A 1 74 PRO 74 74 74 PRO PRO A . n 
A 1 75 ILE 75 75 75 ILE ILE A . n 
A 1 76 THR 76 76 76 THR THR A . n 
A 1 77 VAL 77 77 77 VAL VAL A . n 
A 1 78 LYS 78 78 78 LYS LYS A . n 
A 1 79 PHE 79 79 79 PHE PHE A . n 
A 1 80 ALA 80 80 80 ALA ALA A . n 
A 1 81 ASN 81 81 81 ASN ASN A . n 
A 1 82 ASN 82 82 82 ASN ASN A . n 
A 1 83 PRO 83 83 83 PRO PRO A . n 
A 1 84 SER 84 84 84 SER SER A . n 
A 1 85 GLN 85 85 85 GLN GLN A . n 
# 
_cell.entry_id           1D9A 
_cell.length_a           1.000 
_cell.length_b           1.000 
_cell.length_c           1.000 
_cell.angle_alpha        90.00 
_cell.angle_beta         90.00 
_cell.angle_gamma        90.00 
_cell.Z_PDB              1 
_cell.pdbx_unique_axis   ? 
# 
_symmetry.entry_id                         1D9A 
_symmetry.space_group_name_H-M             'P 1' 
_symmetry.pdbx_full_space_group_name_H-M   ? 
_symmetry.cell_setting                     ? 
_symmetry.Int_Tables_number                1 
# 
_exptl.entry_id          1D9A 
_exptl.method            'SOLUTION NMR' 
_exptl.crystals_number   ? 
# 
_struct.entry_id                  1D9A 
_struct.title                     'SOLUTION STRUCTURE OF THE SECOND RNA-BINDING DOMAIN (RBD2) OF HU ANTIGEN C (HUC)' 
_struct.pdbx_model_details        ? 
_struct.pdbx_CASP_flag            ? 
_struct.pdbx_model_type_details   ? 
# 
_struct_keywords.entry_id        1D9A 
_struct_keywords.pdbx_keywords   'RNA BINDING PROTEIN' 
_struct_keywords.text            
'RNA-BINDING DOMAIN, RIKEN Structural Genomics/Proteomics Initiative, RSGI, Structural Genomics, RNA BINDING PROTEIN' 
# 
_struct_asym.id                            A 
_struct_asym.pdbx_blank_PDB_chainid_flag   N 
_struct_asym.pdbx_modified                 N 
_struct_asym.entity_id                     1 
_struct_asym.details                       ? 
# 
_struct_ref.id                         1 
_struct_ref.db_name                    UNP 
_struct_ref.db_code                    ELAV3_MOUSE 
_struct_ref.entity_id                  1 
_struct_ref.pdbx_db_accession          Q60900 
_struct_ref.pdbx_align_begin           ? 
_struct_ref.pdbx_seq_one_letter_code   ? 
_struct_ref.pdbx_db_isoform            ? 
# 
_struct_ref_seq.align_id                      1 
_struct_ref_seq.ref_id                        1 
_struct_ref_seq.pdbx_PDB_id_code              1D9A 
_struct_ref_seq.pdbx_strand_id                A 
_struct_ref_seq.seq_align_beg                 1 
_struct_ref_seq.pdbx_seq_align_beg_ins_code   ? 
_struct_ref_seq.seq_align_end                 85 
_struct_ref_seq.pdbx_seq_align_end_ins_code   ? 
_struct_ref_seq.pdbx_db_accession             Q60900 
_struct_ref_seq.db_align_beg                  124 
_struct_ref_seq.pdbx_db_align_beg_ins_code    ? 
_struct_ref_seq.db_align_end                  208 
_struct_ref_seq.pdbx_db_align_end_ins_code    ? 
_struct_ref_seq.pdbx_auth_seq_align_beg       1 
_struct_ref_seq.pdbx_auth_seq_align_end       85 
# 
_pdbx_struct_assembly.id                   1 
_pdbx_struct_assembly.details              author_defined_assembly 
_pdbx_struct_assembly.method_details       ? 
_pdbx_struct_assembly.oligomeric_details   monomeric 
_pdbx_struct_assembly.oligomeric_count     1 
# 
_pdbx_struct_assembly_gen.assembly_id       1 
_pdbx_struct_assembly_gen.oper_expression   1 
_pdbx_struct_assembly_gen.asym_id_list      A 
# 
_pdbx_struct_oper_list.id                   1 
_pdbx_struct_oper_list.type                 'identity operation' 
_pdbx_struct_oper_list.name                 1_555 
_pdbx_struct_oper_list.symmetry_operation   x,y,z 
_pdbx_struct_oper_list.matrix[1][1]         1.0000000000 
_pdbx_struct_oper_list.matrix[1][2]         0.0000000000 
_pdbx_struct_oper_list.matrix[1][3]         0.0000000000 
_pdbx_struct_oper_list.vector[1]            0.0000000000 
_pdbx_struct_oper_list.matrix[2][1]         0.0000000000 
_pdbx_struct_oper_list.matrix[2][2]         1.0000000000 
_pdbx_struct_oper_list.matrix[2][3]         0.0000000000 
_pdbx_struct_oper_list.vector[2]            0.0000000000 
_pdbx_struct_oper_list.matrix[3][1]         0.0000000000 
_pdbx_struct_oper_list.matrix[3][2]         0.0000000000 
_pdbx_struct_oper_list.matrix[3][3]         1.0000000000 
_pdbx_struct_oper_list.vector[3]            0.0000000000 
# 
_struct_biol.id   1 
# 
loop_
_struct_conf.conf_type_id 
_struct_conf.id 
_struct_conf.pdbx_PDB_helix_id 
_struct_conf.beg_label_comp_id 
_struct_conf.beg_label_asym_id 
_struct_conf.beg_label_seq_id 
_struct_conf.pdbx_beg_PDB_ins_code 
_struct_conf.end_label_comp_id 
_struct_conf.end_label_asym_id 
_struct_conf.end_label_seq_id 
_struct_conf.pdbx_end_PDB_ins_code 
_struct_conf.beg_auth_comp_id 
_struct_conf.beg_auth_asym_id 
_struct_conf.beg_auth_seq_id 
_struct_conf.end_auth_comp_id 
_struct_conf.end_auth_asym_id 
_struct_conf.end_auth_seq_id 
_struct_conf.pdbx_PDB_helix_class 
_struct_conf.details 
_struct_conf.pdbx_PDB_helix_length 
HELX_P HELX_P1 1 SER A 14 ? GLN A 24 ? SER A 14 GLN A 24 1 ? 11 
HELX_P HELX_P2 2 LYS A 52 ? ASN A 64 ? LYS A 52 ASN A 64 1 ? 13 
# 
_struct_conf_type.id          HELX_P 
_struct_conf_type.criteria    ? 
_struct_conf_type.reference   ? 
# 
_struct_sheet.id               A 
_struct_sheet.type             ? 
_struct_sheet.number_strands   4 
_struct_sheet.details          ? 
# 
loop_
_struct_sheet_order.sheet_id 
_struct_sheet_order.range_id_1 
_struct_sheet_order.range_id_2 
_struct_sheet_order.offset 
_struct_sheet_order.sense 
A 1 2 ? anti-parallel 
A 2 3 ? anti-parallel 
A 3 4 ? anti-parallel 
# 
loop_
_struct_sheet_range.sheet_id 
_struct_sheet_range.id 
_struct_sheet_range.beg_label_comp_id 
_struct_sheet_range.beg_label_asym_id 
_struct_sheet_range.beg_label_seq_id 
_struct_sheet_range.pdbx_beg_PDB_ins_code 
_struct_sheet_range.end_label_comp_id 
_struct_sheet_range.end_label_asym_id 
_struct_sheet_range.end_label_seq_id 
_struct_sheet_range.pdbx_end_PDB_ins_code 
_struct_sheet_range.beg_auth_comp_id 
_struct_sheet_range.beg_auth_asym_id 
_struct_sheet_range.beg_auth_seq_id 
_struct_sheet_range.end_auth_comp_id 
_struct_sheet_range.end_auth_asym_id 
_struct_sheet_range.end_auth_seq_id 
A 1 ILE A 28 ? LEU A 34 ? ILE A 28 LEU A 34 
A 2 VAL A 45 ? PHE A 50 ? VAL A 45 PHE A 50 
A 3 TYR A 5  ? SER A 7  ? TYR A 5  SER A 7  
A 4 THR A 76 ? LYS A 78 ? THR A 76 LYS A 78 
# 
loop_
_pdbx_struct_sheet_hbond.sheet_id 
_pdbx_struct_sheet_hbond.range_id_1 
_pdbx_struct_sheet_hbond.range_id_2 
_pdbx_struct_sheet_hbond.range_1_label_atom_id 
_pdbx_struct_sheet_hbond.range_1_label_comp_id 
_pdbx_struct_sheet_hbond.range_1_label_asym_id 
_pdbx_struct_sheet_hbond.range_1_label_seq_id 
_pdbx_struct_sheet_hbond.range_1_PDB_ins_code 
_pdbx_struct_sheet_hbond.range_1_auth_atom_id 
_pdbx_struct_sheet_hbond.range_1_auth_comp_id 
_pdbx_struct_sheet_hbond.range_1_auth_asym_id 
_pdbx_struct_sheet_hbond.range_1_auth_seq_id 
_pdbx_struct_sheet_hbond.range_2_label_atom_id 
_pdbx_struct_sheet_hbond.range_2_label_comp_id 
_pdbx_struct_sheet_hbond.range_2_label_asym_id 
_pdbx_struct_sheet_hbond.range_2_label_seq_id 
_pdbx_struct_sheet_hbond.range_2_PDB_ins_code 
_pdbx_struct_sheet_hbond.range_2_auth_atom_id 
_pdbx_struct_sheet_hbond.range_2_auth_comp_id 
_pdbx_struct_sheet_hbond.range_2_auth_asym_id 
_pdbx_struct_sheet_hbond.range_2_auth_seq_id 
A 1 2 O LEU A 34 ? O LEU A 34 N VAL A 45 ? N VAL A 45 
A 2 3 O GLY A 46 ? O GLY A 46 N VAL A 6  ? N VAL A 6  
A 3 4 N SER A 7  ? N SER A 7  O THR A 76 ? O THR A 76 
# 
loop_
_pdbx_validate_torsion.id 
_pdbx_validate_torsion.PDB_model_num 
_pdbx_validate_torsion.auth_comp_id 
_pdbx_validate_torsion.auth_asym_id 
_pdbx_validate_torsion.auth_seq_id 
_pdbx_validate_torsion.PDB_ins_code 
_pdbx_validate_torsion.label_alt_id 
_pdbx_validate_torsion.phi 
_pdbx_validate_torsion.psi 
1  1 ALA A 2  ? ? -116.40 63.03  
2  1 ARG A 27 ? ? -43.00  105.54 
3  1 ILE A 29 ? ? -88.43  -73.55 
4  1 ARG A 32 ? ? 175.55  152.58 
5  1 LEU A 35 ? ? -162.73 102.49 
6  1 GLN A 37 ? ? -150.08 62.36  
7  1 ALA A 38 ? ? -176.52 -42.70 
8  1 LEU A 63 ? ? -133.61 -46.76 
9  1 ASN A 64 ? ? -39.28  136.07 
10 1 LYS A 67 ? ? -160.81 102.35 
11 1 ALA A 71 ? ? -43.01  105.84 
12 1 ALA A 72 ? ? 171.82  -26.54 
13 1 THR A 76 ? ? -159.72 82.91  
14 1 ASN A 82 ? ? 59.72   118.97 
# 
loop_
_pdbx_validate_planes.id 
_pdbx_validate_planes.PDB_model_num 
_pdbx_validate_planes.auth_comp_id 
_pdbx_validate_planes.auth_asym_id 
_pdbx_validate_planes.auth_seq_id 
_pdbx_validate_planes.PDB_ins_code 
_pdbx_validate_planes.label_alt_id 
_pdbx_validate_planes.rmsd 
_pdbx_validate_planes.type 
1 1 ARG A 27 ? ? 0.307 'SIDE CHAIN' 
2 1 ARG A 32 ? ? 0.290 'SIDE CHAIN' 
3 1 ARG A 43 ? ? 0.208 'SIDE CHAIN' 
4 1 ARG A 49 ? ? 0.253 'SIDE CHAIN' 
5 1 ARG A 53 ? ? 0.257 'SIDE CHAIN' 
# 
_pdbx_SG_project.id                    1 
_pdbx_SG_project.project_name          ? 
_pdbx_SG_project.full_name_of_center   'RIKEN Structural Genomics/Proteomics Initiative' 
_pdbx_SG_project.initial_of_center     RSGI 
# 
_pdbx_nmr_ensemble.entry_id                             1D9A 
_pdbx_nmr_ensemble.conformers_calculated_total_number   ? 
_pdbx_nmr_ensemble.conformers_submitted_total_number    1 
_pdbx_nmr_ensemble.conformer_selection_criteria         ? 
# 
loop_
_pdbx_nmr_sample_details.solution_id 
_pdbx_nmr_sample_details.contents 
_pdbx_nmr_sample_details.solvent_system 
1 '2MM PROTEIN; 20 MM POTASSIUM OXALATE BUFFER; 90% H2O; 10% D2O'       ? 
2 '2MM PROTEIN U-15N; 20 MM POTASSIUM OXALATE BUFFER; 90% H2O; 10% D2O' ? 
# 
_pdbx_nmr_exptl_sample_conditions.conditions_id       1 
_pdbx_nmr_exptl_sample_conditions.temperature         298 
_pdbx_nmr_exptl_sample_conditions.pressure            AMBIENT 
_pdbx_nmr_exptl_sample_conditions.pH                  3.6 
_pdbx_nmr_exptl_sample_conditions.ionic_strength      '20 mM' 
_pdbx_nmr_exptl_sample_conditions.pressure_units      ? 
_pdbx_nmr_exptl_sample_conditions.temperature_units   K 
# 
loop_
_pdbx_nmr_exptl.experiment_id 
_pdbx_nmr_exptl.conditions_id 
_pdbx_nmr_exptl.type 
_pdbx_nmr_exptl.solution_id 
1 1 '2D NOESY'             1 
2 1 3D_15N-SEPARATED_NOESY 2 
# 
_pdbx_nmr_details.entry_id   1D9A 
_pdbx_nmr_details.text       
;THIS STRUCTURE WAS DETERMINED USING STANDARD 2D HOMONUCLEAR AND 15N-SEPARATED 
HETERONUCLEAR TECHNIQUES.
;
# 
_pdbx_nmr_refine.entry_id           1D9A 
_pdbx_nmr_refine.method             'DISTANCE GEOMETRY AND SIMULATED ANNEALING' 
_pdbx_nmr_refine.details            ? 
_pdbx_nmr_refine.software_ordinal   1 
# 
loop_
_pdbx_nmr_software.classification 
_pdbx_nmr_software.name 
_pdbx_nmr_software.version 
_pdbx_nmr_software.authors 
_pdbx_nmr_software.ordinal 
'structure solution' X-PLOR 3.1 BRUNGER 1 
refinement           X-PLOR 3.1 BRUNGER 2 
# 
loop_
_chem_comp_atom.comp_id 
_chem_comp_atom.atom_id 
_chem_comp_atom.type_symbol 
_chem_comp_atom.pdbx_aromatic_flag 
_chem_comp_atom.pdbx_stereo_config 
_chem_comp_atom.pdbx_ordinal 
ALA N    N N N 1   
ALA CA   C N S 2   
ALA C    C N N 3   
ALA O    O N N 4   
ALA CB   C N N 5   
ALA OXT  O N N 6   
ALA H    H N N 7   
ALA H2   H N N 8   
ALA HA   H N N 9   
ALA HB1  H N N 10  
ALA HB2  H N N 11  
ALA HB3  H N N 12  
ALA HXT  H N N 13  
ARG N    N N N 14  
ARG CA   C N S 15  
ARG C    C N N 16  
ARG O    O N N 17  
ARG CB   C N N 18  
ARG CG   C N N 19  
ARG CD   C N N 20  
ARG NE   N N N 21  
ARG CZ   C N N 22  
ARG NH1  N N N 23  
ARG NH2  N N N 24  
ARG OXT  O N N 25  
ARG H    H N N 26  
ARG H2   H N N 27  
ARG HA   H N N 28  
ARG HB2  H N N 29  
ARG HB3  H N N 30  
ARG HG2  H N N 31  
ARG HG3  H N N 32  
ARG HD2  H N N 33  
ARG HD3  H N N 34  
ARG HE   H N N 35  
ARG HH11 H N N 36  
ARG HH12 H N N 37  
ARG HH21 H N N 38  
ARG HH22 H N N 39  
ARG HXT  H N N 40  
ASN N    N N N 41  
ASN CA   C N S 42  
ASN C    C N N 43  
ASN O    O N N 44  
ASN CB   C N N 45  
ASN CG   C N N 46  
ASN OD1  O N N 47  
ASN ND2  N N N 48  
ASN OXT  O N N 49  
ASN H    H N N 50  
ASN H2   H N N 51  
ASN HA   H N N 52  
ASN HB2  H N N 53  
ASN HB3  H N N 54  
ASN HD21 H N N 55  
ASN HD22 H N N 56  
ASN HXT  H N N 57  
ASP N    N N N 58  
ASP CA   C N S 59  
ASP C    C N N 60  
ASP O    O N N 61  
ASP CB   C N N 62  
ASP CG   C N N 63  
ASP OD1  O N N 64  
ASP OD2  O N N 65  
ASP OXT  O N N 66  
ASP H    H N N 67  
ASP H2   H N N 68  
ASP HA   H N N 69  
ASP HB2  H N N 70  
ASP HB3  H N N 71  
ASP HD2  H N N 72  
ASP HXT  H N N 73  
GLN N    N N N 74  
GLN CA   C N S 75  
GLN C    C N N 76  
GLN O    O N N 77  
GLN CB   C N N 78  
GLN CG   C N N 79  
GLN CD   C N N 80  
GLN OE1  O N N 81  
GLN NE2  N N N 82  
GLN OXT  O N N 83  
GLN H    H N N 84  
GLN H2   H N N 85  
GLN HA   H N N 86  
GLN HB2  H N N 87  
GLN HB3  H N N 88  
GLN HG2  H N N 89  
GLN HG3  H N N 90  
GLN HE21 H N N 91  
GLN HE22 H N N 92  
GLN HXT  H N N 93  
GLU N    N N N 94  
GLU CA   C N S 95  
GLU C    C N N 96  
GLU O    O N N 97  
GLU CB   C N N 98  
GLU CG   C N N 99  
GLU CD   C N N 100 
GLU OE1  O N N 101 
GLU OE2  O N N 102 
GLU OXT  O N N 103 
GLU H    H N N 104 
GLU H2   H N N 105 
GLU HA   H N N 106 
GLU HB2  H N N 107 
GLU HB3  H N N 108 
GLU HG2  H N N 109 
GLU HG3  H N N 110 
GLU HE2  H N N 111 
GLU HXT  H N N 112 
GLY N    N N N 113 
GLY CA   C N N 114 
GLY C    C N N 115 
GLY O    O N N 116 
GLY OXT  O N N 117 
GLY H    H N N 118 
GLY H2   H N N 119 
GLY HA2  H N N 120 
GLY HA3  H N N 121 
GLY HXT  H N N 122 
ILE N    N N N 123 
ILE CA   C N S 124 
ILE C    C N N 125 
ILE O    O N N 126 
ILE CB   C N S 127 
ILE CG1  C N N 128 
ILE CG2  C N N 129 
ILE CD1  C N N 130 
ILE OXT  O N N 131 
ILE H    H N N 132 
ILE H2   H N N 133 
ILE HA   H N N 134 
ILE HB   H N N 135 
ILE HG12 H N N 136 
ILE HG13 H N N 137 
ILE HG21 H N N 138 
ILE HG22 H N N 139 
ILE HG23 H N N 140 
ILE HD11 H N N 141 
ILE HD12 H N N 142 
ILE HD13 H N N 143 
ILE HXT  H N N 144 
LEU N    N N N 145 
LEU CA   C N S 146 
LEU C    C N N 147 
LEU O    O N N 148 
LEU CB   C N N 149 
LEU CG   C N N 150 
LEU CD1  C N N 151 
LEU CD2  C N N 152 
LEU OXT  O N N 153 
LEU H    H N N 154 
LEU H2   H N N 155 
LEU HA   H N N 156 
LEU HB2  H N N 157 
LEU HB3  H N N 158 
LEU HG   H N N 159 
LEU HD11 H N N 160 
LEU HD12 H N N 161 
LEU HD13 H N N 162 
LEU HD21 H N N 163 
LEU HD22 H N N 164 
LEU HD23 H N N 165 
LEU HXT  H N N 166 
LYS N    N N N 167 
LYS CA   C N S 168 
LYS C    C N N 169 
LYS O    O N N 170 
LYS CB   C N N 171 
LYS CG   C N N 172 
LYS CD   C N N 173 
LYS CE   C N N 174 
LYS NZ   N N N 175 
LYS OXT  O N N 176 
LYS H    H N N 177 
LYS H2   H N N 178 
LYS HA   H N N 179 
LYS HB2  H N N 180 
LYS HB3  H N N 181 
LYS HG2  H N N 182 
LYS HG3  H N N 183 
LYS HD2  H N N 184 
LYS HD3  H N N 185 
LYS HE2  H N N 186 
LYS HE3  H N N 187 
LYS HZ1  H N N 188 
LYS HZ2  H N N 189 
LYS HZ3  H N N 190 
LYS HXT  H N N 191 
MET N    N N N 192 
MET CA   C N S 193 
MET C    C N N 194 
MET O    O N N 195 
MET CB   C N N 196 
MET CG   C N N 197 
MET SD   S N N 198 
MET CE   C N N 199 
MET OXT  O N N 200 
MET H    H N N 201 
MET H2   H N N 202 
MET HA   H N N 203 
MET HB2  H N N 204 
MET HB3  H N N 205 
MET HG2  H N N 206 
MET HG3  H N N 207 
MET HE1  H N N 208 
MET HE2  H N N 209 
MET HE3  H N N 210 
MET HXT  H N N 211 
PHE N    N N N 212 
PHE CA   C N S 213 
PHE C    C N N 214 
PHE O    O N N 215 
PHE CB   C N N 216 
PHE CG   C Y N 217 
PHE CD1  C Y N 218 
PHE CD2  C Y N 219 
PHE CE1  C Y N 220 
PHE CE2  C Y N 221 
PHE CZ   C Y N 222 
PHE OXT  O N N 223 
PHE H    H N N 224 
PHE H2   H N N 225 
PHE HA   H N N 226 
PHE HB2  H N N 227 
PHE HB3  H N N 228 
PHE HD1  H N N 229 
PHE HD2  H N N 230 
PHE HE1  H N N 231 
PHE HE2  H N N 232 
PHE HZ   H N N 233 
PHE HXT  H N N 234 
PRO N    N N N 235 
PRO CA   C N S 236 
PRO C    C N N 237 
PRO O    O N N 238 
PRO CB   C N N 239 
PRO CG   C N N 240 
PRO CD   C N N 241 
PRO OXT  O N N 242 
PRO H    H N N 243 
PRO HA   H N N 244 
PRO HB2  H N N 245 
PRO HB3  H N N 246 
PRO HG2  H N N 247 
PRO HG3  H N N 248 
PRO HD2  H N N 249 
PRO HD3  H N N 250 
PRO HXT  H N N 251 
SER N    N N N 252 
SER CA   C N S 253 
SER C    C N N 254 
SER O    O N N 255 
SER CB   C N N 256 
SER OG   O N N 257 
SER OXT  O N N 258 
SER H    H N N 259 
SER H2   H N N 260 
SER HA   H N N 261 
SER HB2  H N N 262 
SER HB3  H N N 263 
SER HG   H N N 264 
SER HXT  H N N 265 
THR N    N N N 266 
THR CA   C N S 267 
THR C    C N N 268 
THR O    O N N 269 
THR CB   C N R 270 
THR OG1  O N N 271 
THR CG2  C N N 272 
THR OXT  O N N 273 
THR H    H N N 274 
THR H2   H N N 275 
THR HA   H N N 276 
THR HB   H N N 277 
THR HG1  H N N 278 
THR HG21 H N N 279 
THR HG22 H N N 280 
THR HG23 H N N 281 
THR HXT  H N N 282 
TYR N    N N N 283 
TYR CA   C N S 284 
TYR C    C N N 285 
TYR O    O N N 286 
TYR CB   C N N 287 
TYR CG   C Y N 288 
TYR CD1  C Y N 289 
TYR CD2  C Y N 290 
TYR CE1  C Y N 291 
TYR CE2  C Y N 292 
TYR CZ   C Y N 293 
TYR OH   O N N 294 
TYR OXT  O N N 295 
TYR H    H N N 296 
TYR H2   H N N 297 
TYR HA   H N N 298 
TYR HB2  H N N 299 
TYR HB3  H N N 300 
TYR HD1  H N N 301 
TYR HD2  H N N 302 
TYR HE1  H N N 303 
TYR HE2  H N N 304 
TYR HH   H N N 305 
TYR HXT  H N N 306 
VAL N    N N N 307 
VAL CA   C N S 308 
VAL C    C N N 309 
VAL O    O N N 310 
VAL CB   C N N 311 
VAL CG1  C N N 312 
VAL CG2  C N N 313 
VAL OXT  O N N 314 
VAL H    H N N 315 
VAL H2   H N N 316 
VAL HA   H N N 317 
VAL HB   H N N 318 
VAL HG11 H N N 319 
VAL HG12 H N N 320 
VAL HG13 H N N 321 
VAL HG21 H N N 322 
VAL HG22 H N N 323 
VAL HG23 H N N 324 
VAL HXT  H N N 325 
# 
loop_
_chem_comp_bond.comp_id 
_chem_comp_bond.atom_id_1 
_chem_comp_bond.atom_id_2 
_chem_comp_bond.value_order 
_chem_comp_bond.pdbx_aromatic_flag 
_chem_comp_bond.pdbx_stereo_config 
_chem_comp_bond.pdbx_ordinal 
ALA N   CA   sing N N 1   
ALA N   H    sing N N 2   
ALA N   H2   sing N N 3   
ALA CA  C    sing N N 4   
ALA CA  CB   sing N N 5   
ALA CA  HA   sing N N 6   
ALA C   O    doub N N 7   
ALA C   OXT  sing N N 8   
ALA CB  HB1  sing N N 9   
ALA CB  HB2  sing N N 10  
ALA CB  HB3  sing N N 11  
ALA OXT HXT  sing N N 12  
ARG N   CA   sing N N 13  
ARG N   H    sing N N 14  
ARG N   H2   sing N N 15  
ARG CA  C    sing N N 16  
ARG CA  CB   sing N N 17  
ARG CA  HA   sing N N 18  
ARG C   O    doub N N 19  
ARG C   OXT  sing N N 20  
ARG CB  CG   sing N N 21  
ARG CB  HB2  sing N N 22  
ARG CB  HB3  sing N N 23  
ARG CG  CD   sing N N 24  
ARG CG  HG2  sing N N 25  
ARG CG  HG3  sing N N 26  
ARG CD  NE   sing N N 27  
ARG CD  HD2  sing N N 28  
ARG CD  HD3  sing N N 29  
ARG NE  CZ   sing N N 30  
ARG NE  HE   sing N N 31  
ARG CZ  NH1  sing N N 32  
ARG CZ  NH2  doub N N 33  
ARG NH1 HH11 sing N N 34  
ARG NH1 HH12 sing N N 35  
ARG NH2 HH21 sing N N 36  
ARG NH2 HH22 sing N N 37  
ARG OXT HXT  sing N N 38  
ASN N   CA   sing N N 39  
ASN N   H    sing N N 40  
ASN N   H2   sing N N 41  
ASN CA  C    sing N N 42  
ASN CA  CB   sing N N 43  
ASN CA  HA   sing N N 44  
ASN C   O    doub N N 45  
ASN C   OXT  sing N N 46  
ASN CB  CG   sing N N 47  
ASN CB  HB2  sing N N 48  
ASN CB  HB3  sing N N 49  
ASN CG  OD1  doub N N 50  
ASN CG  ND2  sing N N 51  
ASN ND2 HD21 sing N N 52  
ASN ND2 HD22 sing N N 53  
ASN OXT HXT  sing N N 54  
ASP N   CA   sing N N 55  
ASP N   H    sing N N 56  
ASP N   H2   sing N N 57  
ASP CA  C    sing N N 58  
ASP CA  CB   sing N N 59  
ASP CA  HA   sing N N 60  
ASP C   O    doub N N 61  
ASP C   OXT  sing N N 62  
ASP CB  CG   sing N N 63  
ASP CB  HB2  sing N N 64  
ASP CB  HB3  sing N N 65  
ASP CG  OD1  doub N N 66  
ASP CG  OD2  sing N N 67  
ASP OD2 HD2  sing N N 68  
ASP OXT HXT  sing N N 69  
GLN N   CA   sing N N 70  
GLN N   H    sing N N 71  
GLN N   H2   sing N N 72  
GLN CA  C    sing N N 73  
GLN CA  CB   sing N N 74  
GLN CA  HA   sing N N 75  
GLN C   O    doub N N 76  
GLN C   OXT  sing N N 77  
GLN CB  CG   sing N N 78  
GLN CB  HB2  sing N N 79  
GLN CB  HB3  sing N N 80  
GLN CG  CD   sing N N 81  
GLN CG  HG2  sing N N 82  
GLN CG  HG3  sing N N 83  
GLN CD  OE1  doub N N 84  
GLN CD  NE2  sing N N 85  
GLN NE2 HE21 sing N N 86  
GLN NE2 HE22 sing N N 87  
GLN OXT HXT  sing N N 88  
GLU N   CA   sing N N 89  
GLU N   H    sing N N 90  
GLU N   H2   sing N N 91  
GLU CA  C    sing N N 92  
GLU CA  CB   sing N N 93  
GLU CA  HA   sing N N 94  
GLU C   O    doub N N 95  
GLU C   OXT  sing N N 96  
GLU CB  CG   sing N N 97  
GLU CB  HB2  sing N N 98  
GLU CB  HB3  sing N N 99  
GLU CG  CD   sing N N 100 
GLU CG  HG2  sing N N 101 
GLU CG  HG3  sing N N 102 
GLU CD  OE1  doub N N 103 
GLU CD  OE2  sing N N 104 
GLU OE2 HE2  sing N N 105 
GLU OXT HXT  sing N N 106 
GLY N   CA   sing N N 107 
GLY N   H    sing N N 108 
GLY N   H2   sing N N 109 
GLY CA  C    sing N N 110 
GLY CA  HA2  sing N N 111 
GLY CA  HA3  sing N N 112 
GLY C   O    doub N N 113 
GLY C   OXT  sing N N 114 
GLY OXT HXT  sing N N 115 
ILE N   CA   sing N N 116 
ILE N   H    sing N N 117 
ILE N   H2   sing N N 118 
ILE CA  C    sing N N 119 
ILE CA  CB   sing N N 120 
ILE CA  HA   sing N N 121 
ILE C   O    doub N N 122 
ILE C   OXT  sing N N 123 
ILE CB  CG1  sing N N 124 
ILE CB  CG2  sing N N 125 
ILE CB  HB   sing N N 126 
ILE CG1 CD1  sing N N 127 
ILE CG1 HG12 sing N N 128 
ILE CG1 HG13 sing N N 129 
ILE CG2 HG21 sing N N 130 
ILE CG2 HG22 sing N N 131 
ILE CG2 HG23 sing N N 132 
ILE CD1 HD11 sing N N 133 
ILE CD1 HD12 sing N N 134 
ILE CD1 HD13 sing N N 135 
ILE OXT HXT  sing N N 136 
LEU N   CA   sing N N 137 
LEU N   H    sing N N 138 
LEU N   H2   sing N N 139 
LEU CA  C    sing N N 140 
LEU CA  CB   sing N N 141 
LEU CA  HA   sing N N 142 
LEU C   O    doub N N 143 
LEU C   OXT  sing N N 144 
LEU CB  CG   sing N N 145 
LEU CB  HB2  sing N N 146 
LEU CB  HB3  sing N N 147 
LEU CG  CD1  sing N N 148 
LEU CG  CD2  sing N N 149 
LEU CG  HG   sing N N 150 
LEU CD1 HD11 sing N N 151 
LEU CD1 HD12 sing N N 152 
LEU CD1 HD13 sing N N 153 
LEU CD2 HD21 sing N N 154 
LEU CD2 HD22 sing N N 155 
LEU CD2 HD23 sing N N 156 
LEU OXT HXT  sing N N 157 
LYS N   CA   sing N N 158 
LYS N   H    sing N N 159 
LYS N   H2   sing N N 160 
LYS CA  C    sing N N 161 
LYS CA  CB   sing N N 162 
LYS CA  HA   sing N N 163 
LYS C   O    doub N N 164 
LYS C   OXT  sing N N 165 
LYS CB  CG   sing N N 166 
LYS CB  HB2  sing N N 167 
LYS CB  HB3  sing N N 168 
LYS CG  CD   sing N N 169 
LYS CG  HG2  sing N N 170 
LYS CG  HG3  sing N N 171 
LYS CD  CE   sing N N 172 
LYS CD  HD2  sing N N 173 
LYS CD  HD3  sing N N 174 
LYS CE  NZ   sing N N 175 
LYS CE  HE2  sing N N 176 
LYS CE  HE3  sing N N 177 
LYS NZ  HZ1  sing N N 178 
LYS NZ  HZ2  sing N N 179 
LYS NZ  HZ3  sing N N 180 
LYS OXT HXT  sing N N 181 
MET N   CA   sing N N 182 
MET N   H    sing N N 183 
MET N   H2   sing N N 184 
MET CA  C    sing N N 185 
MET CA  CB   sing N N 186 
MET CA  HA   sing N N 187 
MET C   O    doub N N 188 
MET C   OXT  sing N N 189 
MET CB  CG   sing N N 190 
MET CB  HB2  sing N N 191 
MET CB  HB3  sing N N 192 
MET CG  SD   sing N N 193 
MET CG  HG2  sing N N 194 
MET CG  HG3  sing N N 195 
MET SD  CE   sing N N 196 
MET CE  HE1  sing N N 197 
MET CE  HE2  sing N N 198 
MET CE  HE3  sing N N 199 
MET OXT HXT  sing N N 200 
PHE N   CA   sing N N 201 
PHE N   H    sing N N 202 
PHE N   H2   sing N N 203 
PHE CA  C    sing N N 204 
PHE CA  CB   sing N N 205 
PHE CA  HA   sing N N 206 
PHE C   O    doub N N 207 
PHE C   OXT  sing N N 208 
PHE CB  CG   sing N N 209 
PHE CB  HB2  sing N N 210 
PHE CB  HB3  sing N N 211 
PHE CG  CD1  doub Y N 212 
PHE CG  CD2  sing Y N 213 
PHE CD1 CE1  sing Y N 214 
PHE CD1 HD1  sing N N 215 
PHE CD2 CE2  doub Y N 216 
PHE CD2 HD2  sing N N 217 
PHE CE1 CZ   doub Y N 218 
PHE CE1 HE1  sing N N 219 
PHE CE2 CZ   sing Y N 220 
PHE CE2 HE2  sing N N 221 
PHE CZ  HZ   sing N N 222 
PHE OXT HXT  sing N N 223 
PRO N   CA   sing N N 224 
PRO N   CD   sing N N 225 
PRO N   H    sing N N 226 
PRO CA  C    sing N N 227 
PRO CA  CB   sing N N 228 
PRO CA  HA   sing N N 229 
PRO C   O    doub N N 230 
PRO C   OXT  sing N N 231 
PRO CB  CG   sing N N 232 
PRO CB  HB2  sing N N 233 
PRO CB  HB3  sing N N 234 
PRO CG  CD   sing N N 235 
PRO CG  HG2  sing N N 236 
PRO CG  HG3  sing N N 237 
PRO CD  HD2  sing N N 238 
PRO CD  HD3  sing N N 239 
PRO OXT HXT  sing N N 240 
SER N   CA   sing N N 241 
SER N   H    sing N N 242 
SER N   H2   sing N N 243 
SER CA  C    sing N N 244 
SER CA  CB   sing N N 245 
SER CA  HA   sing N N 246 
SER C   O    doub N N 247 
SER C   OXT  sing N N 248 
SER CB  OG   sing N N 249 
SER CB  HB2  sing N N 250 
SER CB  HB3  sing N N 251 
SER OG  HG   sing N N 252 
SER OXT HXT  sing N N 253 
THR N   CA   sing N N 254 
THR N   H    sing N N 255 
THR N   H2   sing N N 256 
THR CA  C    sing N N 257 
THR CA  CB   sing N N 258 
THR CA  HA   sing N N 259 
THR C   O    doub N N 260 
THR C   OXT  sing N N 261 
THR CB  OG1  sing N N 262 
THR CB  CG2  sing N N 263 
THR CB  HB   sing N N 264 
THR OG1 HG1  sing N N 265 
THR CG2 HG21 sing N N 266 
THR CG2 HG22 sing N N 267 
THR CG2 HG23 sing N N 268 
THR OXT HXT  sing N N 269 
TYR N   CA   sing N N 270 
TYR N   H    sing N N 271 
TYR N   H2   sing N N 272 
TYR CA  C    sing N N 273 
TYR CA  CB   sing N N 274 
TYR CA  HA   sing N N 275 
TYR C   O    doub N N 276 
TYR C   OXT  sing N N 277 
TYR CB  CG   sing N N 278 
TYR CB  HB2  sing N N 279 
TYR CB  HB3  sing N N 280 
TYR CG  CD1  doub Y N 281 
TYR CG  CD2  sing Y N 282 
TYR CD1 CE1  sing Y N 283 
TYR CD1 HD1  sing N N 284 
TYR CD2 CE2  doub Y N 285 
TYR CD2 HD2  sing N N 286 
TYR CE1 CZ   doub Y N 287 
TYR CE1 HE1  sing N N 288 
TYR CE2 CZ   sing Y N 289 
TYR CE2 HE2  sing N N 290 
TYR CZ  OH   sing N N 291 
TYR OH  HH   sing N N 292 
TYR OXT HXT  sing N N 293 
VAL N   CA   sing N N 294 
VAL N   H    sing N N 295 
VAL N   H2   sing N N 296 
VAL CA  C    sing N N 297 
VAL CA  CB   sing N N 298 
VAL CA  HA   sing N N 299 
VAL C   O    doub N N 300 
VAL C   OXT  sing N N 301 
VAL CB  CG1  sing N N 302 
VAL CB  CG2  sing N N 303 
VAL CB  HB   sing N N 304 
VAL CG1 HG11 sing N N 305 
VAL CG1 HG12 sing N N 306 
VAL CG1 HG13 sing N N 307 
VAL CG2 HG21 sing N N 308 
VAL CG2 HG22 sing N N 309 
VAL CG2 HG23 sing N N 310 
VAL OXT HXT  sing N N 311 
# 
_pdbx_nmr_spectrometer.spectrometer_id   1 
_pdbx_nmr_spectrometer.model             DMX 
_pdbx_nmr_spectrometer.manufacturer      Bruker 
_pdbx_nmr_spectrometer.field_strength    500 
_pdbx_nmr_spectrometer.type              ? 
# 
_atom_sites.entry_id                    1D9A 
_atom_sites.fract_transf_matrix[1][1]   1.000000 
_atom_sites.fract_transf_matrix[1][2]   0.000000 
_atom_sites.fract_transf_matrix[1][3]   0.000000 
_atom_sites.fract_transf_matrix[2][1]   0.000000 
_atom_sites.fract_transf_matrix[2][2]   1.000000 
_atom_sites.fract_transf_matrix[2][3]   0.000000 
_atom_sites.fract_transf_matrix[3][1]   0.000000 
_atom_sites.fract_transf_matrix[3][2]   0.000000 
_atom_sites.fract_transf_matrix[3][3]   1.000000 
_atom_sites.fract_transf_vector[1]      0.00000 
_atom_sites.fract_transf_vector[2]      0.00000 
_atom_sites.fract_transf_vector[3]      0.00000 
# 
loop_
_atom_type.symbol 
C 
H 
N 
O 
S 
# 
loop_
_atom_site.group_PDB 
_atom_site.id 
_atom_site.type_symbol 
_atom_site.label_atom_id 
_atom_site.label_alt_id 
_atom_site.label_comp_id 
_atom_site.label_asym_id 
_atom_site.label_entity_id 
_atom_site.label_seq_id 
_atom_site.pdbx_PDB_ins_code 
_atom_site.Cartn_x 
_atom_site.Cartn_y 
_atom_site.Cartn_z 
_atom_site.occupancy 
_atom_site.B_iso_or_equiv 
_atom_site.pdbx_formal_charge 
_atom_site.auth_seq_id 
_atom_site.auth_comp_id 
_atom_site.auth_asym_id 
_atom_site.auth_atom_id 
_atom_site.pdbx_PDB_model_num 
ATOM 1    N N    . ASP A 1 1  ? 9.191   -12.484 -2.386  1.00 1.90 ? 1  ASP A N    1 
ATOM 2    C CA   . ASP A 1 1  ? 7.783   -12.012 -2.262  1.00 1.08 ? 1  ASP A CA   1 
ATOM 3    C C    . ASP A 1 1  ? 7.683   -10.577 -2.785  1.00 0.95 ? 1  ASP A C    1 
ATOM 4    O O    . ASP A 1 1  ? 8.607   -9.797  -2.667  1.00 1.10 ? 1  ASP A O    1 
ATOM 5    C CB   . ASP A 1 1  ? 7.359   -12.056 -0.793  1.00 1.41 ? 1  ASP A CB   1 
ATOM 6    C CG   . ASP A 1 1  ? 6.869   -13.465 -0.448  1.00 2.05 ? 1  ASP A CG   1 
ATOM 7    O OD1  . ASP A 1 1  ? 6.949   -14.326 -1.309  1.00 2.67 ? 1  ASP A OD1  1 
ATOM 8    O OD2  . ASP A 1 1  ? 6.423   -13.658 0.671   1.00 2.66 ? 1  ASP A OD2  1 
ATOM 9    H H1   . ASP A 1 1  ? 9.204   -13.430 -2.815  1.00 2.43 ? 1  ASP A H1   1 
ATOM 10   H H2   . ASP A 1 1  ? 9.627   -12.524 -1.441  1.00 2.13 ? 1  ASP A H2   1 
ATOM 11   H H3   . ASP A 1 1  ? 9.726   -11.826 -2.986  1.00 2.51 ? 1  ASP A H3   1 
ATOM 12   H HA   . ASP A 1 1  ? 7.137   -12.653 -2.844  1.00 1.62 ? 1  ASP A HA   1 
ATOM 13   H HB2  . ASP A 1 1  ? 8.203   -11.804 -0.167  1.00 1.91 ? 1  ASP A HB2  1 
ATOM 14   H HB3  . ASP A 1 1  ? 6.561   -11.349 -0.626  1.00 2.02 ? 1  ASP A HB3  1 
ATOM 15   N N    . ALA A 1 2  ? 6.569   -10.222 -3.366  1.00 0.82 ? 2  ALA A N    1 
ATOM 16   C CA   . ALA A 1 2  ? 6.415   -8.838  -3.899  1.00 0.75 ? 2  ALA A CA   1 
ATOM 17   C C    . ALA A 1 2  ? 5.300   -8.116  -3.142  1.00 0.69 ? 2  ALA A C    1 
ATOM 18   O O    . ALA A 1 2  ? 4.295   -7.737  -3.711  1.00 0.67 ? 2  ALA A O    1 
ATOM 19   C CB   . ALA A 1 2  ? 6.060   -8.903  -5.386  1.00 0.77 ? 2  ALA A CB   1 
ATOM 20   H H    . ALA A 1 2  ? 5.834   -10.865 -3.456  1.00 0.91 ? 2  ALA A H    1 
ATOM 21   H HA   . ALA A 1 2  ? 7.342   -8.299  -3.774  1.00 0.79 ? 2  ALA A HA   1 
ATOM 22   H HB1  . ALA A 1 2  ? 6.878   -9.351  -5.932  1.00 1.17 ? 2  ALA A HB1  1 
ATOM 23   H HB2  . ALA A 1 2  ? 5.882   -7.905  -5.759  1.00 1.34 ? 2  ALA A HB2  1 
ATOM 24   H HB3  . ALA A 1 2  ? 5.170   -9.501  -5.518  1.00 1.26 ? 2  ALA A HB3  1 
ATOM 25   N N    . ASN A 1 3  ? 5.467   -7.918  -1.864  1.00 0.72 ? 3  ASN A N    1 
ATOM 26   C CA   . ASN A 1 3  ? 4.416   -7.215  -1.078  1.00 0.69 ? 3  ASN A CA   1 
ATOM 27   C C    . ASN A 1 3  ? 4.641   -5.706  -1.171  1.00 0.64 ? 3  ASN A C    1 
ATOM 28   O O    . ASN A 1 3  ? 5.671   -5.251  -1.627  1.00 0.67 ? 3  ASN A O    1 
ATOM 29   C CB   . ASN A 1 3  ? 4.493   -7.658  0.385   1.00 0.79 ? 3  ASN A CB   1 
ATOM 30   C CG   . ASN A 1 3  ? 5.826   -7.214  0.986   1.00 0.89 ? 3  ASN A CG   1 
ATOM 31   O OD1  . ASN A 1 3  ? 6.200   -6.062  0.884   1.00 1.42 ? 3  ASN A OD1  1 
ATOM 32   N ND2  . ASN A 1 3  ? 6.566   -8.085  1.616   1.00 1.30 ? 3  ASN A ND2  1 
ATOM 33   H H    . ASN A 1 3  ? 6.286   -8.227  -1.423  1.00 0.78 ? 3  ASN A H    1 
ATOM 34   H HA   . ASN A 1 3  ? 3.442   -7.460  -1.478  1.00 0.65 ? 3  ASN A HA   1 
ATOM 35   H HB2  . ASN A 1 3  ? 3.679   -7.213  0.939   1.00 0.79 ? 3  ASN A HB2  1 
ATOM 36   H HB3  . ASN A 1 3  ? 4.417   -8.735  0.438   1.00 0.84 ? 3  ASN A HB3  1 
ATOM 37   H HD21 . ASN A 1 3  ? 6.265   -9.014  1.700   1.00 1.92 ? 3  ASN A HD21 1 
ATOM 38   H HD22 . ASN A 1 3  ? 7.422   -7.811  2.006   1.00 1.34 ? 3  ASN A HD22 1 
ATOM 39   N N    . LEU A 1 4  ? 3.686   -4.925  -0.750  1.00 0.61 ? 4  LEU A N    1 
ATOM 40   C CA   . LEU A 1 4  ? 3.852   -3.447  -0.827  1.00 0.59 ? 4  LEU A CA   1 
ATOM 41   C C    . LEU A 1 4  ? 3.409   -2.807  0.491   1.00 0.63 ? 4  LEU A C    1 
ATOM 42   O O    . LEU A 1 4  ? 2.637   -3.372  1.240   1.00 0.68 ? 4  LEU A O    1 
ATOM 43   C CB   . LEU A 1 4  ? 2.993   -2.904  -1.966  1.00 0.50 ? 4  LEU A CB   1 
ATOM 44   C CG   . LEU A 1 4  ? 3.595   -3.316  -3.311  1.00 0.51 ? 4  LEU A CG   1 
ATOM 45   C CD1  . LEU A 1 4  ? 2.866   -2.583  -4.438  1.00 0.51 ? 4  LEU A CD1  1 
ATOM 46   C CD2  . LEU A 1 4  ? 5.081   -2.949  -3.346  1.00 0.58 ? 4  LEU A CD2  1 
ATOM 47   H H    . LEU A 1 4  ? 2.859   -5.309  -0.391  1.00 0.63 ? 4  LEU A H    1 
ATOM 48   H HA   . LEU A 1 4  ? 4.888   -3.209  -1.013  1.00 0.63 ? 4  LEU A HA   1 
ATOM 49   H HB2  . LEU A 1 4  ? 1.996   -3.307  -1.879  1.00 0.47 ? 4  LEU A HB2  1 
ATOM 50   H HB3  . LEU A 1 4  ? 2.951   -1.828  -1.904  1.00 0.51 ? 4  LEU A HB3  1 
ATOM 51   H HG   . LEU A 1 4  ? 3.481   -4.382  -3.444  1.00 0.57 ? 4  LEU A HG   1 
ATOM 52   H HD11 . LEU A 1 4  ? 2.931   -1.517  -4.274  1.00 1.07 ? 4  LEU A HD11 1 
ATOM 53   H HD12 . LEU A 1 4  ? 1.829   -2.883  -4.451  1.00 1.23 ? 4  LEU A HD12 1 
ATOM 54   H HD13 . LEU A 1 4  ? 3.324   -2.829  -5.384  1.00 1.11 ? 4  LEU A HD13 1 
ATOM 55   H HD21 . LEU A 1 4  ? 5.676   -3.836  -3.185  1.00 1.29 ? 4  LEU A HD21 1 
ATOM 56   H HD22 . LEU A 1 4  ? 5.295   -2.227  -2.571  1.00 1.15 ? 4  LEU A HD22 1 
ATOM 57   H HD23 . LEU A 1 4  ? 5.322   -2.525  -4.310  1.00 1.01 ? 4  LEU A HD23 1 
ATOM 58   N N    . TYR A 1 5  ? 3.894   -1.628  0.775   1.00 0.67 ? 5  TYR A N    1 
ATOM 59   C CA   . TYR A 1 5  ? 3.512   -0.939  2.041   1.00 0.74 ? 5  TYR A CA   1 
ATOM 60   C C    . TYR A 1 5  ? 3.267   0.545   1.742   1.00 0.74 ? 5  TYR A C    1 
ATOM 61   O O    . TYR A 1 5  ? 4.176   1.347   1.721   1.00 0.85 ? 5  TYR A O    1 
ATOM 62   C CB   . TYR A 1 5  ? 4.653   -1.105  3.056   1.00 0.88 ? 5  TYR A CB   1 
ATOM 63   C CG   . TYR A 1 5  ? 4.494   -0.148  4.216   1.00 0.98 ? 5  TYR A CG   1 
ATOM 64   C CD1  . TYR A 1 5  ? 5.027   1.145   4.141   1.00 1.40 ? 5  TYR A CD1  1 
ATOM 65   C CD2  . TYR A 1 5  ? 3.832   -0.565  5.377   1.00 1.73 ? 5  TYR A CD2  1 
ATOM 66   C CE1  . TYR A 1 5  ? 4.892   2.021   5.225   1.00 1.52 ? 5  TYR A CE1  1 
ATOM 67   C CE2  . TYR A 1 5  ? 3.702   0.311   6.462   1.00 1.84 ? 5  TYR A CE2  1 
ATOM 68   C CZ   . TYR A 1 5  ? 4.231   1.604   6.385   1.00 1.29 ? 5  TYR A CZ   1 
ATOM 69   O OH   . TYR A 1 5  ? 4.102   2.466   7.455   1.00 1.48 ? 5  TYR A OH   1 
ATOM 70   H H    . TYR A 1 5  ? 4.513   -1.194  0.152   1.00 0.69 ? 5  TYR A H    1 
ATOM 71   H HA   . TYR A 1 5  ? 2.609   -1.381  2.434   1.00 0.71 ? 5  TYR A HA   1 
ATOM 72   H HB2  . TYR A 1 5  ? 4.643   -2.115  3.433   1.00 0.94 ? 5  TYR A HB2  1 
ATOM 73   H HB3  . TYR A 1 5  ? 5.595   -0.919  2.567   1.00 0.91 ? 5  TYR A HB3  1 
ATOM 74   H HD1  . TYR A 1 5  ? 5.541   1.468   3.250   1.00 2.11 ? 5  TYR A HD1  1 
ATOM 75   H HD2  . TYR A 1 5  ? 3.421   -1.562  5.437   1.00 2.51 ? 5  TYR A HD2  1 
ATOM 76   H HE1  . TYR A 1 5  ? 5.299   3.020   5.166   1.00 2.25 ? 5  TYR A HE1  1 
ATOM 77   H HE2  . TYR A 1 5  ? 3.193   -0.012  7.358   1.00 2.64 ? 5  TYR A HE2  1 
ATOM 78   H HH   . TYR A 1 5  ? 4.947   2.904   7.586   1.00 1.53 ? 5  TYR A HH   1 
ATOM 79   N N    . VAL A 1 6  ? 2.038   0.910   1.491   1.00 0.72 ? 6  VAL A N    1 
ATOM 80   C CA   . VAL A 1 6  ? 1.728   2.334   1.177   1.00 0.75 ? 6  VAL A CA   1 
ATOM 81   C C    . VAL A 1 6  ? 1.129   3.011   2.407   1.00 0.84 ? 6  VAL A C    1 
ATOM 82   O O    . VAL A 1 6  ? -0.023  2.815   2.738   1.00 0.99 ? 6  VAL A O    1 
ATOM 83   C CB   . VAL A 1 6  ? 0.726   2.393   0.022   1.00 0.68 ? 6  VAL A CB   1 
ATOM 84   C CG1  . VAL A 1 6  ? 0.781   3.774   -0.633  1.00 0.76 ? 6  VAL A CG1  1 
ATOM 85   C CG2  . VAL A 1 6  ? 1.079   1.321   -1.013  1.00 0.60 ? 6  VAL A CG2  1 
ATOM 86   H H    . VAL A 1 6  ? 1.320   0.245   1.499   1.00 0.76 ? 6  VAL A H    1 
ATOM 87   H HA   . VAL A 1 6  ? 2.635   2.847   0.895   1.00 0.79 ? 6  VAL A HA   1 
ATOM 88   H HB   . VAL A 1 6  ? -0.270  2.216   0.402   1.00 0.68 ? 6  VAL A HB   1 
ATOM 89   H HG11 . VAL A 1 6  ? 0.274   3.741   -1.586  1.00 1.19 ? 6  VAL A HG11 1 
ATOM 90   H HG12 . VAL A 1 6  ? 1.811   4.060   -0.783  1.00 1.27 ? 6  VAL A HG12 1 
ATOM 91   H HG13 . VAL A 1 6  ? 0.297   4.497   0.008   1.00 1.22 ? 6  VAL A HG13 1 
ATOM 92   H HG21 . VAL A 1 6  ? 0.608   0.389   -0.741  1.00 1.29 ? 6  VAL A HG21 1 
ATOM 93   H HG22 . VAL A 1 6  ? 2.149   1.186   -1.044  1.00 1.14 ? 6  VAL A HG22 1 
ATOM 94   H HG23 . VAL A 1 6  ? 0.727   1.631   -1.987  1.00 1.06 ? 6  VAL A HG23 1 
ATOM 95   N N    . SER A 1 7  ? 1.904   3.807   3.089   1.00 0.84 ? 7  SER A N    1 
ATOM 96   C CA   . SER A 1 7  ? 1.381   4.494   4.301   1.00 0.93 ? 7  SER A CA   1 
ATOM 97   C C    . SER A 1 7  ? 1.041   5.946   3.962   1.00 0.96 ? 7  SER A C    1 
ATOM 98   O O    . SER A 1 7  ? 1.298   6.419   2.871   1.00 0.92 ? 7  SER A O    1 
ATOM 99   C CB   . SER A 1 7  ? 2.445   4.461   5.399   1.00 1.04 ? 7  SER A CB   1 
ATOM 100  O OG   . SER A 1 7  ? 3.711   4.779   4.835   1.00 1.09 ? 7  SER A OG   1 
ATOM 101  H H    . SER A 1 7  ? 2.829   3.953   2.803   1.00 0.84 ? 7  SER A H    1 
ATOM 102  H HA   . SER A 1 7  ? 0.493   3.988   4.647   1.00 0.92 ? 7  SER A HA   1 
ATOM 103  H HB2  . SER A 1 7  ? 2.203   5.184   6.159   1.00 1.14 ? 7  SER A HB2  1 
ATOM 104  H HB3  . SER A 1 7  ? 2.474   3.473   5.840   1.00 1.08 ? 7  SER A HB3  1 
ATOM 105  H HG   . SER A 1 7  ? 3.670   5.678   4.503   1.00 1.32 ? 7  SER A HG   1 
ATOM 106  N N    . GLY A 1 8  ? 0.460   6.654   4.891   1.00 1.10 ? 8  GLY A N    1 
ATOM 107  C CA   . GLY A 1 8  ? 0.098   8.076   4.632   1.00 1.17 ? 8  GLY A CA   1 
ATOM 108  C C    . GLY A 1 8  ? -1.169  8.132   3.776   1.00 1.13 ? 8  GLY A C    1 
ATOM 109  O O    . GLY A 1 8  ? -1.362  9.042   2.994   1.00 1.16 ? 8  GLY A O    1 
ATOM 110  H H    . GLY A 1 8  ? 0.262   6.250   5.762   1.00 1.19 ? 8  GLY A H    1 
ATOM 111  H HA2  . GLY A 1 8  ? -0.078  8.577   5.573   1.00 1.23 ? 8  GLY A HA2  1 
ATOM 112  H HA3  . GLY A 1 8  ? 0.905   8.561   4.110   1.00 1.20 ? 8  GLY A HA3  1 
ATOM 113  N N    . LEU A 1 9  ? -2.036  7.167   3.920   1.00 1.09 ? 9  LEU A N    1 
ATOM 114  C CA   . LEU A 1 9  ? -3.290  7.164   3.117   1.00 1.07 ? 9  LEU A CA   1 
ATOM 115  C C    . LEU A 1 9  ? -4.388  7.913   3.875   1.00 1.15 ? 9  LEU A C    1 
ATOM 116  O O    . LEU A 1 9  ? -4.352  8.006   5.086   1.00 1.24 ? 9  LEU A O    1 
ATOM 117  C CB   . LEU A 1 9  ? -3.749  5.723   2.880   1.00 1.01 ? 9  LEU A CB   1 
ATOM 118  C CG   . LEU A 1 9  ? -2.554  4.850   2.496   1.00 0.99 ? 9  LEU A CG   1 
ATOM 119  C CD1  . LEU A 1 9  ? -2.966  3.377   2.549   1.00 1.09 ? 9  LEU A CD1  1 
ATOM 120  C CD2  . LEU A 1 9  ? -2.106  5.202   1.075   1.00 1.05 ? 9  LEU A CD2  1 
ATOM 121  H H    . LEU A 1 9  ? -1.860  6.443   4.557   1.00 1.09 ? 9  LEU A H    1 
ATOM 122  H HA   . LEU A 1 9  ? -3.113  7.647   2.168   1.00 1.10 ? 9  LEU A HA   1 
ATOM 123  H HB2  . LEU A 1 9  ? -4.200  5.338   3.784   1.00 1.07 ? 9  LEU A HB2  1 
ATOM 124  H HB3  . LEU A 1 9  ? -4.476  5.705   2.082   1.00 1.03 ? 9  LEU A HB3  1 
ATOM 125  H HG   . LEU A 1 9  ? -1.742  5.024   3.187   1.00 1.06 ? 9  LEU A HG   1 
ATOM 126  H HD11 . LEU A 1 9  ? -3.417  3.164   3.508   1.00 1.46 ? 9  LEU A HD11 1 
ATOM 127  H HD12 . LEU A 1 9  ? -2.095  2.754   2.415   1.00 1.63 ? 9  LEU A HD12 1 
ATOM 128  H HD13 . LEU A 1 9  ? -3.680  3.174   1.763   1.00 1.40 ? 9  LEU A HD13 1 
ATOM 129  H HD21 . LEU A 1 9  ? -1.458  6.065   1.106   1.00 1.55 ? 9  LEU A HD21 1 
ATOM 130  H HD22 . LEU A 1 9  ? -2.972  5.423   0.470   1.00 1.63 ? 9  LEU A HD22 1 
ATOM 131  H HD23 . LEU A 1 9  ? -1.573  4.366   0.649   1.00 1.21 ? 9  LEU A HD23 1 
ATOM 132  N N    . PRO A 1 10 ? -5.344  8.413   3.134   1.00 1.18 ? 10 PRO A N    1 
ATOM 133  C CA   . PRO A 1 10 ? -6.486  9.147   3.700   1.00 1.31 ? 10 PRO A CA   1 
ATOM 134  C C    . PRO A 1 10 ? -7.497  8.163   4.295   1.00 1.30 ? 10 PRO A C    1 
ATOM 135  O O    . PRO A 1 10 ? -7.381  6.966   4.126   1.00 1.18 ? 10 PRO A O    1 
ATOM 136  C CB   . PRO A 1 10 ? -7.080  9.876   2.491   1.00 1.38 ? 10 PRO A CB   1 
ATOM 137  C CG   . PRO A 1 10 ? -6.618  9.091   1.240   1.00 1.26 ? 10 PRO A CG   1 
ATOM 138  C CD   . PRO A 1 10 ? -5.371  8.292   1.661   1.00 1.14 ? 10 PRO A CD   1 
ATOM 139  H HA   . PRO A 1 10 ? -6.159  9.859   4.440   1.00 1.42 ? 10 PRO A HA   1 
ATOM 140  H HB2  . PRO A 1 10 ? -8.160  9.878   2.554   1.00 1.43 ? 10 PRO A HB2  1 
ATOM 141  H HB3  . PRO A 1 10 ? -6.707  10.886  2.444   1.00 1.51 ? 10 PRO A HB3  1 
ATOM 142  H HG2  . PRO A 1 10 ? -7.400  8.418   0.916   1.00 1.21 ? 10 PRO A HG2  1 
ATOM 143  H HG3  . PRO A 1 10 ? -6.362  9.774   0.446   1.00 1.36 ? 10 PRO A HG3  1 
ATOM 144  H HD2  . PRO A 1 10 ? -5.467  7.257   1.364   1.00 1.04 ? 10 PRO A HD2  1 
ATOM 145  H HD3  . PRO A 1 10 ? -4.480  8.728   1.235   1.00 1.18 ? 10 PRO A HD3  1 
ATOM 146  N N    . LYS A 1 11 ? -8.486  8.655   4.987   1.00 1.47 ? 11 LYS A N    1 
ATOM 147  C CA   . LYS A 1 11 ? -9.500  7.741   5.587   1.00 1.52 ? 11 LYS A CA   1 
ATOM 148  C C    . LYS A 1 11 ? -10.408 7.192   4.486   1.00 1.45 ? 11 LYS A C    1 
ATOM 149  O O    . LYS A 1 11 ? -11.096 6.206   4.669   1.00 1.48 ? 11 LYS A O    1 
ATOM 150  C CB   . LYS A 1 11 ? -10.342 8.510   6.607   1.00 1.76 ? 11 LYS A CB   1 
ATOM 151  C CG   . LYS A 1 11 ? -10.398 7.727   7.921   1.00 2.38 ? 11 LYS A CG   1 
ATOM 152  C CD   . LYS A 1 11 ? -10.274 8.696   9.100   1.00 2.86 ? 11 LYS A CD   1 
ATOM 153  C CE   . LYS A 1 11 ? -11.046 8.142   10.299  1.00 3.45 ? 11 LYS A CE   1 
ATOM 154  N NZ   . LYS A 1 11 ? -12.443 8.663   10.275  1.00 3.97 ? 11 LYS A NZ   1 
ATOM 155  H H    . LYS A 1 11 ? -8.564  9.624   5.113   1.00 1.60 ? 11 LYS A H    1 
ATOM 156  H HA   . LYS A 1 11 ? -8.997  6.921   6.078   1.00 1.47 ? 11 LYS A HA   1 
ATOM 157  H HB2  . LYS A 1 11 ? -9.898  9.479   6.783   1.00 2.04 ? 11 LYS A HB2  1 
ATOM 158  H HB3  . LYS A 1 11 ? -11.344 8.637   6.224   1.00 2.07 ? 11 LYS A HB3  1 
ATOM 159  H HG2  . LYS A 1 11 ? -11.337 7.198   7.986   1.00 2.79 ? 11 LYS A HG2  1 
ATOM 160  H HG3  . LYS A 1 11 ? -9.583  7.020   7.952   1.00 2.87 ? 11 LYS A HG3  1 
ATOM 161  H HD2  . LYS A 1 11 ? -9.232  8.809   9.364   1.00 3.33 ? 11 LYS A HD2  1 
ATOM 162  H HD3  . LYS A 1 11 ? -10.682 9.654   8.823   1.00 2.98 ? 11 LYS A HD3  1 
ATOM 163  H HE2  . LYS A 1 11 ? -11.064 7.064   10.249  1.00 3.78 ? 11 LYS A HE2  1 
ATOM 164  H HE3  . LYS A 1 11 ? -10.562 8.452   11.213  1.00 3.79 ? 11 LYS A HE3  1 
ATOM 165  H HZ1  . LYS A 1 11 ? -13.096 7.920   10.591  1.00 4.25 ? 11 LYS A HZ1  1 
ATOM 166  H HZ2  . LYS A 1 11 ? -12.687 8.953   9.306   1.00 4.24 ? 11 LYS A HZ2  1 
ATOM 167  H HZ3  . LYS A 1 11 ? -12.519 9.482   10.913  1.00 4.26 ? 11 LYS A HZ3  1 
ATOM 168  N N    . THR A 1 12 ? -10.417 7.820   3.343   1.00 1.41 ? 12 THR A N    1 
ATOM 169  C CA   . THR A 1 12 ? -11.281 7.331   2.232   1.00 1.39 ? 12 THR A CA   1 
ATOM 170  C C    . THR A 1 12 ? -10.602 6.148   1.542   1.00 1.23 ? 12 THR A C    1 
ATOM 171  O O    . THR A 1 12 ? -11.179 5.498   0.693   1.00 1.25 ? 12 THR A O    1 
ATOM 172  C CB   . THR A 1 12 ? -11.487 8.456   1.216   1.00 1.47 ? 12 THR A CB   1 
ATOM 173  O OG1  . THR A 1 12 ? -10.241 8.775   0.612   1.00 1.38 ? 12 THR A OG1  1 
ATOM 174  C CG2  . THR A 1 12 ? -12.045 9.692   1.922   1.00 1.72 ? 12 THR A CG2  1 
ATOM 175  H H    . THR A 1 12 ? -9.855  8.611   3.214   1.00 1.42 ? 12 THR A H    1 
ATOM 176  H HA   . THR A 1 12 ? -12.237 7.021   2.626   1.00 1.46 ? 12 THR A HA   1 
ATOM 177  H HB   . THR A 1 12 ? -12.184 8.134   0.457   1.00 1.50 ? 12 THR A HB   1 
ATOM 178  H HG1  . THR A 1 12 ? -10.415 9.321   -0.158  1.00 1.62 ? 12 THR A HG1  1 
ATOM 179  H HG21 . THR A 1 12 ? -11.463 10.558  1.644   1.00 2.23 ? 12 THR A HG21 1 
ATOM 180  H HG22 . THR A 1 12 ? -11.992 9.550   2.992   1.00 1.88 ? 12 THR A HG22 1 
ATOM 181  H HG23 . THR A 1 12 ? -13.074 9.840   1.629   1.00 1.98 ? 12 THR A HG23 1 
ATOM 182  N N    . MET A 1 13 ? -9.380  5.861   1.897   1.00 1.11 ? 13 MET A N    1 
ATOM 183  C CA   . MET A 1 13 ? -8.668  4.722   1.256   1.00 0.99 ? 13 MET A CA   1 
ATOM 184  C C    . MET A 1 13 ? -9.414  3.419   1.546   1.00 1.07 ? 13 MET A C    1 
ATOM 185  O O    . MET A 1 13 ? -9.340  2.875   2.630   1.00 1.33 ? 13 MET A O    1 
ATOM 186  C CB   . MET A 1 13 ? -7.244  4.638   1.806   1.00 1.03 ? 13 MET A CB   1 
ATOM 187  C CG   . MET A 1 13 ? -6.311  4.106   0.716   1.00 1.18 ? 13 MET A CG   1 
ATOM 188  S SD   . MET A 1 13 ? -5.807  5.467   -0.366  1.00 1.38 ? 13 MET A SD   1 
ATOM 189  C CE   . MET A 1 13 ? -6.673  4.912   -1.856  1.00 1.09 ? 13 MET A CE   1 
ATOM 190  H H    . MET A 1 13 ? -8.930  6.398   2.584   1.00 1.13 ? 13 MET A H    1 
ATOM 191  H HA   . MET A 1 13 ? -8.628  4.874   0.190   1.00 0.91 ? 13 MET A HA   1 
ATOM 192  H HB2  . MET A 1 13 ? -6.919  5.623   2.111   1.00 1.23 ? 13 MET A HB2  1 
ATOM 193  H HB3  . MET A 1 13 ? -7.223  3.973   2.655   1.00 1.06 ? 13 MET A HB3  1 
ATOM 194  H HG2  . MET A 1 13 ? -5.437  3.668   1.174   1.00 1.64 ? 13 MET A HG2  1 
ATOM 195  H HG3  . MET A 1 13 ? -6.827  3.357   0.136   1.00 1.78 ? 13 MET A HG3  1 
ATOM 196  H HE1  . MET A 1 13 ? -7.072  5.769   -2.380  1.00 1.55 ? 13 MET A HE1  1 
ATOM 197  H HE2  . MET A 1 13 ? -7.481  4.253   -1.579  1.00 1.55 ? 13 MET A HE2  1 
ATOM 198  H HE3  . MET A 1 13 ? -5.981  4.381   -2.496  1.00 1.58 ? 13 MET A HE3  1 
ATOM 199  N N    . SER A 1 14 ? -10.128 2.911   0.576   1.00 0.97 ? 14 SER A N    1 
ATOM 200  C CA   . SER A 1 14 ? -10.876 1.638   0.782   1.00 1.10 ? 14 SER A CA   1 
ATOM 201  C C    . SER A 1 14 ? -9.986  0.466   0.368   1.00 1.05 ? 14 SER A C    1 
ATOM 202  O O    . SER A 1 14 ? -9.083  0.616   -0.432  1.00 1.13 ? 14 SER A O    1 
ATOM 203  C CB   . SER A 1 14 ? -12.144 1.644   -0.074  1.00 1.26 ? 14 SER A CB   1 
ATOM 204  O OG   . SER A 1 14 ? -13.252 1.249   0.724   1.00 1.89 ? 14 SER A OG   1 
ATOM 205  H H    . SER A 1 14 ? -10.166 3.366   -0.290  1.00 0.92 ? 14 SER A H    1 
ATOM 206  H HA   . SER A 1 14 ? -11.142 1.539   1.825   1.00 1.18 ? 14 SER A HA   1 
ATOM 207  H HB2  . SER A 1 14 ? -12.318 2.635   -0.457  1.00 1.67 ? 14 SER A HB2  1 
ATOM 208  H HB3  . SER A 1 14 ? -12.021 0.957   -0.901  1.00 1.48 ? 14 SER A HB3  1 
ATOM 209  H HG   . SER A 1 14 ? -14.022 1.186   0.153   1.00 2.42 ? 14 SER A HG   1 
ATOM 210  N N    . GLN A 1 15 ? -10.226 -0.697  0.905   1.00 0.94 ? 15 GLN A N    1 
ATOM 211  C CA   . GLN A 1 15 ? -9.383  -1.869  0.538   1.00 0.92 ? 15 GLN A CA   1 
ATOM 212  C C    . GLN A 1 15 ? -9.459  -2.107  -0.968  1.00 0.88 ? 15 GLN A C    1 
ATOM 213  O O    . GLN A 1 15 ? -8.455  -2.128  -1.651  1.00 0.80 ? 15 GLN A O    1 
ATOM 214  C CB   . GLN A 1 15 ? -9.877  -3.112  1.282   1.00 1.07 ? 15 GLN A CB   1 
ATOM 215  C CG   . GLN A 1 15 ? -9.989  -2.800  2.777   1.00 1.75 ? 15 GLN A CG   1 
ATOM 216  C CD   . GLN A 1 15 ? -10.070 -4.106  3.569   1.00 2.22 ? 15 GLN A CD   1 
ATOM 217  O OE1  . GLN A 1 15 ? -9.682  -4.156  4.719   1.00 2.52 ? 15 GLN A OE1  1 
ATOM 218  N NE2  . GLN A 1 15 ? -10.562 -5.171  3.000   1.00 2.88 ? 15 GLN A NE2  1 
ATOM 219  H H    . GLN A 1 15 ? -10.956 -0.799  1.550   1.00 0.90 ? 15 GLN A H    1 
ATOM 220  H HA   . GLN A 1 15 ? -8.358  -1.669  0.811   1.00 0.89 ? 15 GLN A HA   1 
ATOM 221  H HB2  . GLN A 1 15 ? -10.846 -3.399  0.899   1.00 1.34 ? 15 GLN A HB2  1 
ATOM 222  H HB3  . GLN A 1 15 ? -9.177  -3.921  1.136   1.00 1.50 ? 15 GLN A HB3  1 
ATOM 223  H HG2  . GLN A 1 15 ? -9.121  -2.240  3.092   1.00 2.18 ? 15 GLN A HG2  1 
ATOM 224  H HG3  . GLN A 1 15 ? -10.879 -2.217  2.956   1.00 2.18 ? 15 GLN A HG3  1 
ATOM 225  H HE21 . GLN A 1 15 ? -10.876 -5.130  2.073   1.00 3.25 ? 15 GLN A HE21 1 
ATOM 226  H HE22 . GLN A 1 15 ? -10.618 -6.012  3.499   1.00 3.28 ? 15 GLN A HE22 1 
ATOM 227  N N    . LYS A 1 16 ? -10.637 -2.284  -1.501  1.00 0.98 ? 16 LYS A N    1 
ATOM 228  C CA   . LYS A 1 16 ? -10.748 -2.516  -2.966  1.00 1.00 ? 16 LYS A CA   1 
ATOM 229  C C    . LYS A 1 16 ? -10.349 -1.245  -3.702  1.00 0.93 ? 16 LYS A C    1 
ATOM 230  O O    . LYS A 1 16 ? -9.848  -1.295  -4.803  1.00 0.90 ? 16 LYS A O    1 
ATOM 231  C CB   . LYS A 1 16 ? -12.183 -2.901  -3.333  1.00 1.18 ? 16 LYS A CB   1 
ATOM 232  C CG   . LYS A 1 16 ? -12.178 -3.686  -4.646  1.00 1.58 ? 16 LYS A CG   1 
ATOM 233  C CD   . LYS A 1 16 ? -12.692 -5.106  -4.394  1.00 1.95 ? 16 LYS A CD   1 
ATOM 234  C CE   . LYS A 1 16 ? -13.265 -5.681  -5.690  1.00 2.54 ? 16 LYS A CE   1 
ATOM 235  N NZ   . LYS A 1 16 ? -14.728 -5.911  -5.525  1.00 3.35 ? 16 LYS A NZ   1 
ATOM 236  H H    . LYS A 1 16 ? -11.442 -2.264  -0.941  1.00 1.07 ? 16 LYS A H    1 
ATOM 237  H HA   . LYS A 1 16 ? -10.072 -3.308  -3.254  1.00 0.98 ? 16 LYS A HA   1 
ATOM 238  H HB2  . LYS A 1 16 ? -12.604 -3.512  -2.547  1.00 1.40 ? 16 LYS A HB2  1 
ATOM 239  H HB3  . LYS A 1 16 ? -12.777 -2.008  -3.452  1.00 1.69 ? 16 LYS A HB3  1 
ATOM 240  H HG2  . LYS A 1 16 ? -12.818 -3.192  -5.363  1.00 2.19 ? 16 LYS A HG2  1 
ATOM 241  H HG3  . LYS A 1 16 ? -11.172 -3.734  -5.034  1.00 2.08 ? 16 LYS A HG3  1 
ATOM 242  H HD2  . LYS A 1 16 ? -11.877 -5.727  -4.053  1.00 2.38 ? 16 LYS A HD2  1 
ATOM 243  H HD3  . LYS A 1 16 ? -13.465 -5.080  -3.641  1.00 2.34 ? 16 LYS A HD3  1 
ATOM 244  H HE2  . LYS A 1 16 ? -13.100 -4.984  -6.499  1.00 2.78 ? 16 LYS A HE2  1 
ATOM 245  H HE3  . LYS A 1 16 ? -12.777 -6.618  -5.915  1.00 2.90 ? 16 LYS A HE3  1 
ATOM 246  H HZ1  . LYS A 1 16 ? -15.017 -6.731  -6.094  1.00 3.74 ? 16 LYS A HZ1  1 
ATOM 247  H HZ2  . LYS A 1 16 ? -15.249 -5.067  -5.842  1.00 3.65 ? 16 LYS A HZ2  1 
ATOM 248  H HZ3  . LYS A 1 16 ? -14.939 -6.095  -4.524  1.00 3.76 ? 16 LYS A HZ3  1 
ATOM 249  N N    . GLU A 1 17 ? -10.536 -0.105  -3.101  1.00 0.93 ? 17 GLU A N    1 
ATOM 250  C CA   . GLU A 1 17 ? -10.121 1.144   -3.786  1.00 0.91 ? 17 GLU A CA   1 
ATOM 251  C C    . GLU A 1 17 ? -8.619  1.047   -4.026  1.00 0.77 ? 17 GLU A C    1 
ATOM 252  O O    . GLU A 1 17 ? -8.096  1.513   -5.021  1.00 0.75 ? 17 GLU A O    1 
ATOM 253  C CB   . GLU A 1 17 ? -10.431 2.354   -2.901  1.00 0.98 ? 17 GLU A CB   1 
ATOM 254  C CG   . GLU A 1 17 ? -10.990 3.489   -3.761  1.00 1.29 ? 17 GLU A CG   1 
ATOM 255  C CD   . GLU A 1 17 ? -10.345 4.812   -3.342  1.00 1.58 ? 17 GLU A CD   1 
ATOM 256  O OE1  . GLU A 1 17 ? -9.935  4.912   -2.198  1.00 2.14 ? 17 GLU A OE1  1 
ATOM 257  O OE2  . GLU A 1 17 ? -10.272 5.702   -4.174  1.00 2.19 ? 17 GLU A OE2  1 
ATOM 258  H H    . GLU A 1 17 ? -10.923 -0.074  -2.201  1.00 0.97 ? 17 GLU A H    1 
ATOM 259  H HA   . GLU A 1 17 ? -10.636 1.232   -4.733  1.00 0.96 ? 17 GLU A HA   1 
ATOM 260  H HB2  . GLU A 1 17 ? -11.159 2.075   -2.153  1.00 1.11 ? 17 GLU A HB2  1 
ATOM 261  H HB3  . GLU A 1 17 ? -9.525  2.686   -2.415  1.00 1.14 ? 17 GLU A HB3  1 
ATOM 262  H HG2  . GLU A 1 17 ? -10.772 3.294   -4.801  1.00 1.86 ? 17 GLU A HG2  1 
ATOM 263  H HG3  . GLU A 1 17 ? -12.059 3.552   -3.622  1.00 1.85 ? 17 GLU A HG3  1 
ATOM 264  N N    . MET A 1 18 ? -7.926  0.415   -3.118  1.00 0.69 ? 18 MET A N    1 
ATOM 265  C CA   . MET A 1 18 ? -6.461  0.252   -3.280  1.00 0.58 ? 18 MET A CA   1 
ATOM 266  C C    . MET A 1 18 ? -6.200  -0.921  -4.225  1.00 0.54 ? 18 MET A C    1 
ATOM 267  O O    . MET A 1 18 ? -5.147  -1.023  -4.823  1.00 0.50 ? 18 MET A O    1 
ATOM 268  C CB   . MET A 1 18 ? -5.827  -0.032  -1.917  1.00 0.56 ? 18 MET A CB   1 
ATOM 269  C CG   . MET A 1 18 ? -4.307  -0.110  -2.062  1.00 0.66 ? 18 MET A CG   1 
ATOM 270  S SD   . MET A 1 18 ? -3.621  -1.058  -0.681  1.00 1.00 ? 18 MET A SD   1 
ATOM 271  C CE   . MET A 1 18 ? -1.903  -0.521  -0.860  1.00 0.71 ? 18 MET A CE   1 
ATOM 272  H H    . MET A 1 18 ? -8.377  0.031   -2.332  1.00 0.73 ? 18 MET A H    1 
ATOM 273  H HA   . MET A 1 18 ? -6.040  1.155   -3.697  1.00 0.58 ? 18 MET A HA   1 
ATOM 274  H HB2  . MET A 1 18 ? -6.083  0.761   -1.230  1.00 0.76 ? 18 MET A HB2  1 
ATOM 275  H HB3  . MET A 1 18 ? -6.198  -0.972  -1.536  1.00 0.65 ? 18 MET A HB3  1 
ATOM 276  H HG2  . MET A 1 18 ? -4.058  -0.598  -2.993  1.00 1.11 ? 18 MET A HG2  1 
ATOM 277  H HG3  . MET A 1 18 ? -3.893  0.887   -2.056  1.00 1.12 ? 18 MET A HG3  1 
ATOM 278  H HE1  . MET A 1 18 ? -1.721  0.325   -0.213  1.00 1.34 ? 18 MET A HE1  1 
ATOM 279  H HE2  . MET A 1 18 ? -1.718  -0.237  -1.884  1.00 1.01 ? 18 MET A HE2  1 
ATOM 280  H HE3  . MET A 1 18 ? -1.244  -1.335  -0.590  1.00 1.28 ? 18 MET A HE3  1 
ATOM 281  N N    . GLU A 1 19 ? -7.148  -1.816  -4.364  1.00 0.63 ? 19 GLU A N    1 
ATOM 282  C CA   . GLU A 1 19 ? -6.931  -2.976  -5.270  1.00 0.64 ? 19 GLU A CA   1 
ATOM 283  C C    . GLU A 1 19 ? -7.137  -2.549  -6.724  1.00 0.66 ? 19 GLU A C    1 
ATOM 284  O O    . GLU A 1 19 ? -6.554  -3.113  -7.624  1.00 0.68 ? 19 GLU A O    1 
ATOM 285  C CB   . GLU A 1 19 ? -7.921  -4.088  -4.917  1.00 0.77 ? 19 GLU A CB   1 
ATOM 286  C CG   . GLU A 1 19 ? -7.361  -5.436  -5.375  1.00 1.27 ? 19 GLU A CG   1 
ATOM 287  C CD   . GLU A 1 19 ? -8.482  -6.476  -5.386  1.00 1.49 ? 19 GLU A CD   1 
ATOM 288  O OE1  . GLU A 1 19 ? -9.241  -6.510  -4.431  1.00 1.92 ? 19 GLU A OE1  1 
ATOM 289  O OE2  . GLU A 1 19 ? -8.565  -7.220  -6.350  1.00 2.09 ? 19 GLU A OE2  1 
ATOM 290  H H    . GLU A 1 19 ? -7.997  -1.729  -3.871  1.00 0.71 ? 19 GLU A H    1 
ATOM 291  H HA   . GLU A 1 19 ? -5.922  -3.339  -5.148  1.00 0.58 ? 19 GLU A HA   1 
ATOM 292  H HB2  . GLU A 1 19 ? -8.075  -4.106  -3.848  1.00 1.10 ? 19 GLU A HB2  1 
ATOM 293  H HB3  . GLU A 1 19 ? -8.861  -3.904  -5.414  1.00 1.05 ? 19 GLU A HB3  1 
ATOM 294  H HG2  . GLU A 1 19 ? -6.952  -5.337  -6.371  1.00 1.71 ? 19 GLU A HG2  1 
ATOM 295  H HG3  . GLU A 1 19 ? -6.585  -5.754  -4.696  1.00 1.90 ? 19 GLU A HG3  1 
ATOM 296  N N    . GLN A 1 20 ? -7.948  -1.557  -6.967  1.00 0.72 ? 20 GLN A N    1 
ATOM 297  C CA   . GLN A 1 20 ? -8.164  -1.109  -8.370  1.00 0.78 ? 20 GLN A CA   1 
ATOM 298  C C    . GLN A 1 20 ? -7.027  -0.172  -8.765  1.00 0.73 ? 20 GLN A C    1 
ATOM 299  O O    . GLN A 1 20 ? -6.676  -0.051  -9.922  1.00 0.78 ? 20 GLN A O    1 
ATOM 300  C CB   . GLN A 1 20 ? -9.499  -0.371  -8.479  1.00 0.90 ? 20 GLN A CB   1 
ATOM 301  C CG   . GLN A 1 20 ? -10.462 -1.185  -9.347  1.00 1.55 ? 20 GLN A CG   1 
ATOM 302  C CD   . GLN A 1 20 ? -10.462 -0.630  -10.772 1.00 1.64 ? 20 GLN A CD   1 
ATOM 303  O OE1  . GLN A 1 20 ? -11.420 -0.012  -11.196 1.00 2.02 ? 20 GLN A OE1  1 
ATOM 304  N NE2  . GLN A 1 20 ? -9.423  -0.824  -11.536 1.00 2.18 ? 20 GLN A NE2  1 
ATOM 305  H H    . GLN A 1 20 ? -8.406  -1.102  -6.231  1.00 0.75 ? 20 GLN A H    1 
ATOM 306  H HA   . GLN A 1 20 ? -8.169  -1.968  -9.027  1.00 0.81 ? 20 GLN A HA   1 
ATOM 307  H HB2  . GLN A 1 20 ? -9.921  -0.243  -7.494  1.00 1.12 ? 20 GLN A HB2  1 
ATOM 308  H HB3  . GLN A 1 20 ? -9.340  0.596   -8.932  1.00 1.31 ? 20 GLN A HB3  1 
ATOM 309  H HG2  . GLN A 1 20 ? -10.146 -2.218  -9.363  1.00 2.18 ? 20 GLN A HG2  1 
ATOM 310  H HG3  . GLN A 1 20 ? -11.459 -1.120  -8.936  1.00 2.13 ? 20 GLN A HG3  1 
ATOM 311  H HE21 . GLN A 1 20 ? -8.651  -1.323  -11.195 1.00 2.63 ? 20 GLN A HE21 1 
ATOM 312  H HE22 . GLN A 1 20 ? -9.413  -0.472  -12.450 1.00 2.50 ? 20 GLN A HE22 1 
ATOM 313  N N    . LEU A 1 21 ? -6.449  0.491   -7.803  1.00 0.65 ? 21 LEU A N    1 
ATOM 314  C CA   . LEU A 1 21 ? -5.336  1.425   -8.096  1.00 0.65 ? 21 LEU A CA   1 
ATOM 315  C C    . LEU A 1 21 ? -4.097  0.625   -8.476  1.00 0.57 ? 21 LEU A C    1 
ATOM 316  O O    . LEU A 1 21 ? -3.381  0.965   -9.395  1.00 0.64 ? 21 LEU A O    1 
ATOM 317  C CB   . LEU A 1 21 ? -5.028  2.233   -6.842  1.00 0.63 ? 21 LEU A CB   1 
ATOM 318  C CG   . LEU A 1 21 ? -4.326  3.523   -7.238  1.00 0.73 ? 21 LEU A CG   1 
ATOM 319  C CD1  . LEU A 1 21 ? -5.381  4.607   -7.423  1.00 0.97 ? 21 LEU A CD1  1 
ATOM 320  C CD2  . LEU A 1 21 ? -3.345  3.936   -6.139  1.00 0.76 ? 21 LEU A CD2  1 
ATOM 321  H H    . LEU A 1 21 ? -6.750  0.378   -6.880  1.00 0.63 ? 21 LEU A H    1 
ATOM 322  H HA   . LEU A 1 21 ? -5.611  2.088   -8.902  1.00 0.74 ? 21 LEU A HA   1 
ATOM 323  H HB2  . LEU A 1 21 ? -5.948  2.461   -6.327  1.00 0.68 ? 21 LEU A HB2  1 
ATOM 324  H HB3  . LEU A 1 21 ? -4.384  1.659   -6.192  1.00 0.55 ? 21 LEU A HB3  1 
ATOM 325  H HG   . LEU A 1 21 ? -3.793  3.374   -8.167  1.00 0.75 ? 21 LEU A HG   1 
ATOM 326  H HD11 . LEU A 1 21 ? -6.355  4.195   -7.202  1.00 1.46 ? 21 LEU A HD11 1 
ATOM 327  H HD12 . LEU A 1 21 ? -5.360  4.957   -8.443  1.00 1.55 ? 21 LEU A HD12 1 
ATOM 328  H HD13 . LEU A 1 21 ? -5.176  5.425   -6.752  1.00 1.22 ? 21 LEU A HD13 1 
ATOM 329  H HD21 . LEU A 1 21 ? -2.631  3.141   -5.977  1.00 1.28 ? 21 LEU A HD21 1 
ATOM 330  H HD22 . LEU A 1 21 ? -3.888  4.123   -5.224  1.00 1.22 ? 21 LEU A HD22 1 
ATOM 331  H HD23 . LEU A 1 21 ? -2.824  4.832   -6.439  1.00 1.34 ? 21 LEU A HD23 1 
ATOM 332  N N    . PHE A 1 22 ? -3.831  -0.429  -7.759  1.00 0.47 ? 22 PHE A N    1 
ATOM 333  C CA   . PHE A 1 22 ? -2.627  -1.246  -8.064  1.00 0.43 ? 22 PHE A CA   1 
ATOM 334  C C    . PHE A 1 22 ? -2.996  -2.376  -9.030  1.00 0.47 ? 22 PHE A C    1 
ATOM 335  O O    . PHE A 1 22 ? -2.142  -2.948  -9.678  1.00 0.47 ? 22 PHE A O    1 
ATOM 336  C CB   . PHE A 1 22 ? -2.075  -1.822  -6.762  1.00 0.38 ? 22 PHE A CB   1 
ATOM 337  C CG   . PHE A 1 22 ? -1.516  -0.702  -5.916  1.00 0.38 ? 22 PHE A CG   1 
ATOM 338  C CD1  . PHE A 1 22 ? -2.387  0.206   -5.299  1.00 1.20 ? 22 PHE A CD1  1 
ATOM 339  C CD2  . PHE A 1 22 ? -0.134  -0.571  -5.745  1.00 1.25 ? 22 PHE A CD2  1 
ATOM 340  C CE1  . PHE A 1 22 ? -1.874  1.243   -4.513  1.00 1.19 ? 22 PHE A CE1  1 
ATOM 341  C CE2  . PHE A 1 22 ? 0.379   0.467   -4.958  1.00 1.28 ? 22 PHE A CE2  1 
ATOM 342  C CZ   . PHE A 1 22 ? -0.491  1.374   -4.342  1.00 0.47 ? 22 PHE A CZ   1 
ATOM 343  H H    . PHE A 1 22 ? -4.419  -0.678  -7.012  1.00 0.46 ? 22 PHE A H    1 
ATOM 344  H HA   . PHE A 1 22 ? -1.877  -0.618  -8.522  1.00 0.44 ? 22 PHE A HA   1 
ATOM 345  H HB2  . PHE A 1 22 ? -2.869  -2.309  -6.226  1.00 0.39 ? 22 PHE A HB2  1 
ATOM 346  H HB3  . PHE A 1 22 ? -1.294  -2.533  -6.979  1.00 0.39 ? 22 PHE A HB3  1 
ATOM 347  H HD1  . PHE A 1 22 ? -3.455  0.104   -5.432  1.00 2.07 ? 22 PHE A HD1  1 
ATOM 348  H HD2  . PHE A 1 22 ? 0.538   -1.270  -6.221  1.00 2.10 ? 22 PHE A HD2  1 
ATOM 349  H HE1  . PHE A 1 22 ? -2.546  1.942   -4.038  1.00 2.04 ? 22 PHE A HE1  1 
ATOM 350  H HE2  . PHE A 1 22 ? 1.446   0.569   -4.826  1.00 2.16 ? 22 PHE A HE2  1 
ATOM 351  H HZ   . PHE A 1 22 ? -0.096  2.175   -3.735  1.00 0.52 ? 22 PHE A HZ   1 
ATOM 352  N N    . SER A 1 23 ? -4.259  -2.692  -9.152  1.00 0.53 ? 23 SER A N    1 
ATOM 353  C CA   . SER A 1 23 ? -4.657  -3.774  -10.105 1.00 0.59 ? 23 SER A CA   1 
ATOM 354  C C    . SER A 1 23 ? -4.394  -3.279  -11.529 1.00 0.66 ? 23 SER A C    1 
ATOM 355  O O    . SER A 1 23 ? -3.949  -4.016  -12.386 1.00 0.69 ? 23 SER A O    1 
ATOM 356  C CB   . SER A 1 23 ? -6.145  -4.086  -9.951  1.00 0.66 ? 23 SER A CB   1 
ATOM 357  O OG   . SER A 1 23 ? -6.320  -5.042  -8.915  1.00 1.53 ? 23 SER A OG   1 
ATOM 358  H H    . SER A 1 23 ? -4.944  -2.210  -8.633  1.00 0.55 ? 23 SER A H    1 
ATOM 359  H HA   . SER A 1 23 ? -4.074  -4.672  -9.913  1.00 0.58 ? 23 SER A HA   1 
ATOM 360  H HB2  . SER A 1 23 ? -6.680  -3.186  -9.701  1.00 1.10 ? 23 SER A HB2  1 
ATOM 361  H HB3  . SER A 1 23 ? -6.526  -4.479  -10.886 1.00 1.17 ? 23 SER A HB3  1 
ATOM 362  H HG   . SER A 1 23 ? -6.195  -5.916  -9.294  1.00 1.77 ? 23 SER A HG   1 
ATOM 363  N N    . GLN A 1 24 ? -4.668  -2.026  -11.780 1.00 0.70 ? 24 GLN A N    1 
ATOM 364  C CA   . GLN A 1 24 ? -4.437  -1.462  -13.140 1.00 0.79 ? 24 GLN A CA   1 
ATOM 365  C C    . GLN A 1 24 ? -2.946  -1.534  -13.471 1.00 0.76 ? 24 GLN A C    1 
ATOM 366  O O    . GLN A 1 24 ? -2.556  -1.571  -14.622 1.00 0.85 ? 24 GLN A O    1 
ATOM 367  C CB   . GLN A 1 24 ? -4.895  -0.001  -13.166 1.00 0.84 ? 24 GLN A CB   1 
ATOM 368  C CG   . GLN A 1 24 ? -4.634  0.592   -14.552 1.00 1.61 ? 24 GLN A CG   1 
ATOM 369  C CD   . GLN A 1 24 ? -5.329  -0.263  -15.612 1.00 1.97 ? 24 GLN A CD   1 
ATOM 370  O OE1  . GLN A 1 24 ? -4.701  -1.074  -16.264 1.00 2.37 ? 24 GLN A OE1  1 
ATOM 371  N NE2  . GLN A 1 24 ? -6.610  -0.116  -15.815 1.00 2.51 ? 24 GLN A NE2  1 
ATOM 372  H H    . GLN A 1 24 ? -5.023  -1.454  -11.069 1.00 0.69 ? 24 GLN A H    1 
ATOM 373  H HA   . GLN A 1 24 ? -4.997  -2.028  -13.868 1.00 0.86 ? 24 GLN A HA   1 
ATOM 374  H HB2  . GLN A 1 24 ? -5.951  0.048   -12.944 1.00 1.27 ? 24 GLN A HB2  1 
ATOM 375  H HB3  . GLN A 1 24 ? -4.346  0.562   -12.426 1.00 1.41 ? 24 GLN A HB3  1 
ATOM 376  H HG2  . GLN A 1 24 ? -5.021  1.601   -14.590 1.00 2.22 ? 24 GLN A HG2  1 
ATOM 377  H HG3  . GLN A 1 24 ? -3.571  0.606   -14.743 1.00 2.14 ? 24 GLN A HG3  1 
ATOM 378  H HE21 . GLN A 1 24 ? -7.117  0.537   -15.288 1.00 2.88 ? 24 GLN A HE21 1 
ATOM 379  H HE22 . GLN A 1 24 ? -7.064  -0.659  -16.491 1.00 2.84 ? 24 GLN A HE22 1 
ATOM 380  N N    . TYR A 1 25 ? -2.110  -1.560  -12.470 1.00 0.66 ? 25 TYR A N    1 
ATOM 381  C CA   . TYR A 1 25 ? -0.643  -1.636  -12.721 1.00 0.67 ? 25 TYR A CA   1 
ATOM 382  C C    . TYR A 1 25 ? -0.262  -3.080  -13.040 1.00 0.72 ? 25 TYR A C    1 
ATOM 383  O O    . TYR A 1 25 ? 0.674   -3.342  -13.768 1.00 0.89 ? 25 TYR A O    1 
ATOM 384  C CB   . TYR A 1 25 ? 0.109   -1.173  -11.472 1.00 0.60 ? 25 TYR A CB   1 
ATOM 385  C CG   . TYR A 1 25 ? 0.150   0.336   -11.438 1.00 0.62 ? 25 TYR A CG   1 
ATOM 386  C CD1  . TYR A 1 25 ? -0.987  1.060   -11.064 1.00 1.47 ? 25 TYR A CD1  1 
ATOM 387  C CD2  . TYR A 1 25 ? 1.327   1.011   -11.784 1.00 1.21 ? 25 TYR A CD2  1 
ATOM 388  C CE1  . TYR A 1 25 ? -0.949  2.460   -11.033 1.00 1.51 ? 25 TYR A CE1  1 
ATOM 389  C CE2  . TYR A 1 25 ? 1.366   2.410   -11.754 1.00 1.25 ? 25 TYR A CE2  1 
ATOM 390  C CZ   . TYR A 1 25 ? 0.228   3.134   -11.378 1.00 0.78 ? 25 TYR A CZ   1 
ATOM 391  O OH   . TYR A 1 25 ? 0.267   4.514   -11.348 1.00 0.90 ? 25 TYR A OH   1 
ATOM 392  H H    . TYR A 1 25 ? -2.449  -1.533  -11.551 1.00 0.61 ? 25 TYR A H    1 
ATOM 393  H HA   . TYR A 1 25 ? -0.386  -1.000  -13.555 1.00 0.73 ? 25 TYR A HA   1 
ATOM 394  H HB2  . TYR A 1 25 ? -0.402  -1.537  -10.591 1.00 0.57 ? 25 TYR A HB2  1 
ATOM 395  H HB3  . TYR A 1 25 ? 1.115   -1.562  -11.489 1.00 0.63 ? 25 TYR A HB3  1 
ATOM 396  H HD1  . TYR A 1 25 ? -1.894  0.539   -10.800 1.00 2.32 ? 25 TYR A HD1  1 
ATOM 397  H HD2  . TYR A 1 25 ? 2.204   0.452   -12.074 1.00 2.03 ? 25 TYR A HD2  1 
ATOM 398  H HE1  . TYR A 1 25 ? -1.826  3.018   -10.742 1.00 2.36 ? 25 TYR A HE1  1 
ATOM 399  H HE2  . TYR A 1 25 ? 2.273   2.931   -12.021 1.00 2.08 ? 25 TYR A HE2  1 
ATOM 400  H HH   . TYR A 1 25 ? -0.634  4.838   -11.409 1.00 1.19 ? 25 TYR A HH   1 
ATOM 401  N N    . GLY A 1 26 ? -0.985  -4.021  -12.502 1.00 0.64 ? 26 GLY A N    1 
ATOM 402  C CA   . GLY A 1 26 ? -0.675  -5.452  -12.769 1.00 0.72 ? 26 GLY A CA   1 
ATOM 403  C C    . GLY A 1 26 ? -1.616  -6.331  -11.948 1.00 0.68 ? 26 GLY A C    1 
ATOM 404  O O    . GLY A 1 26 ? -1.881  -6.060  -10.793 1.00 0.84 ? 26 GLY A O    1 
ATOM 405  H H    . GLY A 1 26 ? -1.737  -3.786  -11.919 1.00 0.59 ? 26 GLY A H    1 
ATOM 406  H HA2  . GLY A 1 26 ? -0.810  -5.659  -13.821 1.00 0.81 ? 26 GLY A HA2  1 
ATOM 407  H HA3  . GLY A 1 26 ? 0.346   -5.659  -12.487 1.00 0.76 ? 26 GLY A HA3  1 
ATOM 408  N N    . ARG A 1 27 ? -2.123  -7.379  -12.534 1.00 0.84 ? 27 ARG A N    1 
ATOM 409  C CA   . ARG A 1 27 ? -3.051  -8.276  -11.787 1.00 0.80 ? 27 ARG A CA   1 
ATOM 410  C C    . ARG A 1 27 ? -2.506  -8.508  -10.377 1.00 0.71 ? 27 ARG A C    1 
ATOM 411  O O    . ARG A 1 27 ? -1.549  -9.233  -10.185 1.00 0.73 ? 27 ARG A O    1 
ATOM 412  C CB   . ARG A 1 27 ? -3.162  -9.621  -12.510 1.00 0.89 ? 27 ARG A CB   1 
ATOM 413  C CG   . ARG A 1 27 ? -3.236  -9.395  -14.021 1.00 1.70 ? 27 ARG A CG   1 
ATOM 414  C CD   . ARG A 1 27 ? -3.748  -10.666 -14.702 1.00 2.24 ? 27 ARG A CD   1 
ATOM 415  N NE   . ARG A 1 27 ? -2.832  -11.800 -14.388 1.00 2.82 ? 27 ARG A NE   1 
ATOM 416  C CZ   . ARG A 1 27 ? -1.807  -12.045 -15.159 1.00 3.38 ? 27 ARG A CZ   1 
ATOM 417  N NH1  . ARG A 1 27 ? -0.751  -11.280 -15.104 1.00 4.10 ? 27 ARG A NH1  1 
ATOM 418  N NH2  . ARG A 1 27 ? -1.839  -13.054 -15.986 1.00 3.69 ? 27 ARG A NH2  1 
ATOM 419  H H    . ARG A 1 27 ? -1.896  -7.576  -13.468 1.00 1.13 ? 27 ARG A H    1 
ATOM 420  H HA   . ARG A 1 27 ? -4.026  -7.818  -11.727 1.00 0.79 ? 27 ARG A HA   1 
ATOM 421  H HB2  . ARG A 1 27 ? -2.295  -10.224 -12.279 1.00 1.33 ? 27 ARG A HB2  1 
ATOM 422  H HB3  . ARG A 1 27 ? -4.053  -10.134 -12.180 1.00 1.22 ? 27 ARG A HB3  1 
ATOM 423  H HG2  . ARG A 1 27 ? -3.910  -8.577  -14.229 1.00 2.25 ? 27 ARG A HG2  1 
ATOM 424  H HG3  . ARG A 1 27 ? -2.254  -9.157  -14.399 1.00 2.26 ? 27 ARG A HG3  1 
ATOM 425  H HD2  . ARG A 1 27 ? -4.740  -10.895 -14.341 1.00 2.52 ? 27 ARG A HD2  1 
ATOM 426  H HD3  . ARG A 1 27 ? -3.780  -10.516 -15.771 1.00 2.73 ? 27 ARG A HD3  1 
ATOM 427  H HE   . ARG A 1 27 ? -3.000  -12.362 -13.603 1.00 3.19 ? 27 ARG A HE   1 
ATOM 428  H HH11 . ARG A 1 27 ? -0.726  -10.507 -14.471 1.00 4.26 ? 27 ARG A HH11 1 
ATOM 429  H HH12 . ARG A 1 27 ? 0.033   -11.467 -15.696 1.00 4.70 ? 27 ARG A HH12 1 
ATOM 430  H HH21 . ARG A 1 27 ? -2.648  -13.639 -16.030 1.00 3.60 ? 27 ARG A HH21 1 
ATOM 431  H HH22 . ARG A 1 27 ? -1.054  -13.242 -16.576 1.00 4.29 ? 27 ARG A HH22 1 
ATOM 432  N N    . ILE A 1 28 ? -3.096  -7.894  -9.386  1.00 0.63 ? 28 ILE A N    1 
ATOM 433  C CA   . ILE A 1 28 ? -2.589  -8.086  -7.998  1.00 0.58 ? 28 ILE A CA   1 
ATOM 434  C C    . ILE A 1 28 ? -3.065  -9.431  -7.444  1.00 0.61 ? 28 ILE A C    1 
ATOM 435  O O    . ILE A 1 28 ? -4.089  -9.955  -7.837  1.00 0.70 ? 28 ILE A O    1 
ATOM 436  C CB   . ILE A 1 28 ? -3.119  -6.967  -7.102  1.00 0.53 ? 28 ILE A CB   1 
ATOM 437  C CG1  . ILE A 1 28 ? -2.389  -5.668  -7.428  1.00 0.56 ? 28 ILE A CG1  1 
ATOM 438  C CG2  . ILE A 1 28 ? -2.877  -7.323  -5.632  1.00 0.48 ? 28 ILE A CG2  1 
ATOM 439  C CD1  . ILE A 1 28 ? -2.850  -4.582  -6.461  1.00 0.50 ? 28 ILE A CD1  1 
ATOM 440  H H    . ILE A 1 28 ? -3.861  -7.298  -9.557  1.00 0.64 ? 28 ILE A H    1 
ATOM 441  H HA   . ILE A 1 28 ? -1.510  -8.062  -8.002  1.00 0.58 ? 28 ILE A HA   1 
ATOM 442  H HB   . ILE A 1 28 ? -4.177  -6.840  -7.273  1.00 0.57 ? 28 ILE A HB   1 
ATOM 443  H HG12 . ILE A 1 28 ? -1.323  -5.818  -7.325  1.00 0.61 ? 28 ILE A HG12 1 
ATOM 444  H HG13 . ILE A 1 28 ? -2.615  -5.369  -8.441  1.00 0.68 ? 28 ILE A HG13 1 
ATOM 445  H HG21 . ILE A 1 28 ? -3.552  -8.111  -5.336  1.00 1.15 ? 28 ILE A HG21 1 
ATOM 446  H HG22 . ILE A 1 28 ? -3.051  -6.452  -5.018  1.00 1.00 ? 28 ILE A HG22 1 
ATOM 447  H HG23 . ILE A 1 28 ? -1.857  -7.655  -5.505  1.00 1.21 ? 28 ILE A HG23 1 
ATOM 448  H HD11 . ILE A 1 28 ? -1.990  -4.057  -6.071  1.00 1.19 ? 28 ILE A HD11 1 
ATOM 449  H HD12 . ILE A 1 28 ? -3.396  -5.035  -5.646  1.00 1.12 ? 28 ILE A HD12 1 
ATOM 450  H HD13 . ILE A 1 28 ? -3.491  -3.887  -6.982  1.00 1.06 ? 28 ILE A HD13 1 
ATOM 451  N N    . ILE A 1 29 ? -2.323  -9.985  -6.525  1.00 0.60 ? 29 ILE A N    1 
ATOM 452  C CA   . ILE A 1 29 ? -2.711  -11.288 -5.922  1.00 0.67 ? 29 ILE A CA   1 
ATOM 453  C C    . ILE A 1 29 ? -3.622  -11.032 -4.719  1.00 0.66 ? 29 ILE A C    1 
ATOM 454  O O    . ILE A 1 29 ? -4.817  -11.242 -4.774  1.00 0.69 ? 29 ILE A O    1 
ATOM 455  C CB   . ILE A 1 29 ? -1.449  -12.019 -5.458  1.00 0.72 ? 29 ILE A CB   1 
ATOM 456  C CG1  . ILE A 1 29 ? -0.459  -12.153 -6.623  1.00 0.75 ? 29 ILE A CG1  1 
ATOM 457  C CG2  . ILE A 1 29 ? -1.821  -13.406 -4.940  1.00 0.81 ? 29 ILE A CG2  1 
ATOM 458  C CD1  . ILE A 1 29 ? -1.204  -12.502 -7.914  1.00 0.80 ? 29 ILE A CD1  1 
ATOM 459  H H    . ILE A 1 29 ? -1.508  -9.537  -6.224  1.00 0.58 ? 29 ILE A H    1 
ATOM 460  H HA   . ILE A 1 29 ? -3.232  -11.889 -6.653  1.00 0.71 ? 29 ILE A HA   1 
ATOM 461  H HB   . ILE A 1 29 ? -0.988  -11.454 -4.660  1.00 0.70 ? 29 ILE A HB   1 
ATOM 462  H HG12 . ILE A 1 29 ? 0.066   -11.219 -6.754  1.00 0.73 ? 29 ILE A HG12 1 
ATOM 463  H HG13 . ILE A 1 29 ? 0.252   -12.934 -6.398  1.00 0.82 ? 29 ILE A HG13 1 
ATOM 464  H HG21 . ILE A 1 29 ? -2.315  -13.961 -5.721  1.00 1.21 ? 29 ILE A HG21 1 
ATOM 465  H HG22 . ILE A 1 29 ? -2.484  -13.308 -4.092  1.00 1.34 ? 29 ILE A HG22 1 
ATOM 466  H HG23 . ILE A 1 29 ? -0.926  -13.929 -4.637  1.00 1.24 ? 29 ILE A HG23 1 
ATOM 467  H HD11 . ILE A 1 29 ? -1.431  -11.594 -8.453  1.00 1.25 ? 29 ILE A HD11 1 
ATOM 468  H HD12 . ILE A 1 29 ? -2.121  -13.017 -7.672  1.00 1.33 ? 29 ILE A HD12 1 
ATOM 469  H HD13 . ILE A 1 29 ? -0.583  -13.139 -8.527  1.00 1.16 ? 29 ILE A HD13 1 
ATOM 470  N N    . THR A 1 30 ? -3.064  -10.565 -3.635  1.00 0.64 ? 30 THR A N    1 
ATOM 471  C CA   . THR A 1 30 ? -3.891  -10.278 -2.431  1.00 0.67 ? 30 THR A CA   1 
ATOM 472  C C    . THR A 1 30 ? -3.647  -8.830  -2.005  1.00 0.60 ? 30 THR A C    1 
ATOM 473  O O    . THR A 1 30 ? -2.521  -8.402  -1.850  1.00 0.59 ? 30 THR A O    1 
ATOM 474  C CB   . THR A 1 30 ? -3.493  -11.225 -1.296  1.00 0.80 ? 30 THR A CB   1 
ATOM 475  O OG1  . THR A 1 30 ? -2.081  -11.199 -1.136  1.00 0.88 ? 30 THR A OG1  1 
ATOM 476  C CG2  . THR A 1 30 ? -3.946  -12.647 -1.636  1.00 0.96 ? 30 THR A CG2  1 
ATOM 477  H H    . THR A 1 30 ? -2.099  -10.392 -3.616  1.00 0.64 ? 30 THR A H    1 
ATOM 478  H HA   . THR A 1 30 ? -4.936  -10.415 -2.669  1.00 0.70 ? 30 THR A HA   1 
ATOM 479  H HB   . THR A 1 30 ? -3.967  -10.910 -0.380  1.00 0.81 ? 30 THR A HB   1 
ATOM 480  H HG1  . THR A 1 30 ? -1.820  -10.291 -0.970  1.00 1.24 ? 30 THR A HG1  1 
ATOM 481  H HG21 . THR A 1 30 ? -5.023  -12.702 -1.594  1.00 1.31 ? 30 THR A HG21 1 
ATOM 482  H HG22 . THR A 1 30 ? -3.522  -13.339 -0.924  1.00 1.60 ? 30 THR A HG22 1 
ATOM 483  H HG23 . THR A 1 30 ? -3.611  -12.903 -2.631  1.00 1.35 ? 30 THR A HG23 1 
ATOM 484  N N    . SER A 1 31 ? -4.689  -8.065  -1.833  1.00 0.60 ? 31 SER A N    1 
ATOM 485  C CA   . SER A 1 31 ? -4.501  -6.640  -1.440  1.00 0.58 ? 31 SER A CA   1 
ATOM 486  C C    . SER A 1 31 ? -5.447  -6.280  -0.293  1.00 0.61 ? 31 SER A C    1 
ATOM 487  O O    . SER A 1 31 ? -6.409  -6.973  -0.025  1.00 0.71 ? 31 SER A O    1 
ATOM 488  C CB   . SER A 1 31 ? -4.795  -5.749  -2.648  1.00 0.63 ? 31 SER A CB   1 
ATOM 489  O OG   . SER A 1 31 ? -5.688  -4.707  -2.273  1.00 1.09 ? 31 SER A OG   1 
ATOM 490  H H    . SER A 1 31 ? -5.591  -8.421  -1.975  1.00 0.67 ? 31 SER A H    1 
ATOM 491  H HA   . SER A 1 31 ? -3.481  -6.487  -1.123  1.00 0.59 ? 31 SER A HA   1 
ATOM 492  H HB2  . SER A 1 31 ? -3.878  -5.316  -3.007  1.00 1.04 ? 31 SER A HB2  1 
ATOM 493  H HB3  . SER A 1 31 ? -5.236  -6.348  -3.435  1.00 0.84 ? 31 SER A HB3  1 
ATOM 494  H HG   . SER A 1 31 ? -5.167  -3.975  -1.936  1.00 1.31 ? 31 SER A HG   1 
ATOM 495  N N    . ARG A 1 32 ? -5.180  -5.194  0.382   1.00 0.58 ? 32 ARG A N    1 
ATOM 496  C CA   . ARG A 1 32 ? -6.066  -4.781  1.509   1.00 0.69 ? 32 ARG A CA   1 
ATOM 497  C C    . ARG A 1 32 ? -5.485  -3.547  2.208   1.00 0.63 ? 32 ARG A C    1 
ATOM 498  O O    . ARG A 1 32 ? -4.290  -3.328  2.208   1.00 0.67 ? 32 ARG A O    1 
ATOM 499  C CB   . ARG A 1 32 ? -6.171  -5.928  2.516   1.00 0.84 ? 32 ARG A CB   1 
ATOM 500  C CG   . ARG A 1 32 ? -7.643  -6.267  2.754   1.00 1.58 ? 32 ARG A CG   1 
ATOM 501  C CD   . ARG A 1 32 ? -7.743  -7.414  3.760   1.00 1.95 ? 32 ARG A CD   1 
ATOM 502  N NE   . ARG A 1 32 ? -7.251  -6.952  5.088   1.00 2.43 ? 32 ARG A NE   1 
ATOM 503  C CZ   . ARG A 1 32 ? -6.022  -7.201  5.451   1.00 2.90 ? 32 ARG A CZ   1 
ATOM 504  N NH1  . ARG A 1 32 ? -5.642  -8.431  5.662   1.00 3.49 ? 32 ARG A NH1  1 
ATOM 505  N NH2  . ARG A 1 32 ? -5.174  -6.221  5.600   1.00 3.30 ? 32 ARG A NH2  1 
ATOM 506  H H    . ARG A 1 32 ? -4.397  -4.650  0.142   1.00 0.53 ? 32 ARG A H    1 
ATOM 507  H HA   . ARG A 1 32 ? -7.049  -4.548  1.128   1.00 0.78 ? 32 ARG A HA   1 
ATOM 508  H HB2  . ARG A 1 32 ? -5.659  -6.795  2.127   1.00 1.42 ? 32 ARG A HB2  1 
ATOM 509  H HB3  . ARG A 1 32 ? -5.717  -5.629  3.448   1.00 1.35 ? 32 ARG A HB3  1 
ATOM 510  H HG2  . ARG A 1 32 ? -8.154  -5.398  3.145   1.00 2.16 ? 32 ARG A HG2  1 
ATOM 511  H HG3  . ARG A 1 32 ? -8.101  -6.565  1.823   1.00 2.18 ? 32 ARG A HG3  1 
ATOM 512  H HD2  . ARG A 1 32 ? -8.771  -7.730  3.847   1.00 2.36 ? 32 ARG A HD2  1 
ATOM 513  H HD3  . ARG A 1 32 ? -7.138  -8.242  3.421   1.00 2.34 ? 32 ARG A HD3  1 
ATOM 514  H HE   . ARG A 1 32 ? -7.849  -6.461  5.689   1.00 2.86 ? 32 ARG A HE   1 
ATOM 515  H HH11 . ARG A 1 32 ? -6.292  -9.182  5.545   1.00 3.65 ? 32 ARG A HH11 1 
ATOM 516  H HH12 . ARG A 1 32 ? -4.701  -8.622  5.941   1.00 4.04 ? 32 ARG A HH12 1 
ATOM 517  H HH21 . ARG A 1 32 ? -5.465  -5.278  5.435   1.00 3.37 ? 32 ARG A HH21 1 
ATOM 518  H HH22 . ARG A 1 32 ? -4.232  -6.411  5.876   1.00 3.83 ? 32 ARG A HH22 1 
ATOM 519  N N    . ILE A 1 33 ? -6.323  -2.742  2.809   1.00 0.71 ? 33 ILE A N    1 
ATOM 520  C CA   . ILE A 1 33 ? -5.814  -1.529  3.512   1.00 0.69 ? 33 ILE A CA   1 
ATOM 521  C C    . ILE A 1 33 ? -5.791  -1.791  5.019   1.00 0.78 ? 33 ILE A C    1 
ATOM 522  O O    . ILE A 1 33 ? -6.803  -2.081  5.626   1.00 0.93 ? 33 ILE A O    1 
ATOM 523  C CB   . ILE A 1 33 ? -6.725  -0.328  3.220   1.00 0.71 ? 33 ILE A CB   1 
ATOM 524  C CG1  . ILE A 1 33 ? -6.444  0.191   1.805   1.00 0.76 ? 33 ILE A CG1  1 
ATOM 525  C CG2  . ILE A 1 33 ? -6.447  0.787   4.240   1.00 0.72 ? 33 ILE A CG2  1 
ATOM 526  C CD1  . ILE A 1 33 ? -7.337  1.400   1.511   1.00 0.75 ? 33 ILE A CD1  1 
ATOM 527  H H    . ILE A 1 33 ? -7.283  -2.939  2.802   1.00 0.86 ? 33 ILE A H    1 
ATOM 528  H HA   . ILE A 1 33 ? -4.815  -1.312  3.171   1.00 0.67 ? 33 ILE A HA   1 
ATOM 529  H HB   . ILE A 1 33 ? -7.759  -0.635  3.295   1.00 0.78 ? 33 ILE A HB   1 
ATOM 530  H HG12 . ILE A 1 33 ? -5.406  0.483   1.730   1.00 0.90 ? 33 ILE A HG12 1 
ATOM 531  H HG13 . ILE A 1 33 ? -6.651  -0.589  1.089   1.00 0.85 ? 33 ILE A HG13 1 
ATOM 532  H HG21 . ILE A 1 33 ? -5.431  0.701   4.601   1.00 1.29 ? 33 ILE A HG21 1 
ATOM 533  H HG22 . ILE A 1 33 ? -7.130  0.693   5.073   1.00 1.16 ? 33 ILE A HG22 1 
ATOM 534  H HG23 . ILE A 1 33 ? -6.582  1.751   3.772   1.00 1.24 ? 33 ILE A HG23 1 
ATOM 535  H HD11 . ILE A 1 33 ? -6.947  2.267   2.020   1.00 1.21 ? 33 ILE A HD11 1 
ATOM 536  H HD12 . ILE A 1 33 ? -8.340  1.201   1.857   1.00 1.26 ? 33 ILE A HD12 1 
ATOM 537  H HD13 . ILE A 1 33 ? -7.355  1.585   0.446   1.00 1.35 ? 33 ILE A HD13 1 
ATOM 538  N N    . LEU A 1 34 ? -4.645  -1.678  5.627   1.00 0.88 ? 34 LEU A N    1 
ATOM 539  C CA   . LEU A 1 34 ? -4.559  -1.905  7.093   1.00 1.02 ? 34 LEU A CA   1 
ATOM 540  C C    . LEU A 1 34 ? -4.931  -0.613  7.824   1.00 0.86 ? 34 LEU A C    1 
ATOM 541  O O    . LEU A 1 34 ? -4.150  0.310   7.888   1.00 0.90 ? 34 LEU A O    1 
ATOM 542  C CB   . LEU A 1 34 ? -3.129  -2.300  7.463   1.00 1.29 ? 34 LEU A CB   1 
ATOM 543  C CG   . LEU A 1 34 ? -3.156  -3.549  8.342   1.00 1.49 ? 34 LEU A CG   1 
ATOM 544  C CD1  . LEU A 1 34 ? -1.807  -4.267  8.251   1.00 1.90 ? 34 LEU A CD1  1 
ATOM 545  C CD2  . LEU A 1 34 ? -3.419  -3.143  9.794   1.00 2.25 ? 34 LEU A CD2  1 
ATOM 546  H H    . LEU A 1 34 ? -3.844  -1.436  5.120   1.00 0.97 ? 34 LEU A H    1 
ATOM 547  H HA   . LEU A 1 34 ? -5.239  -2.694  7.379   1.00 1.20 ? 34 LEU A HA   1 
ATOM 548  H HB2  . LEU A 1 34 ? -2.567  -2.503  6.562   1.00 1.60 ? 34 LEU A HB2  1 
ATOM 549  H HB3  . LEU A 1 34 ? -2.661  -1.491  8.003   1.00 1.89 ? 34 LEU A HB3  1 
ATOM 550  H HG   . LEU A 1 34 ? -3.939  -4.211  8.004   1.00 2.12 ? 34 LEU A HG   1 
ATOM 551  H HD11 . LEU A 1 34 ? -1.276  -4.155  9.184   1.00 2.43 ? 34 LEU A HD11 1 
ATOM 552  H HD12 . LEU A 1 34 ? -1.224  -3.836  7.451   1.00 2.26 ? 34 LEU A HD12 1 
ATOM 553  H HD13 . LEU A 1 34 ? -1.971  -5.315  8.052   1.00 2.31 ? 34 LEU A HD13 1 
ATOM 554  H HD21 . LEU A 1 34 ? -4.336  -3.602  10.136  1.00 2.61 ? 34 LEU A HD21 1 
ATOM 555  H HD22 . LEU A 1 34 ? -3.511  -2.067  9.856   1.00 2.78 ? 34 LEU A HD22 1 
ATOM 556  H HD23 . LEU A 1 34 ? -2.600  -3.470  10.415  1.00 2.76 ? 34 LEU A HD23 1 
ATOM 557  N N    . LEU A 1 35 ? -6.120  -0.544  8.362   1.00 0.90 ? 35 LEU A N    1 
ATOM 558  C CA   . LEU A 1 35 ? -6.559  0.682   9.099   1.00 0.95 ? 35 LEU A CA   1 
ATOM 559  C C    . LEU A 1 35 ? -7.776  0.314   9.964   1.00 1.13 ? 35 LEU A C    1 
ATOM 560  O O    . LEU A 1 35 ? -8.869  0.165   9.453   1.00 1.68 ? 35 LEU A O    1 
ATOM 561  C CB   . LEU A 1 35 ? -6.963  1.769   8.087   1.00 1.38 ? 35 LEU A CB   1 
ATOM 562  C CG   . LEU A 1 35 ? -7.505  3.019   8.805   1.00 1.86 ? 35 LEU A CG   1 
ATOM 563  C CD1  . LEU A 1 35 ? -9.006  2.860   9.047   1.00 2.46 ? 35 LEU A CD1  1 
ATOM 564  C CD2  . LEU A 1 35 ? -6.795  3.230   10.150  1.00 2.17 ? 35 LEU A CD2  1 
ATOM 565  H H    . LEU A 1 35 ? -6.731  -1.307  8.286   1.00 1.02 ? 35 LEU A H    1 
ATOM 566  H HA   . LEU A 1 35 ? -5.745  1.044   9.723   1.00 0.91 ? 35 LEU A HA   1 
ATOM 567  H HB2  . LEU A 1 35 ? -6.106  2.042   7.491   1.00 1.94 ? 35 LEU A HB2  1 
ATOM 568  H HB3  . LEU A 1 35 ? -7.732  1.376   7.438   1.00 1.60 ? 35 LEU A HB3  1 
ATOM 569  H HG   . LEU A 1 35 ? -7.341  3.884   8.175   1.00 2.58 ? 35 LEU A HG   1 
ATOM 570  H HD11 . LEU A 1 35 ? -9.190  2.748   10.105  1.00 2.84 ? 35 LEU A HD11 1 
ATOM 571  H HD12 . LEU A 1 35 ? -9.363  1.987   8.523   1.00 2.90 ? 35 LEU A HD12 1 
ATOM 572  H HD13 . LEU A 1 35 ? -9.523  3.735   8.681   1.00 2.88 ? 35 LEU A HD13 1 
ATOM 573  H HD21 . LEU A 1 35 ? -7.316  3.990   10.715  1.00 2.22 ? 35 LEU A HD21 1 
ATOM 574  H HD22 . LEU A 1 35 ? -5.779  3.548   9.976   1.00 2.78 ? 35 LEU A HD22 1 
ATOM 575  H HD23 . LEU A 1 35 ? -6.793  2.307   10.709  1.00 2.62 ? 35 LEU A HD23 1 
ATOM 576  N N    . ASP A 1 36 ? -7.620  0.128   11.253  1.00 1.05 ? 36 ASP A N    1 
ATOM 577  C CA   . ASP A 1 36 ? -8.808  -0.268  12.070  1.00 1.43 ? 36 ASP A CA   1 
ATOM 578  C C    . ASP A 1 36 ? -9.042  0.656   13.271  1.00 1.64 ? 36 ASP A C    1 
ATOM 579  O O    . ASP A 1 36 ? -8.157  1.300   13.770  1.00 2.07 ? 36 ASP A O    1 
ATOM 580  C CB   . ASP A 1 36 ? -8.623  -1.703  12.570  1.00 1.88 ? 36 ASP A CB   1 
ATOM 581  C CG   . ASP A 1 36 ? -9.932  -2.203  13.183  1.00 2.41 ? 36 ASP A CG   1 
ATOM 582  O OD1  . ASP A 1 36 ? -10.962 -2.029  12.553  1.00 2.75 ? 36 ASP A OD1  1 
ATOM 583  O OD2  . ASP A 1 36 ? -9.882  -2.753  14.271  1.00 2.92 ? 36 ASP A OD2  1 
ATOM 584  H H    . ASP A 1 36 ? -6.742  0.215   11.665  1.00 1.08 ? 36 ASP A H    1 
ATOM 585  H HA   . ASP A 1 36 ? -9.668  -0.224  11.444  1.00 2.04 ? 36 ASP A HA   1 
ATOM 586  H HB2  . ASP A 1 36 ? -8.342  -2.340  11.746  1.00 2.32 ? 36 ASP A HB2  1 
ATOM 587  H HB3  . ASP A 1 36 ? -7.847  -1.724  13.321  1.00 1.93 ? 36 ASP A HB3  1 
ATOM 588  N N    . GLN A 1 37 ? -10.254 0.706   13.748  1.00 2.20 ? 37 GLN A N    1 
ATOM 589  C CA   . GLN A 1 37 ? -10.559 1.573   14.919  1.00 2.97 ? 37 GLN A CA   1 
ATOM 590  C C    . GLN A 1 37 ? -11.708 0.956   15.722  1.00 3.00 ? 37 GLN A C    1 
ATOM 591  O O    . GLN A 1 37 ? -12.765 1.540   15.854  1.00 3.60 ? 37 GLN A O    1 
ATOM 592  C CB   . GLN A 1 37 ? -10.968 2.964   14.431  1.00 3.89 ? 37 GLN A CB   1 
ATOM 593  C CG   . GLN A 1 37 ? -11.772 2.834   13.135  1.00 4.61 ? 37 GLN A CG   1 
ATOM 594  C CD   . GLN A 1 37 ? -13.041 3.681   13.236  1.00 5.47 ? 37 GLN A CD   1 
ATOM 595  O OE1  . GLN A 1 37 ? -14.099 3.178   13.559  1.00 5.91 ? 37 GLN A OE1  1 
ATOM 596  N NE2  . GLN A 1 37 ? -12.981 4.958   12.971  1.00 6.10 ? 37 GLN A NE2  1 
ATOM 597  H H    . GLN A 1 37 ? -10.964 0.168   13.339  1.00 2.48 ? 37 GLN A H    1 
ATOM 598  H HA   . GLN A 1 37 ? -9.683  1.654   15.547  1.00 3.20 ? 37 GLN A HA   1 
ATOM 599  H HB2  . GLN A 1 37 ? -11.573 3.447   15.184  1.00 4.19 ? 37 GLN A HB2  1 
ATOM 600  H HB3  . GLN A 1 37 ? -10.084 3.555   14.245  1.00 4.18 ? 37 GLN A HB3  1 
ATOM 601  H HG2  . GLN A 1 37 ? -11.173 3.177   12.304  1.00 4.79 ? 37 GLN A HG2  1 
ATOM 602  H HG3  . GLN A 1 37 ? -12.044 1.800   12.982  1.00 4.80 ? 37 GLN A HG3  1 
ATOM 603  H HE21 . GLN A 1 37 ? -12.127 5.364   12.710  1.00 6.05 ? 37 GLN A HE21 1 
ATOM 604  H HE22 . GLN A 1 37 ? -13.787 5.510   13.033  1.00 6.80 ? 37 GLN A HE22 1 
ATOM 605  N N    . ALA A 1 38 ? -11.513 -0.220  16.257  1.00 2.57 ? 38 ALA A N    1 
ATOM 606  C CA   . ALA A 1 38 ? -12.602 -0.863  17.046  1.00 2.83 ? 38 ALA A CA   1 
ATOM 607  C C    . ALA A 1 38 ? -12.112 -2.187  17.640  1.00 2.77 ? 38 ALA A C    1 
ATOM 608  O O    . ALA A 1 38 ? -12.388 -2.502  18.781  1.00 3.28 ? 38 ALA A O    1 
ATOM 609  C CB   . ALA A 1 38 ? -13.797 -1.133  16.130  1.00 3.19 ? 38 ALA A CB   1 
ATOM 610  H H    . ALA A 1 38 ? -10.654 -0.679  16.139  1.00 2.27 ? 38 ALA A H    1 
ATOM 611  H HA   . ALA A 1 38 ? -12.905 -0.202  17.844  1.00 3.18 ? 38 ALA A HA   1 
ATOM 612  H HB1  . ALA A 1 38 ? -13.493 -1.781  15.322  1.00 3.56 ? 38 ALA A HB1  1 
ATOM 613  H HB2  . ALA A 1 38 ? -14.160 -0.199  15.727  1.00 3.61 ? 38 ALA A HB2  1 
ATOM 614  H HB3  . ALA A 1 38 ? -14.584 -1.609  16.697  1.00 3.21 ? 38 ALA A HB3  1 
ATOM 615  N N    . THR A 1 39 ? -11.398 -2.974  16.879  1.00 2.56 ? 39 THR A N    1 
ATOM 616  C CA   . THR A 1 39 ? -10.909 -4.281  17.414  1.00 3.02 ? 39 THR A CA   1 
ATOM 617  C C    . THR A 1 39 ? -9.420  -4.458  17.097  1.00 2.98 ? 39 THR A C    1 
ATOM 618  O O    . THR A 1 39 ? -8.889  -5.549  17.161  1.00 3.47 ? 39 THR A O    1 
ATOM 619  C CB   . THR A 1 39 ? -11.703 -5.422  16.773  1.00 3.56 ? 39 THR A CB   1 
ATOM 620  O OG1  . THR A 1 39 ? -11.896 -5.145  15.393  1.00 3.54 ? 39 THR A OG1  1 
ATOM 621  C CG2  . THR A 1 39 ? -13.062 -5.554  17.463  1.00 3.99 ? 39 THR A CG2  1 
ATOM 622  H H    . THR A 1 39 ? -11.189 -2.712  15.959  1.00 2.41 ? 39 THR A H    1 
ATOM 623  H HA   . THR A 1 39 ? -11.052 -4.304  18.484  1.00 3.40 ? 39 THR A HA   1 
ATOM 624  H HB   . THR A 1 39 ? -11.158 -6.346  16.882  1.00 3.98 ? 39 THR A HB   1 
ATOM 625  H HG1  . THR A 1 39 ? -11.032 -5.044  14.987  1.00 3.72 ? 39 THR A HG1  1 
ATOM 626  H HG21 . THR A 1 39 ? -13.367 -4.590  17.844  1.00 4.24 ? 39 THR A HG21 1 
ATOM 627  H HG22 . THR A 1 39 ? -12.984 -6.255  18.280  1.00 4.38 ? 39 THR A HG22 1 
ATOM 628  H HG23 . THR A 1 39 ? -13.794 -5.908  16.753  1.00 4.09 ? 39 THR A HG23 1 
ATOM 629  N N    . GLY A 1 40 ? -8.739  -3.396  16.763  1.00 2.70 ? 40 GLY A N    1 
ATOM 630  C CA   . GLY A 1 40 ? -7.285  -3.508  16.450  1.00 3.04 ? 40 GLY A CA   1 
ATOM 631  C C    . GLY A 1 40 ? -6.623  -2.146  16.658  1.00 2.88 ? 40 GLY A C    1 
ATOM 632  O O    . GLY A 1 40 ? -6.442  -1.697  17.772  1.00 3.31 ? 40 GLY A O    1 
ATOM 633  H H    . GLY A 1 40 ? -9.185  -2.523  16.721  1.00 2.51 ? 40 GLY A H    1 
ATOM 634  H HA2  . GLY A 1 40 ? -6.830  -4.239  17.104  1.00 3.48 ? 40 GLY A HA2  1 
ATOM 635  H HA3  . GLY A 1 40 ? -7.159  -3.814  15.422  1.00 3.29 ? 40 GLY A HA3  1 
ATOM 636  N N    . VAL A 1 41 ? -6.282  -1.474  15.594  1.00 2.47 ? 41 VAL A N    1 
ATOM 637  C CA   . VAL A 1 41 ? -5.659  -0.132  15.727  1.00 2.56 ? 41 VAL A CA   1 
ATOM 638  C C    . VAL A 1 41 ? -5.839  0.586   14.415  1.00 1.97 ? 41 VAL A C    1 
ATOM 639  O O    . VAL A 1 41 ? -5.932  -0.027  13.380  1.00 1.81 ? 41 VAL A O    1 
ATOM 640  C CB   . VAL A 1 41 ? -4.172  -0.238  16.033  1.00 3.13 ? 41 VAL A CB   1 
ATOM 641  C CG1  . VAL A 1 41 ? -3.619  1.148   16.371  1.00 3.51 ? 41 VAL A CG1  1 
ATOM 642  C CG2  . VAL A 1 41 ? -3.970  -1.164  17.223  1.00 3.77 ? 41 VAL A CG2  1 
ATOM 643  H H    . VAL A 1 41 ? -6.456  -1.842  14.696  1.00 2.26 ? 41 VAL A H    1 
ATOM 644  H HA   . VAL A 1 41 ? -6.155  0.421   16.513  1.00 2.91 ? 41 VAL A HA   1 
ATOM 645  H HB   . VAL A 1 41 ? -3.659  -0.626  15.171  1.00 3.04 ? 41 VAL A HB   1 
ATOM 646  H HG11 . VAL A 1 41 ? -4.150  1.551   17.221  1.00 3.93 ? 41 VAL A HG11 1 
ATOM 647  H HG12 . VAL A 1 41 ? -3.746  1.804   15.523  1.00 3.75 ? 41 VAL A HG12 1 
ATOM 648  H HG13 . VAL A 1 41 ? -2.567  1.067   16.609  1.00 3.53 ? 41 VAL A HG13 1 
ATOM 649  H HG21 . VAL A 1 41 ? -2.926  -1.179  17.491  1.00 4.17 ? 41 VAL A HG21 1 
ATOM 650  H HG22 . VAL A 1 41 ? -4.295  -2.159  16.962  1.00 3.91 ? 41 VAL A HG22 1 
ATOM 651  H HG23 . VAL A 1 41 ? -4.552  -0.800  18.058  1.00 4.06 ? 41 VAL A HG23 1 
ATOM 652  N N    . SER A 1 42 ? -5.897  1.873   14.453  1.00 1.87 ? 42 SER A N    1 
ATOM 653  C CA   . SER A 1 42 ? -6.093  2.648   13.193  1.00 1.53 ? 42 SER A CA   1 
ATOM 654  C C    . SER A 1 42 ? -4.766  2.750   12.455  1.00 1.42 ? 42 SER A C    1 
ATOM 655  O O    . SER A 1 42 ? -3.950  3.608   12.728  1.00 1.78 ? 42 SER A O    1 
ATOM 656  C CB   . SER A 1 42 ? -6.604  4.050   13.526  1.00 2.02 ? 42 SER A CB   1 
ATOM 657  O OG   . SER A 1 42 ? -5.995  4.498   14.729  1.00 2.46 ? 42 SER A OG   1 
ATOM 658  H H    . SER A 1 42 ? -5.813  2.328   15.315  1.00 2.21 ? 42 SER A H    1 
ATOM 659  H HA   . SER A 1 42 ? -6.822  2.135   12.559  1.00 1.34 ? 42 SER A HA   1 
ATOM 660  H HB2  . SER A 1 42 ? -6.351  4.726   12.726  1.00 2.30 ? 42 SER A HB2  1 
ATOM 661  H HB3  . SER A 1 42 ? -7.680  4.022   13.643  1.00 2.30 ? 42 SER A HB3  1 
ATOM 662  H HG   . SER A 1 42 ? -6.675  4.903   15.273  1.00 2.66 ? 42 SER A HG   1 
ATOM 663  N N    . ARG A 1 43 ? -4.540  1.865   11.535  1.00 1.27 ? 43 ARG A N    1 
ATOM 664  C CA   . ARG A 1 43 ? -3.261  1.882   10.784  1.00 1.44 ? 43 ARG A CA   1 
ATOM 665  C C    . ARG A 1 43 ? -3.279  2.980   9.712   1.00 1.29 ? 43 ARG A C    1 
ATOM 666  O O    . ARG A 1 43 ? -2.523  3.928   9.781   1.00 1.60 ? 43 ARG A O    1 
ATOM 667  C CB   . ARG A 1 43 ? -3.033  0.518   10.135  1.00 1.71 ? 43 ARG A CB   1 
ATOM 668  C CG   . ARG A 1 43 ? -2.194  -0.359  11.067  1.00 2.28 ? 43 ARG A CG   1 
ATOM 669  C CD   . ARG A 1 43 ? -1.002  -0.928  10.296  1.00 2.71 ? 43 ARG A CD   1 
ATOM 670  N NE   . ARG A 1 43 ? -0.476  -2.127  11.007  1.00 3.34 ? 43 ARG A NE   1 
ATOM 671  C CZ   . ARG A 1 43 ? 0.789   -2.435  10.918  1.00 3.80 ? 43 ARG A CZ   1 
ATOM 672  N NH1  . ARG A 1 43 ? 1.696   -1.498  10.986  1.00 4.31 ? 43 ARG A NH1  1 
ATOM 673  N NH2  . ARG A 1 43 ? 1.148   -3.679  10.762  1.00 4.19 ? 43 ARG A NH2  1 
ATOM 674  H H    . ARG A 1 43 ? -5.203  1.175   11.357  1.00 1.34 ? 43 ARG A H    1 
ATOM 675  H HA   . ARG A 1 43 ? -2.470  2.077   11.468  1.00 1.68 ? 43 ARG A HA   1 
ATOM 676  H HB2  . ARG A 1 43 ? -3.986  0.042   9.954   1.00 1.70 ? 43 ARG A HB2  1 
ATOM 677  H HB3  . ARG A 1 43 ? -2.510  0.647   9.198   1.00 1.78 ? 43 ARG A HB3  1 
ATOM 678  H HG2  . ARG A 1 43 ? -1.838  0.237   11.896  1.00 2.60 ? 43 ARG A HG2  1 
ATOM 679  H HG3  . ARG A 1 43 ? -2.800  -1.171  11.440  1.00 2.78 ? 43 ARG A HG3  1 
ATOM 680  H HD2  . ARG A 1 43 ? -1.319  -1.209  9.302   1.00 3.07 ? 43 ARG A HD2  1 
ATOM 681  H HD3  . ARG A 1 43 ? -0.227  -0.180  10.228  1.00 2.92 ? 43 ARG A HD3  1 
ATOM 682  H HE   . ARG A 1 43 ? -1.080  -2.684  11.541  1.00 3.73 ? 43 ARG A HE   1 
ATOM 683  H HH11 . ARG A 1 43 ? 1.420   -0.543  11.106  1.00 4.44 ? 43 ARG A HH11 1 
ATOM 684  H HH12 . ARG A 1 43 ? 2.665   -1.734  10.920  1.00 4.82 ? 43 ARG A HH12 1 
ATOM 685  H HH21 . ARG A 1 43 ? 0.454   -4.397  10.710  1.00 4.22 ? 43 ARG A HH21 1 
ATOM 686  H HH22 . ARG A 1 43 ? 2.118   -3.915  10.693  1.00 4.72 ? 43 ARG A HH22 1 
ATOM 687  N N    . GLY A 1 44 ? -4.123  2.871   8.725   1.00 0.99 ? 44 GLY A N    1 
ATOM 688  C CA   . GLY A 1 44 ? -4.162  3.921   7.669   1.00 1.09 ? 44 GLY A CA   1 
ATOM 689  C C    . GLY A 1 44 ? -3.263  3.498   6.510   1.00 1.02 ? 44 GLY A C    1 
ATOM 690  O O    . GLY A 1 44 ? -3.317  4.058   5.434   1.00 1.14 ? 44 GLY A O    1 
ATOM 691  H H    . GLY A 1 44 ? -4.727  2.106   8.672   1.00 0.93 ? 44 GLY A H    1 
ATOM 692  H HA2  . GLY A 1 44 ? -5.177  4.042   7.317   1.00 1.19 ? 44 GLY A HA2  1 
ATOM 693  H HA3  . GLY A 1 44 ? -3.805  4.855   8.076   1.00 1.24 ? 44 GLY A HA3  1 
ATOM 694  N N    . VAL A 1 45 ? -2.438  2.509   6.720   1.00 0.90 ? 45 VAL A N    1 
ATOM 695  C CA   . VAL A 1 45 ? -1.542  2.047   5.627   1.00 0.85 ? 45 VAL A CA   1 
ATOM 696  C C    . VAL A 1 45 ? -2.284  1.030   4.765   1.00 0.80 ? 45 VAL A C    1 
ATOM 697  O O    . VAL A 1 45 ? -3.370  0.598   5.097   1.00 0.83 ? 45 VAL A O    1 
ATOM 698  C CB   . VAL A 1 45 ? -0.295  1.396   6.227   1.00 0.89 ? 45 VAL A CB   1 
ATOM 699  C CG1  . VAL A 1 45 ? 0.771   1.252   5.143   1.00 0.90 ? 45 VAL A CG1  1 
ATOM 700  C CG2  . VAL A 1 45 ? 0.246   2.275   7.357   1.00 1.00 ? 45 VAL A CG2  1 
ATOM 701  H H    . VAL A 1 45 ? -2.412  2.067   7.595   1.00 0.93 ? 45 VAL A H    1 
ATOM 702  H HA   . VAL A 1 45 ? -1.251  2.890   5.018   1.00 0.87 ? 45 VAL A HA   1 
ATOM 703  H HB   . VAL A 1 45 ? -0.546  0.420   6.614   1.00 0.88 ? 45 VAL A HB   1 
ATOM 704  H HG11 . VAL A 1 45 ? 1.733   1.108   5.604   1.00 1.33 ? 45 VAL A HG11 1 
ATOM 705  H HG12 . VAL A 1 45 ? 0.794   2.146   4.541   1.00 1.34 ? 45 VAL A HG12 1 
ATOM 706  H HG13 . VAL A 1 45 ? 0.539   0.401   4.518   1.00 1.42 ? 45 VAL A HG13 1 
ATOM 707  H HG21 . VAL A 1 45 ? 0.644   3.189   6.942   1.00 1.37 ? 45 VAL A HG21 1 
ATOM 708  H HG22 . VAL A 1 45 ? 1.028   1.747   7.881   1.00 1.43 ? 45 VAL A HG22 1 
ATOM 709  H HG23 . VAL A 1 45 ? -0.554  2.510   8.043   1.00 1.47 ? 45 VAL A HG23 1 
ATOM 710  N N    . GLY A 1 46 ? -1.713  0.643   3.661   1.00 0.77 ? 46 GLY A N    1 
ATOM 711  C CA   . GLY A 1 46 ? -2.390  -0.346  2.781   1.00 0.75 ? 46 GLY A CA   1 
ATOM 712  C C    . GLY A 1 46 ? -1.342  -1.181  2.051   1.00 0.69 ? 46 GLY A C    1 
ATOM 713  O O    . GLY A 1 46 ? -0.539  -0.667  1.302   1.00 0.81 ? 46 GLY A O    1 
ATOM 714  H H    . GLY A 1 46 ? -0.837  1.005   3.411   1.00 0.81 ? 46 GLY A H    1 
ATOM 715  H HA2  . GLY A 1 46 ? -3.009  -0.994  3.379   1.00 0.81 ? 46 GLY A HA2  1 
ATOM 716  H HA3  . GLY A 1 46 ? -3.001  0.171   2.057   1.00 0.77 ? 46 GLY A HA3  1 
ATOM 717  N N    . PHE A 1 47 ? -1.342  -2.466  2.262   1.00 0.64 ? 47 PHE A N    1 
ATOM 718  C CA   . PHE A 1 47 ? -0.341  -3.320  1.573   1.00 0.61 ? 47 PHE A CA   1 
ATOM 719  C C    . PHE A 1 47 ? -0.901  -3.786  0.233   1.00 0.53 ? 47 PHE A C    1 
ATOM 720  O O    . PHE A 1 47 ? -2.089  -3.745  -0.012  1.00 0.53 ? 47 PHE A O    1 
ATOM 721  C CB   . PHE A 1 47 ? -0.012  -4.548  2.421   1.00 0.71 ? 47 PHE A CB   1 
ATOM 722  C CG   . PHE A 1 47 ? 0.684   -4.122  3.690   1.00 0.79 ? 47 PHE A CG   1 
ATOM 723  C CD1  . PHE A 1 47 ? 0.007   -3.343  4.636   1.00 1.45 ? 47 PHE A CD1  1 
ATOM 724  C CD2  . PHE A 1 47 ? 2.010   -4.507  3.920   1.00 1.47 ? 47 PHE A CD2  1 
ATOM 725  C CE1  . PHE A 1 47 ? 0.658   -2.950  5.811   1.00 1.52 ? 47 PHE A CE1  1 
ATOM 726  C CE2  . PHE A 1 47 ? 2.661   -4.115  5.096   1.00 1.54 ? 47 PHE A CE2  1 
ATOM 727  C CZ   . PHE A 1 47 ? 1.983   -3.336  6.041   1.00 1.01 ? 47 PHE A CZ   1 
ATOM 728  H H    . PHE A 1 47 ? -1.998  -2.868  2.870   1.00 0.71 ? 47 PHE A H    1 
ATOM 729  H HA   . PHE A 1 47 ? 0.561   -2.751  1.404   1.00 0.61 ? 47 PHE A HA   1 
ATOM 730  H HB2  . PHE A 1 47 ? -0.922  -5.068  2.661   1.00 0.76 ? 47 PHE A HB2  1 
ATOM 731  H HB3  . PHE A 1 47 ? 0.636   -5.206  1.861   1.00 0.71 ? 47 PHE A HB3  1 
ATOM 732  H HD1  . PHE A 1 47 ? -1.016  -3.046  4.457   1.00 2.25 ? 47 PHE A HD1  1 
ATOM 733  H HD2  . PHE A 1 47 ? 2.532   -5.110  3.189   1.00 2.28 ? 47 PHE A HD2  1 
ATOM 734  H HE1  . PHE A 1 47 ? 0.137   -2.348  6.540   1.00 2.33 ? 47 PHE A HE1  1 
ATOM 735  H HE2  . PHE A 1 47 ? 3.684   -4.412  5.272   1.00 2.35 ? 47 PHE A HE2  1 
ATOM 736  H HZ   . PHE A 1 47 ? 2.484   -3.033  6.949   1.00 1.10 ? 47 PHE A HZ   1 
ATOM 737  N N    . ILE A 1 48 ? -0.037  -4.241  -0.620  1.00 0.51 ? 48 ILE A N    1 
ATOM 738  C CA   . ILE A 1 48 ? -0.463  -4.734  -1.958  1.00 0.46 ? 48 ILE A CA   1 
ATOM 739  C C    . ILE A 1 48 ? 0.531   -5.820  -2.384  1.00 0.50 ? 48 ILE A C    1 
ATOM 740  O O    . ILE A 1 48 ? 1.714   -5.566  -2.502  1.00 0.57 ? 48 ILE A O    1 
ATOM 741  C CB   . ILE A 1 48 ? -0.430  -3.568  -2.960  1.00 0.42 ? 48 ILE A CB   1 
ATOM 742  C CG1  . ILE A 1 48 ? -1.693  -2.707  -2.797  1.00 0.43 ? 48 ILE A CG1  1 
ATOM 743  C CG2  . ILE A 1 48 ? -0.344  -4.104  -4.391  1.00 0.42 ? 48 ILE A CG2  1 
ATOM 744  C CD1  . ILE A 1 48 ? -2.863  -3.311  -3.579  1.00 0.49 ? 48 ILE A CD1  1 
ATOM 745  H H    . ILE A 1 48 ? 0.910   -4.265  -0.371  1.00 0.55 ? 48 ILE A H    1 
ATOM 746  H HA   . ILE A 1 48 ? -1.465  -5.144  -1.895  1.00 0.48 ? 48 ILE A HA   1 
ATOM 747  H HB   . ILE A 1 48 ? 0.440   -2.959  -2.764  1.00 0.47 ? 48 ILE A HB   1 
ATOM 748  H HG12 . ILE A 1 48 ? -1.955  -2.656  -1.754  1.00 0.54 ? 48 ILE A HG12 1 
ATOM 749  H HG13 . ILE A 1 48 ? -1.495  -1.711  -3.165  1.00 0.47 ? 48 ILE A HG13 1 
ATOM 750  H HG21 . ILE A 1 48 ? -0.421  -3.283  -5.088  1.00 1.11 ? 48 ILE A HG21 1 
ATOM 751  H HG22 . ILE A 1 48 ? -1.153  -4.800  -4.562  1.00 1.09 ? 48 ILE A HG22 1 
ATOM 752  H HG23 . ILE A 1 48 ? 0.601   -4.608  -4.530  1.00 1.06 ? 48 ILE A HG23 1 
ATOM 753  H HD11 . ILE A 1 48 ? -2.606  -4.307  -3.903  1.00 1.21 ? 48 ILE A HD11 1 
ATOM 754  H HD12 . ILE A 1 48 ? -3.074  -2.695  -4.441  1.00 0.97 ? 48 ILE A HD12 1 
ATOM 755  H HD13 . ILE A 1 48 ? -3.735  -3.351  -2.946  1.00 1.23 ? 48 ILE A HD13 1 
ATOM 756  N N    . ARG A 1 49 ? 0.086   -7.030  -2.593  1.00 0.50 ? 49 ARG A N    1 
ATOM 757  C CA   . ARG A 1 49 ? 1.048   -8.100  -2.979  1.00 0.58 ? 49 ARG A CA   1 
ATOM 758  C C    . ARG A 1 49 ? 0.938   -8.413  -4.472  1.00 0.55 ? 49 ARG A C    1 
ATOM 759  O O    . ARG A 1 49 ? 0.037   -9.099  -4.906  1.00 0.57 ? 49 ARG A O    1 
ATOM 760  C CB   . ARG A 1 49 ? 0.746   -9.366  -2.173  1.00 0.68 ? 49 ARG A CB   1 
ATOM 761  C CG   . ARG A 1 49 ? 1.937   -10.323 -2.257  1.00 1.06 ? 49 ARG A CG   1 
ATOM 762  C CD   . ARG A 1 49 ? 1.568   -11.655 -1.604  1.00 1.24 ? 49 ARG A CD   1 
ATOM 763  N NE   . ARG A 1 49 ? 2.728   -12.585 -1.685  1.00 1.73 ? 49 ARG A NE   1 
ATOM 764  C CZ   . ARG A 1 49 ? 2.624   -13.700 -2.355  1.00 2.29 ? 49 ARG A CZ   1 
ATOM 765  N NH1  . ARG A 1 49 ? 2.234   -13.679 -3.600  1.00 2.81 ? 49 ARG A NH1  1 
ATOM 766  N NH2  . ARG A 1 49 ? 2.910   -14.835 -1.780  1.00 2.92 ? 49 ARG A NH2  1 
ATOM 767  H H    . ARG A 1 49 ? -0.866  -7.238  -2.479  1.00 0.50 ? 49 ARG A H    1 
ATOM 768  H HA   . ARG A 1 49 ? 2.052   -7.771  -2.756  1.00 0.61 ? 49 ARG A HA   1 
ATOM 769  H HB2  . ARG A 1 49 ? 0.568   -9.102  -1.141  1.00 1.09 ? 49 ARG A HB2  1 
ATOM 770  H HB3  . ARG A 1 49 ? -0.129  -9.851  -2.579  1.00 1.16 ? 49 ARG A HB3  1 
ATOM 771  H HG2  . ARG A 1 49 ? 2.195   -10.487 -3.294  1.00 1.57 ? 49 ARG A HG2  1 
ATOM 772  H HG3  . ARG A 1 49 ? 2.783   -9.892  -1.740  1.00 1.51 ? 49 ARG A HG3  1 
ATOM 773  H HD2  . ARG A 1 49 ? 1.311   -11.489 -0.568  1.00 1.50 ? 49 ARG A HD2  1 
ATOM 774  H HD3  . ARG A 1 49 ? 0.724   -12.086 -2.120  1.00 1.57 ? 49 ARG A HD3  1 
ATOM 775  H HE   . ARG A 1 49 ? 3.570   -12.360 -1.236  1.00 2.10 ? 49 ARG A HE   1 
ATOM 776  H HH11 . ARG A 1 49 ? 2.014   -12.808 -4.041  1.00 3.00 ? 49 ARG A HH11 1 
ATOM 777  H HH12 . ARG A 1 49 ? 2.157   -14.533 -4.114  1.00 3.35 ? 49 ARG A HH12 1 
ATOM 778  H HH21 . ARG A 1 49 ? 3.209   -14.851 -0.825  1.00 3.13 ? 49 ARG A HH21 1 
ATOM 779  H HH22 . ARG A 1 49 ? 2.826   -15.690 -2.291  1.00 3.49 ? 49 ARG A HH22 1 
ATOM 780  N N    . PHE A 1 50 ? 1.866   -7.936  -5.257  1.00 0.54 ? 50 PHE A N    1 
ATOM 781  C CA   . PHE A 1 50 ? 1.831   -8.229  -6.717  1.00 0.57 ? 50 PHE A CA   1 
ATOM 782  C C    . PHE A 1 50 ? 2.388   -9.633  -6.953  1.00 0.66 ? 50 PHE A C    1 
ATOM 783  O O    . PHE A 1 50 ? 3.143   -10.153 -6.154  1.00 0.76 ? 50 PHE A O    1 
ATOM 784  C CB   . PHE A 1 50 ? 2.697   -7.221  -7.477  1.00 0.58 ? 50 PHE A CB   1 
ATOM 785  C CG   . PHE A 1 50 ? 1.932   -5.936  -7.697  1.00 0.51 ? 50 PHE A CG   1 
ATOM 786  C CD1  . PHE A 1 50 ? 1.051   -5.826  -8.781  1.00 1.36 ? 50 PHE A CD1  1 
ATOM 787  C CD2  . PHE A 1 50 ? 2.113   -4.853  -6.829  1.00 1.18 ? 50 PHE A CD2  1 
ATOM 788  C CE1  . PHE A 1 50 ? 0.349   -4.634  -8.994  1.00 1.34 ? 50 PHE A CE1  1 
ATOM 789  C CE2  . PHE A 1 50 ? 1.412   -3.659  -7.044  1.00 1.17 ? 50 PHE A CE2  1 
ATOM 790  C CZ   . PHE A 1 50 ? 0.530   -3.550  -8.128  1.00 0.43 ? 50 PHE A CZ   1 
ATOM 791  H H    . PHE A 1 50 ? 2.596   -7.400  -4.883  1.00 0.55 ? 50 PHE A H    1 
ATOM 792  H HA   . PHE A 1 50 ? 0.813   -8.178  -7.075  1.00 0.55 ? 50 PHE A HA   1 
ATOM 793  H HB2  . PHE A 1 50 ? 3.589   -7.012  -6.905  1.00 0.60 ? 50 PHE A HB2  1 
ATOM 794  H HB3  . PHE A 1 50 ? 2.975   -7.639  -8.432  1.00 0.64 ? 50 PHE A HB3  1 
ATOM 795  H HD1  . PHE A 1 50 ? 0.912   -6.662  -9.449  1.00 2.24 ? 50 PHE A HD1  1 
ATOM 796  H HD2  . PHE A 1 50 ? 2.793   -4.937  -5.995  1.00 2.05 ? 50 PHE A HD2  1 
ATOM 797  H HE1  . PHE A 1 50 ? -0.331  -4.551  -9.829  1.00 2.22 ? 50 PHE A HE1  1 
ATOM 798  H HE2  . PHE A 1 50 ? 1.552   -2.824  -6.375  1.00 2.05 ? 50 PHE A HE2  1 
ATOM 799  H HZ   . PHE A 1 50 ? -0.009  -2.629  -8.297  1.00 0.43 ? 50 PHE A HZ   1 
ATOM 800  N N    . ASP A 1 51 ? 2.029   -10.249 -8.043  1.00 0.68 ? 51 ASP A N    1 
ATOM 801  C CA   . ASP A 1 51 ? 2.547   -11.614 -8.327  1.00 0.77 ? 51 ASP A CA   1 
ATOM 802  C C    . ASP A 1 51 ? 4.060   -11.541 -8.533  1.00 0.81 ? 51 ASP A C    1 
ATOM 803  O O    . ASP A 1 51 ? 4.817   -12.296 -7.956  1.00 0.89 ? 51 ASP A O    1 
ATOM 804  C CB   . ASP A 1 51 ? 1.886   -12.152 -9.596  1.00 0.81 ? 51 ASP A CB   1 
ATOM 805  C CG   . ASP A 1 51 ? 1.998   -13.676 -9.626  1.00 0.91 ? 51 ASP A CG   1 
ATOM 806  O OD1  . ASP A 1 51 ? 2.924   -14.194 -9.022  1.00 1.63 ? 51 ASP A OD1  1 
ATOM 807  O OD2  . ASP A 1 51 ? 1.158   -14.301 -10.253 1.00 1.21 ? 51 ASP A OD2  1 
ATOM 808  H H    . ASP A 1 51 ? 1.424   -9.811  -8.677  1.00 0.66 ? 51 ASP A H    1 
ATOM 809  H HA   . ASP A 1 51 ? 2.324   -12.268 -7.497  1.00 0.80 ? 51 ASP A HA   1 
ATOM 810  H HB2  . ASP A 1 51 ? 0.845   -11.865 -9.607  1.00 0.78 ? 51 ASP A HB2  1 
ATOM 811  H HB3  . ASP A 1 51 ? 2.381   -11.739 -10.461 1.00 0.82 ? 51 ASP A HB3  1 
ATOM 812  N N    . LYS A 1 52 ? 4.503   -10.633 -9.357  1.00 0.78 ? 52 LYS A N    1 
ATOM 813  C CA   . LYS A 1 52 ? 5.968   -10.502 -9.611  1.00 0.84 ? 52 LYS A CA   1 
ATOM 814  C C    . LYS A 1 52 ? 6.508   -9.248  -8.915  1.00 0.79 ? 52 LYS A C    1 
ATOM 815  O O    . LYS A 1 52 ? 5.803   -8.272  -8.730  1.00 0.72 ? 52 LYS A O    1 
ATOM 816  C CB   . LYS A 1 52 ? 6.217   -10.391 -11.117 1.00 0.90 ? 52 LYS A CB   1 
ATOM 817  C CG   . LYS A 1 52 ? 5.180   -11.227 -11.868 1.00 1.60 ? 52 LYS A CG   1 
ATOM 818  C CD   . LYS A 1 52 ? 5.355   -12.703 -11.500 1.00 1.96 ? 52 LYS A CD   1 
ATOM 819  C CE   . LYS A 1 52 ? 6.188   -13.401 -12.576 1.00 2.56 ? 52 LYS A CE   1 
ATOM 820  N NZ   . LYS A 1 52 ? 5.301   -14.258 -13.413 1.00 2.88 ? 52 LYS A NZ   1 
ATOM 821  H H    . LYS A 1 52 ? 3.870   -10.038 -9.812  1.00 0.74 ? 52 LYS A H    1 
ATOM 822  H HA   . LYS A 1 52 ? 6.477   -11.373 -9.228  1.00 0.91 ? 52 LYS A HA   1 
ATOM 823  H HB2  . LYS A 1 52 ? 6.135   -9.357  -11.420 1.00 1.33 ? 52 LYS A HB2  1 
ATOM 824  H HB3  . LYS A 1 52 ? 7.206   -10.757 -11.346 1.00 1.44 ? 52 LYS A HB3  1 
ATOM 825  H HG2  . LYS A 1 52 ? 4.187   -10.901 -11.594 1.00 2.24 ? 52 LYS A HG2  1 
ATOM 826  H HG3  . LYS A 1 52 ? 5.319   -11.104 -12.931 1.00 2.15 ? 52 LYS A HG3  1 
ATOM 827  H HD2  . LYS A 1 52 ? 5.860   -12.779 -10.549 1.00 2.27 ? 52 LYS A HD2  1 
ATOM 828  H HD3  . LYS A 1 52 ? 4.387   -13.176 -11.434 1.00 2.36 ? 52 LYS A HD3  1 
ATOM 829  H HE2  . LYS A 1 52 ? 6.667   -12.661 -13.200 1.00 3.03 ? 52 LYS A HE2  1 
ATOM 830  H HE3  . LYS A 1 52 ? 6.941   -14.017 -12.105 1.00 3.07 ? 52 LYS A HE3  1 
ATOM 831  H HZ1  . LYS A 1 52 ? 5.465   -14.051 -14.418 1.00 3.11 ? 52 LYS A HZ1  1 
ATOM 832  H HZ2  . LYS A 1 52 ? 4.306   -14.060 -13.176 1.00 3.36 ? 52 LYS A HZ2  1 
ATOM 833  H HZ3  . LYS A 1 52 ? 5.509   -15.259 -13.228 1.00 3.07 ? 52 LYS A HZ3  1 
ATOM 834  N N    . ARG A 1 53 ? 7.757   -9.264  -8.534  1.00 0.85 ? 53 ARG A N    1 
ATOM 835  C CA   . ARG A 1 53 ? 8.343   -8.073  -7.856  1.00 0.84 ? 53 ARG A CA   1 
ATOM 836  C C    . ARG A 1 53 ? 8.453   -6.924  -8.862  1.00 0.80 ? 53 ARG A C    1 
ATOM 837  O O    . ARG A 1 53 ? 8.452   -5.766  -8.498  1.00 0.76 ? 53 ARG A O    1 
ATOM 838  C CB   . ARG A 1 53 ? 9.733   -8.423  -7.312  1.00 0.95 ? 53 ARG A CB   1 
ATOM 839  C CG   . ARG A 1 53 ? 10.682  -8.732  -8.472  1.00 1.46 ? 53 ARG A CG   1 
ATOM 840  C CD   . ARG A 1 53 ? 10.970  -10.233 -8.512  1.00 1.97 ? 53 ARG A CD   1 
ATOM 841  N NE   . ARG A 1 53 ? 11.794  -10.614 -7.330  1.00 2.17 ? 53 ARG A NE   1 
ATOM 842  C CZ   . ARG A 1 53 ? 13.087  -10.430 -7.347  1.00 2.72 ? 53 ARG A CZ   1 
ATOM 843  N NH1  . ARG A 1 53 ? 13.807  -10.942 -8.307  1.00 3.10 ? 53 ARG A NH1  1 
ATOM 844  N NH2  . ARG A 1 53 ? 13.658  -9.732  -6.403  1.00 3.48 ? 53 ARG A NH2  1 
ATOM 845  H H    . ARG A 1 53 ? 8.310   -10.057 -8.697  1.00 0.93 ? 53 ARG A H    1 
ATOM 846  H HA   . ARG A 1 53 ? 7.702   -7.775  -7.040  1.00 0.80 ? 53 ARG A HA   1 
ATOM 847  H HB2  . ARG A 1 53 ? 10.117  -7.587  -6.745  1.00 1.28 ? 53 ARG A HB2  1 
ATOM 848  H HB3  . ARG A 1 53 ? 9.660   -9.289  -6.670  1.00 1.71 ? 53 ARG A HB3  1 
ATOM 849  H HG2  . ARG A 1 53 ? 10.225  -8.428  -9.402  1.00 2.15 ? 53 ARG A HG2  1 
ATOM 850  H HG3  . ARG A 1 53 ? 11.608  -8.194  -8.333  1.00 1.91 ? 53 ARG A HG3  1 
ATOM 851  H HD2  . ARG A 1 53 ? 10.038  -10.779 -8.492  1.00 2.37 ? 53 ARG A HD2  1 
ATOM 852  H HD3  . ARG A 1 53 ? 11.507  -10.473 -9.418  1.00 2.57 ? 53 ARG A HD3  1 
ATOM 853  H HE   . ARG A 1 53 ? 11.366  -11.003 -6.540  1.00 2.41 ? 53 ARG A HE   1 
ATOM 854  H HH11 . ARG A 1 53 ? 13.368  -11.475 -9.031  1.00 3.09 ? 53 ARG A HH11 1 
ATOM 855  H HH12 . ARG A 1 53 ? 14.797  -10.802 -8.319  1.00 3.75 ? 53 ARG A HH12 1 
ATOM 856  H HH21 . ARG A 1 53 ? 13.106  -9.340  -5.668  1.00 3.75 ? 53 ARG A HH21 1 
ATOM 857  H HH22 . ARG A 1 53 ? 14.647  -9.590  -6.416  1.00 4.07 ? 53 ARG A HH22 1 
ATOM 858  N N    . ILE A 1 54 ? 8.537   -7.238  -10.128 1.00 0.87 ? 54 ILE A N    1 
ATOM 859  C CA   . ILE A 1 54 ? 8.636   -6.164  -11.157 1.00 0.85 ? 54 ILE A CA   1 
ATOM 860  C C    . ILE A 1 54 ? 7.293   -5.447  -11.257 1.00 0.77 ? 54 ILE A C    1 
ATOM 861  O O    . ILE A 1 54 ? 7.223   -4.283  -11.593 1.00 0.76 ? 54 ILE A O    1 
ATOM 862  C CB   . ILE A 1 54 ? 8.989   -6.782  -12.510 1.00 0.94 ? 54 ILE A CB   1 
ATOM 863  C CG1  . ILE A 1 54 ? 10.451  -7.240  -12.491 1.00 1.04 ? 54 ILE A CG1  1 
ATOM 864  C CG2  . ILE A 1 54 ? 8.793   -5.743  -13.615 1.00 0.93 ? 54 ILE A CG2  1 
ATOM 865  C CD1  . ILE A 1 54 ? 11.373  -6.019  -12.553 1.00 1.07 ? 54 ILE A CD1  1 
ATOM 866  H H    . ILE A 1 54 ? 8.529   -8.179  -10.401 1.00 0.96 ? 54 ILE A H    1 
ATOM 867  H HA   . ILE A 1 54 ? 9.398   -5.455  -10.870 1.00 0.87 ? 54 ILE A HA   1 
ATOM 868  H HB   . ILE A 1 54 ? 8.347   -7.630  -12.696 1.00 0.95 ? 54 ILE A HB   1 
ATOM 869  H HG12 . ILE A 1 54 ? 10.643  -7.790  -11.581 1.00 1.05 ? 54 ILE A HG12 1 
ATOM 870  H HG13 . ILE A 1 54 ? 10.639  -7.875  -13.343 1.00 1.14 ? 54 ILE A HG13 1 
ATOM 871  H HG21 . ILE A 1 54 ? 9.327   -6.055  -14.501 1.00 1.31 ? 54 ILE A HG21 1 
ATOM 872  H HG22 . ILE A 1 54 ? 9.173   -4.788  -13.283 1.00 1.32 ? 54 ILE A HG22 1 
ATOM 873  H HG23 . ILE A 1 54 ? 7.740   -5.653  -13.841 1.00 1.39 ? 54 ILE A HG23 1 
ATOM 874  H HD11 . ILE A 1 54 ? 11.181  -5.468  -13.462 1.00 1.56 ? 54 ILE A HD11 1 
ATOM 875  H HD12 . ILE A 1 54 ? 12.403  -6.346  -12.540 1.00 1.36 ? 54 ILE A HD12 1 
ATOM 876  H HD13 . ILE A 1 54 ? 11.186  -5.383  -11.700 1.00 1.51 ? 54 ILE A HD13 1 
ATOM 877  N N    . GLU A 1 55 ? 6.224   -6.128  -10.957 1.00 0.74 ? 55 GLU A N    1 
ATOM 878  C CA   . GLU A 1 55 ? 4.893   -5.473  -11.024 1.00 0.69 ? 55 GLU A CA   1 
ATOM 879  C C    . GLU A 1 55 ? 4.752   -4.527  -9.831  1.00 0.61 ? 55 GLU A C    1 
ATOM 880  O O    . GLU A 1 55 ? 4.126   -3.489  -9.916  1.00 0.61 ? 55 GLU A O    1 
ATOM 881  C CB   . GLU A 1 55 ? 3.796   -6.535  -10.973 1.00 0.72 ? 55 GLU A CB   1 
ATOM 882  C CG   . GLU A 1 55 ? 2.482   -5.932  -11.468 1.00 0.74 ? 55 GLU A CG   1 
ATOM 883  C CD   . GLU A 1 55 ? 2.634   -5.511  -12.931 1.00 1.27 ? 55 GLU A CD   1 
ATOM 884  O OE1  . GLU A 1 55 ? 2.661   -6.388  -13.780 1.00 1.90 ? 55 GLU A OE1  1 
ATOM 885  O OE2  . GLU A 1 55 ? 2.720   -4.320  -13.179 1.00 1.82 ? 55 GLU A OE2  1 
ATOM 886  H H    . GLU A 1 55 ? 6.298   -7.066  -10.681 1.00 0.77 ? 55 GLU A H    1 
ATOM 887  H HA   . GLU A 1 55 ? 4.812   -4.911  -11.942 1.00 0.73 ? 55 GLU A HA   1 
ATOM 888  H HB2  . GLU A 1 55 ? 4.072   -7.369  -11.604 1.00 0.80 ? 55 GLU A HB2  1 
ATOM 889  H HB3  . GLU A 1 55 ? 3.672   -6.877  -9.958  1.00 0.68 ? 55 GLU A HB3  1 
ATOM 890  H HG2  . GLU A 1 55 ? 1.693   -6.666  -11.383 1.00 0.86 ? 55 GLU A HG2  1 
ATOM 891  H HG3  . GLU A 1 55 ? 2.235   -5.067  -10.871 1.00 0.83 ? 55 GLU A HG3  1 
ATOM 892  N N    . ALA A 1 56 ? 5.341   -4.877  -8.718  1.00 0.60 ? 56 ALA A N    1 
ATOM 893  C CA   . ALA A 1 56 ? 5.253   -3.999  -7.514  1.00 0.56 ? 56 ALA A CA   1 
ATOM 894  C C    . ALA A 1 56 ? 6.315   -2.903  -7.599  1.00 0.61 ? 56 ALA A C    1 
ATOM 895  O O    . ALA A 1 56 ? 6.201   -1.870  -6.973  1.00 0.61 ? 56 ALA A O    1 
ATOM 896  C CB   . ALA A 1 56 ? 5.486   -4.833  -6.255  1.00 0.58 ? 56 ALA A CB   1 
ATOM 897  H H    . ALA A 1 56 ? 5.843   -5.719  -8.675  1.00 0.65 ? 56 ALA A H    1 
ATOM 898  H HA   . ALA A 1 56 ? 4.275   -3.542  -7.469  1.00 0.52 ? 56 ALA A HA   1 
ATOM 899  H HB1  . ALA A 1 56 ? 4.817   -5.680  -6.254  1.00 1.16 ? 56 ALA A HB1  1 
ATOM 900  H HB2  . ALA A 1 56 ? 5.301   -4.226  -5.380  1.00 1.15 ? 56 ALA A HB2  1 
ATOM 901  H HB3  . ALA A 1 56 ? 6.508   -5.183  -6.241  1.00 1.16 ? 56 ALA A HB3  1 
ATOM 902  N N    . GLU A 1 57 ? 7.343   -3.113  -8.372  1.00 0.69 ? 57 GLU A N    1 
ATOM 903  C CA   . GLU A 1 57 ? 8.398   -2.070  -8.494  1.00 0.76 ? 57 GLU A CA   1 
ATOM 904  C C    . GLU A 1 57 ? 7.927   -1.007  -9.485  1.00 0.75 ? 57 GLU A C    1 
ATOM 905  O O    . GLU A 1 57 ? 7.871   0.168   -9.175  1.00 0.77 ? 57 GLU A O    1 
ATOM 906  C CB   . GLU A 1 57 ? 9.695   -2.707  -9.003  1.00 0.87 ? 57 GLU A CB   1 
ATOM 907  C CG   . GLU A 1 57 ? 10.770  -2.625  -7.918  1.00 1.12 ? 57 GLU A CG   1 
ATOM 908  C CD   . GLU A 1 57 ? 12.126  -3.009  -8.512  1.00 1.32 ? 57 GLU A CD   1 
ATOM 909  O OE1  . GLU A 1 57 ? 12.776  -2.139  -9.068  1.00 1.85 ? 57 GLU A OE1  1 
ATOM 910  O OE2  . GLU A 1 57 ? 12.494  -4.167  -8.401  1.00 1.89 ? 57 GLU A OE2  1 
ATOM 911  H H    . GLU A 1 57 ? 7.418   -3.951  -8.874  1.00 0.71 ? 57 GLU A H    1 
ATOM 912  H HA   . GLU A 1 57 ? 8.569   -1.615  -7.531  1.00 0.77 ? 57 GLU A HA   1 
ATOM 913  H HB2  . GLU A 1 57 ? 9.513   -3.742  -9.252  1.00 1.15 ? 57 GLU A HB2  1 
ATOM 914  H HB3  . GLU A 1 57 ? 10.034  -2.179  -9.883  1.00 1.13 ? 57 GLU A HB3  1 
ATOM 915  H HG2  . GLU A 1 57 ? 10.817  -1.616  -7.533  1.00 1.63 ? 57 GLU A HG2  1 
ATOM 916  H HG3  . GLU A 1 57 ? 10.525  -3.305  -7.116  1.00 1.55 ? 57 GLU A HG3  1 
ATOM 917  N N    . GLU A 1 58 ? 7.580   -1.412  -10.675 1.00 0.74 ? 58 GLU A N    1 
ATOM 918  C CA   . GLU A 1 58 ? 7.102   -0.430  -11.689 1.00 0.77 ? 58 GLU A CA   1 
ATOM 919  C C    . GLU A 1 58 ? 5.893   0.329   -11.135 1.00 0.71 ? 58 GLU A C    1 
ATOM 920  O O    . GLU A 1 58 ? 5.709   1.500   -11.400 1.00 0.75 ? 58 GLU A O    1 
ATOM 921  C CB   . GLU A 1 58 ? 6.698   -1.174  -12.965 1.00 0.80 ? 58 GLU A CB   1 
ATOM 922  C CG   . GLU A 1 58 ? 7.922   -1.347  -13.867 1.00 1.44 ? 58 GLU A CG   1 
ATOM 923  C CD   . GLU A 1 58 ? 7.944   -0.236  -14.918 1.00 2.03 ? 58 GLU A CD   1 
ATOM 924  O OE1  . GLU A 1 58 ? 7.260   -0.379  -15.918 1.00 2.72 ? 58 GLU A OE1  1 
ATOM 925  O OE2  . GLU A 1 58 ? 8.646   0.739   -14.706 1.00 2.54 ? 58 GLU A OE2  1 
ATOM 926  H H    . GLU A 1 58 ? 7.630   -2.365  -10.901 1.00 0.75 ? 58 GLU A H    1 
ATOM 927  H HA   . GLU A 1 58 ? 7.894   0.268   -11.914 1.00 0.83 ? 58 GLU A HA   1 
ATOM 928  H HB2  . GLU A 1 58 ? 6.302   -2.144  -12.705 1.00 0.82 ? 58 GLU A HB2  1 
ATOM 929  H HB3  . GLU A 1 58 ? 5.945   -0.605  -13.489 1.00 1.03 ? 58 GLU A HB3  1 
ATOM 930  H HG2  . GLU A 1 58 ? 8.820   -1.294  -13.267 1.00 2.06 ? 58 GLU A HG2  1 
ATOM 931  H HG3  . GLU A 1 58 ? 7.873   -2.305  -14.360 1.00 1.83 ? 58 GLU A HG3  1 
ATOM 932  N N    . ALA A 1 59 ? 5.062   -0.329  -10.369 1.00 0.65 ? 59 ALA A N    1 
ATOM 933  C CA   . ALA A 1 59 ? 3.865   0.357   -9.802  1.00 0.63 ? 59 ALA A CA   1 
ATOM 934  C C    . ALA A 1 59 ? 4.295   1.281   -8.663  1.00 0.63 ? 59 ALA A C    1 
ATOM 935  O O    . ALA A 1 59 ? 3.920   2.435   -8.611  1.00 0.69 ? 59 ALA A O    1 
ATOM 936  C CB   . ALA A 1 59 ? 2.883   -0.686  -9.265  1.00 0.57 ? 59 ALA A CB   1 
ATOM 937  H H    . ALA A 1 59 ? 5.226   -1.274  -10.167 1.00 0.66 ? 59 ALA A H    1 
ATOM 938  H HA   . ALA A 1 59 ? 3.385   0.939   -10.575 1.00 0.68 ? 59 ALA A HA   1 
ATOM 939  H HB1  . ALA A 1 59 ? 2.471   -0.342  -8.327  1.00 1.00 ? 59 ALA A HB1  1 
ATOM 940  H HB2  . ALA A 1 59 ? 3.400   -1.621  -9.110  1.00 1.22 ? 59 ALA A HB2  1 
ATOM 941  H HB3  . ALA A 1 59 ? 2.084   -0.829  -9.977  1.00 1.14 ? 59 ALA A HB3  1 
ATOM 942  N N    . ILE A 1 60 ? 5.074   0.781   -7.745  1.00 0.61 ? 60 ILE A N    1 
ATOM 943  C CA   . ILE A 1 60 ? 5.522   1.634   -6.608  1.00 0.66 ? 60 ILE A CA   1 
ATOM 944  C C    . ILE A 1 60 ? 6.016   2.985   -7.140  1.00 0.73 ? 60 ILE A C    1 
ATOM 945  O O    . ILE A 1 60 ? 6.021   3.973   -6.433  1.00 0.83 ? 60 ILE A O    1 
ATOM 946  C CB   . ILE A 1 60 ? 6.658   0.927   -5.855  1.00 0.69 ? 60 ILE A CB   1 
ATOM 947  C CG1  . ILE A 1 60 ? 6.069   -0.158  -4.951  1.00 0.69 ? 60 ILE A CG1  1 
ATOM 948  C CG2  . ILE A 1 60 ? 7.422   1.937   -4.994  1.00 0.80 ? 60 ILE A CG2  1 
ATOM 949  C CD1  . ILE A 1 60 ? 7.174   -1.129  -4.534  1.00 0.85 ? 60 ILE A CD1  1 
ATOM 950  H H    . ILE A 1 60 ? 5.363   -0.156  -7.801  1.00 0.61 ? 60 ILE A H    1 
ATOM 951  H HA   . ILE A 1 60 ? 4.694   1.797   -5.935  1.00 0.67 ? 60 ILE A HA   1 
ATOM 952  H HB   . ILE A 1 60 ? 7.334   0.476   -6.567  1.00 0.70 ? 60 ILE A HB   1 
ATOM 953  H HG12 . ILE A 1 60 ? 5.642   0.302   -4.071  1.00 0.77 ? 60 ILE A HG12 1 
ATOM 954  H HG13 . ILE A 1 60 ? 5.301   -0.696  -5.485  1.00 0.60 ? 60 ILE A HG13 1 
ATOM 955  H HG21 . ILE A 1 60 ? 8.341   2.211   -5.492  1.00 1.21 ? 60 ILE A HG21 1 
ATOM 956  H HG22 . ILE A 1 60 ? 7.650   1.493   -4.037  1.00 1.31 ? 60 ILE A HG22 1 
ATOM 957  H HG23 . ILE A 1 60 ? 6.815   2.817   -4.848  1.00 1.30 ? 60 ILE A HG23 1 
ATOM 958  H HD11 . ILE A 1 60 ? 7.029   -2.076  -5.033  1.00 1.52 ? 60 ILE A HD11 1 
ATOM 959  H HD12 . ILE A 1 60 ? 7.138   -1.277  -3.464  1.00 1.05 ? 60 ILE A HD12 1 
ATOM 960  H HD13 . ILE A 1 60 ? 8.136   -0.722  -4.808  1.00 1.34 ? 60 ILE A HD13 1 
ATOM 961  N N    . LYS A 1 61 ? 6.442   3.037   -8.373  1.00 0.79 ? 61 LYS A N    1 
ATOM 962  C CA   . LYS A 1 61 ? 6.943   4.327   -8.930  1.00 0.88 ? 61 LYS A CA   1 
ATOM 963  C C    . LYS A 1 61 ? 5.789   5.129   -9.541  1.00 0.90 ? 61 LYS A C    1 
ATOM 964  O O    . LYS A 1 61 ? 5.777   6.343   -9.498  1.00 1.04 ? 61 LYS A O    1 
ATOM 965  C CB   . LYS A 1 61 ? 7.989   4.041   -10.010 1.00 0.99 ? 61 LYS A CB   1 
ATOM 966  C CG   . LYS A 1 61 ? 9.390   4.179   -9.411  1.00 1.42 ? 61 LYS A CG   1 
ATOM 967  C CD   . LYS A 1 61 ? 10.367  4.644   -10.494 1.00 1.93 ? 61 LYS A CD   1 
ATOM 968  C CE   . LYS A 1 61 ? 11.782  4.185   -10.138 1.00 2.46 ? 61 LYS A CE   1 
ATOM 969  N NZ   . LYS A 1 61 ? 12.750  5.274   -10.445 1.00 2.95 ? 61 LYS A NZ   1 
ATOM 970  H H    . LYS A 1 61 ? 6.440   2.228   -8.929  1.00 0.83 ? 61 LYS A H    1 
ATOM 971  H HA   . LYS A 1 61 ? 7.398   4.904   -8.138  1.00 0.94 ? 61 LYS A HA   1 
ATOM 972  H HB2  . LYS A 1 61 ? 7.854   3.037   -10.385 1.00 1.25 ? 61 LYS A HB2  1 
ATOM 973  H HB3  . LYS A 1 61 ? 7.875   4.747   -10.818 1.00 1.40 ? 61 LYS A HB3  1 
ATOM 974  H HG2  . LYS A 1 61 ? 9.369   4.904   -8.609  1.00 1.93 ? 61 LYS A HG2  1 
ATOM 975  H HG3  . LYS A 1 61 ? 9.712   3.223   -9.024  1.00 1.89 ? 61 LYS A HG3  1 
ATOM 976  H HD2  . LYS A 1 61 ? 10.077  4.219   -11.444 1.00 2.41 ? 61 LYS A HD2  1 
ATOM 977  H HD3  . LYS A 1 61 ? 10.346  5.721   -10.559 1.00 2.31 ? 61 LYS A HD3  1 
ATOM 978  H HE2  . LYS A 1 61 ? 11.829  3.947   -9.086  1.00 2.77 ? 61 LYS A HE2  1 
ATOM 979  H HE3  . LYS A 1 61 ? 12.031  3.307   -10.717 1.00 2.95 ? 61 LYS A HE3  1 
ATOM 980  H HZ1  . LYS A 1 61 ? 12.383  5.857   -11.223 1.00 3.21 ? 61 LYS A HZ1  1 
ATOM 981  H HZ2  . LYS A 1 61 ? 13.663  4.857   -10.724 1.00 3.33 ? 61 LYS A HZ2  1 
ATOM 982  H HZ3  . LYS A 1 61 ? 12.882  5.868   -9.604  1.00 3.27 ? 61 LYS A HZ3  1 
ATOM 983  N N    . GLY A 1 62 ? 4.825   4.466   -10.119 1.00 0.88 ? 62 GLY A N    1 
ATOM 984  C CA   . GLY A 1 62 ? 3.687   5.202   -10.741 1.00 0.98 ? 62 GLY A CA   1 
ATOM 985  C C    . GLY A 1 62 ? 2.615   5.515   -9.692  1.00 0.87 ? 62 GLY A C    1 
ATOM 986  O O    . GLY A 1 62 ? 1.538   5.973   -10.019 1.00 0.95 ? 62 GLY A O    1 
ATOM 987  H H    . GLY A 1 62 ? 4.855   3.487   -10.155 1.00 0.87 ? 62 GLY A H    1 
ATOM 988  H HA2  . GLY A 1 62 ? 4.050   6.126   -11.168 1.00 1.10 ? 62 GLY A HA2  1 
ATOM 989  H HA3  . GLY A 1 62 ? 3.252   4.596   -11.521 1.00 1.09 ? 62 GLY A HA3  1 
ATOM 990  N N    . LEU A 1 63 ? 2.891   5.276   -8.437  1.00 0.77 ? 63 LEU A N    1 
ATOM 991  C CA   . LEU A 1 63 ? 1.868   5.569   -7.390  1.00 0.74 ? 63 LEU A CA   1 
ATOM 992  C C    . LEU A 1 63 ? 2.511   6.319   -6.220  1.00 0.78 ? 63 LEU A C    1 
ATOM 993  O O    . LEU A 1 63 ? 1.981   7.303   -5.742  1.00 0.93 ? 63 LEU A O    1 
ATOM 994  C CB   . LEU A 1 63 ? 1.266   4.258   -6.879  1.00 0.70 ? 63 LEU A CB   1 
ATOM 995  C CG   . LEU A 1 63 ? 0.215   3.744   -7.870  1.00 0.78 ? 63 LEU A CG   1 
ATOM 996  C CD1  . LEU A 1 63 ? -0.561  2.585   -7.242  1.00 0.82 ? 63 LEU A CD1  1 
ATOM 997  C CD2  . LEU A 1 63 ? -0.763  4.870   -8.215  1.00 0.89 ? 63 LEU A CD2  1 
ATOM 998  H H    . LEU A 1 63 ? 3.764   4.906   -8.186  1.00 0.78 ? 63 LEU A H    1 
ATOM 999  H HA   . LEU A 1 63 ? 1.088   6.182   -7.815  1.00 0.81 ? 63 LEU A HA   1 
ATOM 1000 H HB2  . LEU A 1 63 ? 2.054   3.526   -6.770  1.00 0.68 ? 63 LEU A HB2  1 
ATOM 1001 H HB3  . LEU A 1 63 ? 0.801   4.428   -5.919  1.00 0.74 ? 63 LEU A HB3  1 
ATOM 1002 H HG   . LEU A 1 63 ? 0.707   3.402   -8.770  1.00 0.82 ? 63 LEU A HG   1 
ATOM 1003 H HD11 . LEU A 1 63 ? -1.516  2.480   -7.738  1.00 1.33 ? 63 LEU A HD11 1 
ATOM 1004 H HD12 . LEU A 1 63 ? -0.721  2.785   -6.193  1.00 1.24 ? 63 LEU A HD12 1 
ATOM 1005 H HD13 . LEU A 1 63 ? 0.003   1.670   -7.352  1.00 1.37 ? 63 LEU A HD13 1 
ATOM 1006 H HD21 . LEU A 1 63 ? -0.942  5.473   -7.337  1.00 1.30 ? 63 LEU A HD21 1 
ATOM 1007 H HD22 . LEU A 1 63 ? -1.696  4.445   -8.555  1.00 1.45 ? 63 LEU A HD22 1 
ATOM 1008 H HD23 . LEU A 1 63 ? -0.343  5.486   -8.996  1.00 1.36 ? 63 LEU A HD23 1 
ATOM 1009 N N    . ASN A 1 64 ? 3.641   5.857   -5.751  1.00 0.75 ? 64 ASN A N    1 
ATOM 1010 C CA   . ASN A 1 64 ? 4.319   6.537   -4.601  1.00 0.85 ? 64 ASN A CA   1 
ATOM 1011 C C    . ASN A 1 64 ? 4.190   8.056   -4.752  1.00 1.05 ? 64 ASN A C    1 
ATOM 1012 O O    . ASN A 1 64 ? 4.368   8.596   -5.825  1.00 1.30 ? 64 ASN A O    1 
ATOM 1013 C CB   . ASN A 1 64 ? 5.804   6.152   -4.589  1.00 1.06 ? 64 ASN A CB   1 
ATOM 1014 C CG   . ASN A 1 64 ? 6.577   7.093   -3.661  1.00 1.64 ? 64 ASN A CG   1 
ATOM 1015 O OD1  . ASN A 1 64 ? 6.796   6.783   -2.507  1.00 2.43 ? 64 ASN A OD1  1 
ATOM 1016 N ND2  . ASN A 1 64 ? 7.002   8.237   -4.122  1.00 2.13 ? 64 ASN A ND2  1 
ATOM 1017 H H    . ASN A 1 64 ? 4.040   5.054   -6.150  1.00 0.74 ? 64 ASN A H    1 
ATOM 1018 H HA   . ASN A 1 64 ? 3.858   6.226   -3.676  1.00 0.91 ? 64 ASN A HA   1 
ATOM 1019 H HB2  . ASN A 1 64 ? 5.911   5.136   -4.239  1.00 1.38 ? 64 ASN A HB2  1 
ATOM 1020 H HB3  . ASN A 1 64 ? 6.203   6.229   -5.589  1.00 1.50 ? 64 ASN A HB3  1 
ATOM 1021 H HD21 . ASN A 1 64 ? 6.825   8.488   -5.051  1.00 2.31 ? 64 ASN A HD21 1 
ATOM 1022 H HD22 . ASN A 1 64 ? 7.503   8.844   -3.538  1.00 2.77 ? 64 ASN A HD22 1 
ATOM 1023 N N    . GLY A 1 65 ? 3.877   8.753   -3.687  1.00 1.14 ? 65 GLY A N    1 
ATOM 1024 C CA   . GLY A 1 65 ? 3.736   10.233  -3.790  1.00 1.53 ? 65 GLY A CA   1 
ATOM 1025 C C    . GLY A 1 65 ? 4.919   10.910  -3.097  1.00 1.29 ? 65 GLY A C    1 
ATOM 1026 O O    . GLY A 1 65 ? 5.954   11.128  -3.693  1.00 2.07 ? 65 GLY A O    1 
ATOM 1027 H H    . GLY A 1 65 ? 3.732   8.304   -2.822  1.00 1.07 ? 65 GLY A H    1 
ATOM 1028 H HA2  . GLY A 1 65 ? 3.714   10.519  -4.831  1.00 1.93 ? 65 GLY A HA2  1 
ATOM 1029 H HA3  . GLY A 1 65 ? 2.818   10.542  -3.313  1.00 1.94 ? 65 GLY A HA3  1 
ATOM 1030 N N    . GLN A 1 66 ? 4.773   11.247  -1.846  1.00 1.08 ? 66 GLN A N    1 
ATOM 1031 C CA   . GLN A 1 66 ? 5.899   11.914  -1.124  1.00 1.51 ? 66 GLN A CA   1 
ATOM 1032 C C    . GLN A 1 66 ? 5.709   11.782  0.390   1.00 1.60 ? 66 GLN A C    1 
ATOM 1033 O O    . GLN A 1 66 ? 4.696   11.306  0.862   1.00 2.16 ? 66 GLN A O    1 
ATOM 1034 C CB   . GLN A 1 66 ? 5.948   13.396  -1.507  1.00 2.55 ? 66 GLN A CB   1 
ATOM 1035 C CG   . GLN A 1 66 ? 4.529   13.968  -1.532  1.00 3.22 ? 66 GLN A CG   1 
ATOM 1036 C CD   . GLN A 1 66 ? 4.571   15.449  -1.150  1.00 4.11 ? 66 GLN A CD   1 
ATOM 1037 O OE1  . GLN A 1 66 ? 3.586   16.003  -0.708  1.00 4.69 ? 66 GLN A OE1  1 
ATOM 1038 N NE2  . GLN A 1 66 ? 5.683   16.118  -1.302  1.00 4.64 ? 66 GLN A NE2  1 
ATOM 1039 H H    . GLN A 1 66 ? 3.927   11.061  -1.383  1.00 1.46 ? 66 GLN A H    1 
ATOM 1040 H HA   . GLN A 1 66 ? 6.830   11.445  -1.407  1.00 1.78 ? 66 GLN A HA   1 
ATOM 1041 H HB2  . GLN A 1 66 ? 6.541   13.934  -0.781  1.00 3.10 ? 66 GLN A HB2  1 
ATOM 1042 H HB3  . GLN A 1 66 ? 6.394   13.500  -2.485  1.00 2.91 ? 66 GLN A HB3  1 
ATOM 1043 H HG2  . GLN A 1 66 ? 4.116   13.864  -2.525  1.00 3.29 ? 66 GLN A HG2  1 
ATOM 1044 H HG3  . GLN A 1 66 ? 3.912   13.433  -0.826  1.00 3.61 ? 66 GLN A HG3  1 
ATOM 1045 H HE21 . GLN A 1 66 ? 6.479   15.673  -1.658  1.00 4.57 ? 66 GLN A HE21 1 
ATOM 1046 H HE22 . GLN A 1 66 ? 5.721   17.067  -1.060  1.00 5.31 ? 66 GLN A HE22 1 
ATOM 1047 N N    . LYS A 1 67 ? 6.685   12.201  1.153   1.00 1.77 ? 67 LYS A N    1 
ATOM 1048 C CA   . LYS A 1 67 ? 6.576   12.107  2.639   1.00 2.39 ? 67 LYS A CA   1 
ATOM 1049 C C    . LYS A 1 67 ? 7.584   13.065  3.287   1.00 2.80 ? 67 LYS A C    1 
ATOM 1050 O O    . LYS A 1 67 ? 8.761   12.768  3.349   1.00 3.09 ? 67 LYS A O    1 
ATOM 1051 C CB   . LYS A 1 67 ? 6.880   10.674  3.079   1.00 2.84 ? 67 LYS A CB   1 
ATOM 1052 C CG   . LYS A 1 67 ? 8.064   10.133  2.276   1.00 3.76 ? 67 LYS A CG   1 
ATOM 1053 C CD   . LYS A 1 67 ? 9.162   9.670   3.234   1.00 4.75 ? 67 LYS A CD   1 
ATOM 1054 C CE   . LYS A 1 67 ? 10.483  10.342  2.857   1.00 5.59 ? 67 LYS A CE   1 
ATOM 1055 N NZ   . LYS A 1 67 ? 11.421  10.280  4.013   1.00 6.53 ? 67 LYS A NZ   1 
ATOM 1056 H H    . LYS A 1 67 ? 7.491   12.581  0.746   1.00 1.88 ? 67 LYS A H    1 
ATOM 1057 H HA   . LYS A 1 67 ? 5.579   12.369  2.946   1.00 2.72 ? 67 LYS A HA   1 
ATOM 1058 H HB2  . LYS A 1 67 ? 7.123   10.665  4.132   1.00 2.85 ? 67 LYS A HB2  1 
ATOM 1059 H HB3  . LYS A 1 67 ? 6.015   10.053  2.904   1.00 3.10 ? 67 LYS A HB3  1 
ATOM 1060 H HG2  . LYS A 1 67 ? 7.737   9.300   1.670   1.00 4.02 ? 67 LYS A HG2  1 
ATOM 1061 H HG3  . LYS A 1 67 ? 8.451   10.912  1.637   1.00 3.95 ? 67 LYS A HG3  1 
ATOM 1062 H HD2  . LYS A 1 67 ? 8.894   9.940   4.245   1.00 5.03 ? 67 LYS A HD2  1 
ATOM 1063 H HD3  . LYS A 1 67 ? 9.272   8.599   3.165   1.00 4.98 ? 67 LYS A HD3  1 
ATOM 1064 H HE2  . LYS A 1 67 ? 10.920  9.829   2.012   1.00 5.91 ? 67 LYS A HE2  1 
ATOM 1065 H HE3  . LYS A 1 67 ? 10.300  11.374  2.597   1.00 5.53 ? 67 LYS A HE3  1 
ATOM 1066 H HZ1  . LYS A 1 67 ? 11.288  9.383   4.520   1.00 6.80 ? 67 LYS A HZ1  1 
ATOM 1067 H HZ2  . LYS A 1 67 ? 11.230  11.076  4.658   1.00 6.75 ? 67 LYS A HZ2  1 
ATOM 1068 H HZ3  . LYS A 1 67 ? 12.400  10.339  3.669   1.00 6.96 ? 67 LYS A HZ3  1 
ATOM 1069 N N    . PRO A 1 68 ? 7.094   14.186  3.753   1.00 3.14 ? 68 PRO A N    1 
ATOM 1070 C CA   . PRO A 1 68 ? 7.934   15.206  4.407   1.00 3.69 ? 68 PRO A CA   1 
ATOM 1071 C C    . PRO A 1 68 ? 8.270   14.780  5.833   1.00 3.42 ? 68 PRO A C    1 
ATOM 1072 O O    . PRO A 1 68 ? 7.905   13.710  6.273   1.00 3.09 ? 68 PRO A O    1 
ATOM 1073 C CB   . PRO A 1 68 ? 7.052   16.457  4.405   1.00 4.36 ? 68 PRO A CB   1 
ATOM 1074 C CG   . PRO A 1 68 ? 5.594   15.960  4.278   1.00 4.20 ? 68 PRO A CG   1 
ATOM 1075 C CD   . PRO A 1 68 ? 5.662   14.543  3.677   1.00 3.40 ? 68 PRO A CD   1 
ATOM 1076 H HA   . PRO A 1 68 ? 8.834   15.388  3.844   1.00 4.05 ? 68 PRO A HA   1 
ATOM 1077 H HB2  . PRO A 1 68 ? 7.185   17.004  5.329   1.00 4.62 ? 68 PRO A HB2  1 
ATOM 1078 H HB3  . PRO A 1 68 ? 7.297   17.083  3.562   1.00 4.87 ? 68 PRO A HB3  1 
ATOM 1079 H HG2  . PRO A 1 68 ? 5.128   15.930  5.254   1.00 4.30 ? 68 PRO A HG2  1 
ATOM 1080 H HG3  . PRO A 1 68 ? 5.036   16.608  3.621   1.00 4.75 ? 68 PRO A HG3  1 
ATOM 1081 H HD2  . PRO A 1 68 ? 5.066   13.856  4.262   1.00 3.19 ? 68 PRO A HD2  1 
ATOM 1082 H HD3  . PRO A 1 68 ? 5.335   14.552  2.650   1.00 3.53 ? 68 PRO A HD3  1 
ATOM 1083 N N    . LEU A 1 69 ? 8.969   15.609  6.552   1.00 3.81 ? 69 LEU A N    1 
ATOM 1084 C CA   . LEU A 1 69 ? 9.336   15.258  7.954   1.00 3.76 ? 69 LEU A CA   1 
ATOM 1085 C C    . LEU A 1 69 ? 8.133   14.628  8.652   1.00 3.45 ? 69 LEU A C    1 
ATOM 1086 O O    . LEU A 1 69 ? 8.262   13.666  9.382   1.00 3.79 ? 69 LEU A O    1 
ATOM 1087 C CB   . LEU A 1 69 ? 9.761   16.521  8.703   1.00 4.40 ? 69 LEU A CB   1 
ATOM 1088 C CG   . LEU A 1 69 ? 10.195  16.152  10.122  1.00 4.88 ? 69 LEU A CG   1 
ATOM 1089 C CD1  . LEU A 1 69 ? 11.639  16.605  10.349  1.00 5.57 ? 69 LEU A CD1  1 
ATOM 1090 C CD2  . LEU A 1 69 ? 9.277   16.846  11.130  1.00 5.28 ? 69 LEU A CD2  1 
ATOM 1091 H H    . LEU A 1 69 ? 9.254   16.463  6.167   1.00 4.27 ? 69 LEU A H    1 
ATOM 1092 H HA   . LEU A 1 69 ? 10.149  14.550  7.945   1.00 3.75 ? 69 LEU A HA   1 
ATOM 1093 H HB2  . LEU A 1 69 ? 10.585  16.987  8.182   1.00 4.70 ? 69 LEU A HB2  1 
ATOM 1094 H HB3  . LEU A 1 69 ? 8.930   17.208  8.750   1.00 4.53 ? 69 LEU A HB3  1 
ATOM 1095 H HG   . LEU A 1 69 ? 10.131  15.081  10.251  1.00 4.88 ? 69 LEU A HG   1 
ATOM 1096 H HD11 . LEU A 1 69 ? 12.249  15.751  10.600  1.00 5.91 ? 69 LEU A HD11 1 
ATOM 1097 H HD12 . LEU A 1 69 ? 11.668  17.319  11.160  1.00 5.85 ? 69 LEU A HD12 1 
ATOM 1098 H HD13 . LEU A 1 69 ? 12.017  17.067  9.449   1.00 5.82 ? 69 LEU A HD13 1 
ATOM 1099 H HD21 . LEU A 1 69 ? 9.598   17.869  11.265  1.00 5.41 ? 69 LEU A HD21 1 
ATOM 1100 H HD22 . LEU A 1 69 ? 9.322   16.327  12.076  1.00 5.61 ? 69 LEU A HD22 1 
ATOM 1101 H HD23 . LEU A 1 69 ? 8.263   16.833  10.761  1.00 5.52 ? 69 LEU A HD23 1 
ATOM 1102 N N    . GLY A 1 70 ? 6.961   15.152  8.424   1.00 3.29 ? 70 GLY A N    1 
ATOM 1103 C CA   . GLY A 1 70 ? 5.752   14.566  9.064   1.00 3.33 ? 70 GLY A CA   1 
ATOM 1104 C C    . GLY A 1 70 ? 5.227   13.440  8.176   1.00 2.88 ? 70 GLY A C    1 
ATOM 1105 O O    . GLY A 1 70 ? 4.041   13.326  7.933   1.00 3.14 ? 70 GLY A O    1 
ATOM 1106 H H    . GLY A 1 70 ? 6.875   15.921  7.823   1.00 3.50 ? 70 GLY A H    1 
ATOM 1107 H HA2  . GLY A 1 70 ? 6.010   14.174  10.038  1.00 3.57 ? 70 GLY A HA2  1 
ATOM 1108 H HA3  . GLY A 1 70 ? 4.991   15.325  9.168   1.00 3.67 ? 70 GLY A HA3  1 
ATOM 1109 N N    . ALA A 1 71 ? 6.105   12.609  7.681   1.00 2.43 ? 71 ALA A N    1 
ATOM 1110 C CA   . ALA A 1 71 ? 5.663   11.492  6.798   1.00 2.04 ? 71 ALA A CA   1 
ATOM 1111 C C    . ALA A 1 71 ? 4.407   10.845  7.381   1.00 1.88 ? 71 ALA A C    1 
ATOM 1112 O O    . ALA A 1 71 ? 4.461   10.127  8.359   1.00 2.18 ? 71 ALA A O    1 
ATOM 1113 C CB   . ALA A 1 71 ? 6.777   10.449  6.694   1.00 1.99 ? 71 ALA A CB   1 
ATOM 1114 H H    . ALA A 1 71 ? 7.059   12.723  7.886   1.00 2.53 ? 71 ALA A H    1 
ATOM 1115 H HA   . ALA A 1 71 ? 5.442   11.880  5.814   1.00 2.12 ? 71 ALA A HA   1 
ATOM 1116 H HB1  . ALA A 1 71 ? 6.474   9.665   6.016   1.00 2.38 ? 71 ALA A HB1  1 
ATOM 1117 H HB2  . ALA A 1 71 ? 6.970   10.028  7.669   1.00 2.20 ? 71 ALA A HB2  1 
ATOM 1118 H HB3  . ALA A 1 71 ? 7.676   10.919  6.321   1.00 2.11 ? 71 ALA A HB3  1 
ATOM 1119 N N    . ALA A 1 72 ? 3.272   11.098  6.786   1.00 1.67 ? 72 ALA A N    1 
ATOM 1120 C CA   . ALA A 1 72 ? 2.011   10.498  7.307   1.00 1.90 ? 72 ALA A CA   1 
ATOM 1121 C C    . ALA A 1 72 ? 0.799   11.094  6.580   1.00 1.84 ? 72 ALA A C    1 
ATOM 1122 O O    . ALA A 1 72 ? -0.242  10.475  6.491   1.00 2.11 ? 72 ALA A O    1 
ATOM 1123 C CB   . ALA A 1 72 ? 1.895   10.797  8.801   1.00 2.23 ? 72 ALA A CB   1 
ATOM 1124 H H    . ALA A 1 72 ? 3.252   11.679  6.003   1.00 1.58 ? 72 ALA A H    1 
ATOM 1125 H HA   . ALA A 1 72 ? 2.031   9.429   7.156   1.00 2.11 ? 72 ALA A HA   1 
ATOM 1126 H HB1  . ALA A 1 72 ? 0.854   10.927  9.060   1.00 2.49 ? 72 ALA A HB1  1 
ATOM 1127 H HB2  . ALA A 1 72 ? 2.439   11.702  9.029   1.00 2.64 ? 72 ALA A HB2  1 
ATOM 1128 H HB3  . ALA A 1 72 ? 2.308   9.975   9.366   1.00 2.41 ? 72 ALA A HB3  1 
ATOM 1129 N N    . GLU A 1 73 ? 0.914   12.296  6.080   1.00 1.64 ? 73 GLU A N    1 
ATOM 1130 C CA   . GLU A 1 73 ? -0.253  12.924  5.385   1.00 1.67 ? 73 GLU A CA   1 
ATOM 1131 C C    . GLU A 1 73 ? -0.326  12.505  3.906   1.00 1.37 ? 73 GLU A C    1 
ATOM 1132 O O    . GLU A 1 73 ? -1.387  12.162  3.423   1.00 1.54 ? 73 GLU A O    1 
ATOM 1133 C CB   . GLU A 1 73 ? -0.162  14.450  5.483   1.00 2.12 ? 73 GLU A CB   1 
ATOM 1134 C CG   . GLU A 1 73 ? -1.549  15.056  5.254   1.00 2.25 ? 73 GLU A CG   1 
ATOM 1135 C CD   . GLU A 1 73 ? -1.529  15.910  3.985   1.00 2.89 ? 73 GLU A CD   1 
ATOM 1136 O OE1  . GLU A 1 73 ? -1.145  17.065  4.077   1.00 3.40 ? 73 GLU A OE1  1 
ATOM 1137 O OE2  . GLU A 1 73 ? -1.898  15.396  2.942   1.00 3.33 ? 73 GLU A OE2  1 
ATOM 1138 H H    . GLU A 1 73 ? 1.755   12.790  6.176   1.00 1.59 ? 73 GLU A H    1 
ATOM 1139 H HA   . GLU A 1 73 ? -1.150  12.601  5.874   1.00 1.71 ? 73 GLU A HA   1 
ATOM 1140 H HB2  . GLU A 1 73 ? 0.196   14.729  6.464   1.00 2.35 ? 73 GLU A HB2  1 
ATOM 1141 H HB3  . GLU A 1 73 ? 0.515   14.824  4.733   1.00 2.20 ? 73 GLU A HB3  1 
ATOM 1142 H HG2  . GLU A 1 73 ? -2.274  14.262  5.143   1.00 2.29 ? 73 GLU A HG2  1 
ATOM 1143 H HG3  . GLU A 1 73 ? -1.816  15.674  6.097   1.00 2.21 ? 73 GLU A HG3  1 
ATOM 1144 N N    . PRO A 1 74 ? 0.789   12.558  3.226   1.00 1.08 ? 74 PRO A N    1 
ATOM 1145 C CA   . PRO A 1 74 ? 0.867   12.204  1.796   1.00 0.91 ? 74 PRO A CA   1 
ATOM 1146 C C    . PRO A 1 74 ? 0.913   10.687  1.614   1.00 0.87 ? 74 PRO A C    1 
ATOM 1147 O O    . PRO A 1 74 ? 0.835   9.933   2.559   1.00 1.16 ? 74 PRO A O    1 
ATOM 1148 C CB   . PRO A 1 74 ? 2.177   12.846  1.339   1.00 0.93 ? 74 PRO A CB   1 
ATOM 1149 C CG   . PRO A 1 74 ? 3.038   13.027  2.610   1.00 1.09 ? 74 PRO A CG   1 
ATOM 1150 C CD   . PRO A 1 74 ? 2.075   12.967  3.810   1.00 1.16 ? 74 PRO A CD   1 
ATOM 1151 H HA   . PRO A 1 74 ? 0.041   12.625  1.248   1.00 1.06 ? 74 PRO A HA   1 
ATOM 1152 H HB2  . PRO A 1 74 ? 2.680   12.198  0.634   1.00 0.96 ? 74 PRO A HB2  1 
ATOM 1153 H HB3  . PRO A 1 74 ? 1.985   13.808  0.891   1.00 1.09 ? 74 PRO A HB3  1 
ATOM 1154 H HG2  . PRO A 1 74 ? 3.765   12.229  2.676   1.00 1.16 ? 74 PRO A HG2  1 
ATOM 1155 H HG3  . PRO A 1 74 ? 3.537   13.983  2.588   1.00 1.29 ? 74 PRO A HG3  1 
ATOM 1156 H HD2  . PRO A 1 74 ? 2.410   12.232  4.523   1.00 1.31 ? 74 PRO A HD2  1 
ATOM 1157 H HD3  . PRO A 1 74 ? 1.982   13.933  4.276   1.00 1.31 ? 74 PRO A HD3  1 
ATOM 1158 N N    . ILE A 1 75 ? 1.031   10.243  0.397   1.00 0.79 ? 75 ILE A N    1 
ATOM 1159 C CA   . ILE A 1 75 ? 1.075   8.776   0.129   1.00 0.85 ? 75 ILE A CA   1 
ATOM 1160 C C    . ILE A 1 75 ? 2.524   8.305   -0.011  1.00 0.84 ? 75 ILE A C    1 
ATOM 1161 O O    . ILE A 1 75 ? 3.414   9.069   -0.333  1.00 0.89 ? 75 ILE A O    1 
ATOM 1162 C CB   . ILE A 1 75 ? 0.361   8.483   -1.179  1.00 0.92 ? 75 ILE A CB   1 
ATOM 1163 C CG1  . ILE A 1 75 ? 1.059   9.262   -2.288  1.00 0.87 ? 75 ILE A CG1  1 
ATOM 1164 C CG2  . ILE A 1 75 ? -1.110  8.896   -1.095  1.00 1.07 ? 75 ILE A CG2  1 
ATOM 1165 C CD1  . ILE A 1 75 ? 1.231   8.362   -3.504  1.00 0.94 ? 75 ILE A CD1  1 
ATOM 1166 H H    . ILE A 1 75 ? 1.083   10.879  -0.347  1.00 0.91 ? 75 ILE A H    1 
ATOM 1167 H HA   . ILE A 1 75 ? 0.593   8.242   0.933   1.00 0.94 ? 75 ILE A HA   1 
ATOM 1168 H HB   . ILE A 1 75 ? 0.423   7.426   -1.391  1.00 0.98 ? 75 ILE A HB   1 
ATOM 1169 H HG12 . ILE A 1 75 ? 0.462   10.122  -2.555  1.00 0.95 ? 75 ILE A HG12 1 
ATOM 1170 H HG13 . ILE A 1 75 ? 2.028   9.587   -1.942  1.00 0.79 ? 75 ILE A HG13 1 
ATOM 1171 H HG21 . ILE A 1 75 ? -1.410  8.948   -0.059  1.00 1.42 ? 75 ILE A HG21 1 
ATOM 1172 H HG22 . ILE A 1 75 ? -1.718  8.168   -1.610  1.00 1.68 ? 75 ILE A HG22 1 
ATOM 1173 H HG23 . ILE A 1 75 ? -1.238  9.864   -1.556  1.00 1.35 ? 75 ILE A HG23 1 
ATOM 1174 H HD11 . ILE A 1 75 ? 2.006   7.636   -3.302  1.00 1.31 ? 75 ILE A HD11 1 
ATOM 1175 H HD12 . ILE A 1 75 ? 1.512   8.961   -4.355  1.00 1.29 ? 75 ILE A HD12 1 
ATOM 1176 H HD13 . ILE A 1 75 ? 0.303   7.851   -3.707  1.00 1.40 ? 75 ILE A HD13 1 
ATOM 1177 N N    . THR A 1 76 ? 2.759   7.040   0.203   1.00 0.82 ? 76 THR A N    1 
ATOM 1178 C CA   . THR A 1 76 ? 4.143   6.501   0.071   1.00 0.85 ? 76 THR A CA   1 
ATOM 1179 C C    . THR A 1 76 ? 4.085   4.985   -0.132  1.00 0.80 ? 76 THR A C    1 
ATOM 1180 O O    . THR A 1 76 ? 4.231   4.220   0.800   1.00 0.97 ? 76 THR A O    1 
ATOM 1181 C CB   . THR A 1 76 ? 4.935   6.814   1.342   1.00 0.94 ? 76 THR A CB   1 
ATOM 1182 O OG1  . THR A 1 76 ? 4.885   8.211   1.599   1.00 1.07 ? 76 THR A OG1  1 
ATOM 1183 C CG2  . THR A 1 76 ? 6.391   6.379   1.160   1.00 0.98 ? 76 THR A CG2  1 
ATOM 1184 H H    . THR A 1 76 ? 2.021   6.440   0.437   1.00 0.81 ? 76 THR A H    1 
ATOM 1185 H HA   . THR A 1 76 ? 4.629   6.960   -0.779  1.00 0.89 ? 76 THR A HA   1 
ATOM 1186 H HB   . THR A 1 76 ? 4.507   6.278   2.175   1.00 0.95 ? 76 THR A HB   1 
ATOM 1187 H HG1  . THR A 1 76 ? 4.369   8.347   2.397   1.00 1.54 ? 76 THR A HG1  1 
ATOM 1188 H HG21 . THR A 1 76 ? 6.945   6.591   2.062   1.00 1.25 ? 76 THR A HG21 1 
ATOM 1189 H HG22 . THR A 1 76 ? 6.827   6.918   0.333   1.00 1.47 ? 76 THR A HG22 1 
ATOM 1190 H HG23 . THR A 1 76 ? 6.426   5.318   0.957   1.00 1.48 ? 76 THR A HG23 1 
ATOM 1191 N N    . VAL A 1 77 ? 3.870   4.545   -1.342  1.00 0.72 ? 77 VAL A N    1 
ATOM 1192 C CA   . VAL A 1 77 ? 3.801   3.077   -1.598  1.00 0.67 ? 77 VAL A CA   1 
ATOM 1193 C C    . VAL A 1 77 ? 5.214   2.516   -1.760  1.00 0.69 ? 77 VAL A C    1 
ATOM 1194 O O    . VAL A 1 77 ? 5.713   2.367   -2.858  1.00 0.75 ? 77 VAL A O    1 
ATOM 1195 C CB   . VAL A 1 77 ? 2.992   2.814   -2.871  1.00 0.66 ? 77 VAL A CB   1 
ATOM 1196 C CG1  . VAL A 1 77 ? 3.549   3.660   -4.014  1.00 0.68 ? 77 VAL A CG1  1 
ATOM 1197 C CG2  . VAL A 1 77 ? 3.087   1.331   -3.241  1.00 0.67 ? 77 VAL A CG2  1 
ATOM 1198 H H    . VAL A 1 77 ? 3.754   5.177   -2.081  1.00 0.81 ? 77 VAL A H    1 
ATOM 1199 H HA   . VAL A 1 77 ? 3.321   2.592   -0.765  1.00 0.66 ? 77 VAL A HA   1 
ATOM 1200 H HB   . VAL A 1 77 ? 1.958   3.079   -2.700  1.00 0.67 ? 77 VAL A HB   1 
ATOM 1201 H HG11 . VAL A 1 77 ? 3.604   3.062   -4.911  1.00 1.22 ? 77 VAL A HG11 1 
ATOM 1202 H HG12 . VAL A 1 77 ? 4.536   4.008   -3.753  1.00 1.26 ? 77 VAL A HG12 1 
ATOM 1203 H HG13 . VAL A 1 77 ? 2.900   4.506   -4.184  1.00 1.10 ? 77 VAL A HG13 1 
ATOM 1204 H HG21 . VAL A 1 77 ? 3.376   1.237   -4.277  1.00 1.32 ? 77 VAL A HG21 1 
ATOM 1205 H HG22 . VAL A 1 77 ? 2.126   0.861   -3.092  1.00 1.17 ? 77 VAL A HG22 1 
ATOM 1206 H HG23 . VAL A 1 77 ? 3.823   0.849   -2.616  1.00 1.08 ? 77 VAL A HG23 1 
ATOM 1207 N N    . LYS A 1 78 ? 5.860   2.195   -0.672  1.00 0.77 ? 78 LYS A N    1 
ATOM 1208 C CA   . LYS A 1 78 ? 7.237   1.636   -0.757  1.00 0.81 ? 78 LYS A CA   1 
ATOM 1209 C C    . LYS A 1 78 ? 7.207   0.161   -0.347  1.00 0.79 ? 78 LYS A C    1 
ATOM 1210 O O    . LYS A 1 78 ? 6.378   -0.257  0.437   1.00 0.83 ? 78 LYS A O    1 
ATOM 1211 C CB   . LYS A 1 78 ? 8.162   2.411   0.182   1.00 0.91 ? 78 LYS A CB   1 
ATOM 1212 C CG   . LYS A 1 78 ? 8.569   3.729   -0.479  1.00 1.43 ? 78 LYS A CG   1 
ATOM 1213 C CD   . LYS A 1 78 ? 9.433   4.539   0.487   1.00 1.81 ? 78 LYS A CD   1 
ATOM 1214 C CE   . LYS A 1 78 ? 10.721  3.771   0.784   1.00 2.54 ? 78 LYS A CE   1 
ATOM 1215 N NZ   . LYS A 1 78 ? 11.599  4.595   1.663   1.00 3.00 ? 78 LYS A NZ   1 
ATOM 1216 H H    . LYS A 1 78 ? 5.436   2.318   0.203   1.00 0.87 ? 78 LYS A H    1 
ATOM 1217 H HA   . LYS A 1 78 ? 7.599   1.721   -1.772  1.00 0.83 ? 78 LYS A HA   1 
ATOM 1218 H HB2  . LYS A 1 78 ? 7.644   2.616   1.108   1.00 1.21 ? 78 LYS A HB2  1 
ATOM 1219 H HB3  . LYS A 1 78 ? 9.045   1.824   0.385   1.00 1.52 ? 78 LYS A HB3  1 
ATOM 1220 H HG2  . LYS A 1 78 ? 9.132   3.522   -1.377  1.00 2.10 ? 78 LYS A HG2  1 
ATOM 1221 H HG3  . LYS A 1 78 ? 7.685   4.296   -0.730  1.00 1.91 ? 78 LYS A HG3  1 
ATOM 1222 H HD2  . LYS A 1 78 ? 9.676   5.494   0.041   1.00 2.03 ? 78 LYS A HD2  1 
ATOM 1223 H HD3  . LYS A 1 78 ? 8.891   4.699   1.408   1.00 2.28 ? 78 LYS A HD3  1 
ATOM 1224 H HE2  . LYS A 1 78 ? 10.480  2.844   1.283   1.00 3.01 ? 78 LYS A HE2  1 
ATOM 1225 H HE3  . LYS A 1 78 ? 11.235  3.559   -0.142  1.00 2.95 ? 78 LYS A HE3  1 
ATOM 1226 H HZ1  . LYS A 1 78 ? 12.180  5.227   1.078   1.00 3.23 ? 78 LYS A HZ1  1 
ATOM 1227 H HZ2  . LYS A 1 78 ? 12.216  3.969   2.219   1.00 3.28 ? 78 LYS A HZ2  1 
ATOM 1228 H HZ3  . LYS A 1 78 ? 11.011  5.163   2.305   1.00 3.36 ? 78 LYS A HZ3  1 
ATOM 1229 N N    . PHE A 1 79 ? 8.097   -0.631  -0.876  1.00 0.81 ? 79 PHE A N    1 
ATOM 1230 C CA   . PHE A 1 79 ? 8.109   -2.078  -0.520  1.00 0.82 ? 79 PHE A CA   1 
ATOM 1231 C C    . PHE A 1 79 ? 8.010   -2.248  0.996   1.00 0.88 ? 79 PHE A C    1 
ATOM 1232 O O    . PHE A 1 79 ? 8.625   -1.529  1.758   1.00 0.97 ? 79 PHE A O    1 
ATOM 1233 C CB   . PHE A 1 79 ? 9.399   -2.721  -1.030  1.00 0.89 ? 79 PHE A CB   1 
ATOM 1234 C CG   . PHE A 1 79 ? 9.239   -3.027  -2.499  1.00 0.86 ? 79 PHE A CG   1 
ATOM 1235 C CD1  . PHE A 1 79 ? 8.264   -3.940  -2.916  1.00 1.35 ? 79 PHE A CD1  1 
ATOM 1236 C CD2  . PHE A 1 79 ? 10.056  -2.395  -3.444  1.00 1.60 ? 79 PHE A CD2  1 
ATOM 1237 C CE1  . PHE A 1 79 ? 8.103   -4.222  -4.277  1.00 1.34 ? 79 PHE A CE1  1 
ATOM 1238 C CE2  . PHE A 1 79 ? 9.897   -2.678  -4.807  1.00 1.62 ? 79 PHE A CE2  1 
ATOM 1239 C CZ   . PHE A 1 79 ? 8.919   -3.591  -5.221  1.00 0.87 ? 79 PHE A CZ   1 
ATOM 1240 H H    . PHE A 1 79 ? 8.755   -0.277  -1.510  1.00 0.86 ? 79 PHE A H    1 
ATOM 1241 H HA   . PHE A 1 79 ? 7.265   -2.564  -0.986  1.00 0.78 ? 79 PHE A HA   1 
ATOM 1242 H HB2  . PHE A 1 79 ? 10.225  -2.038  -0.889  1.00 0.93 ? 79 PHE A HB2  1 
ATOM 1243 H HB3  . PHE A 1 79 ? 9.587   -3.635  -0.489  1.00 0.93 ? 79 PHE A HB3  1 
ATOM 1244 H HD1  . PHE A 1 79 ? 7.635   -4.427  -2.186  1.00 2.16 ? 79 PHE A HD1  1 
ATOM 1245 H HD2  . PHE A 1 79 ? 10.809  -1.691  -3.122  1.00 2.44 ? 79 PHE A HD2  1 
ATOM 1246 H HE1  . PHE A 1 79 ? 7.350   -4.926  -4.596  1.00 2.14 ? 79 PHE A HE1  1 
ATOM 1247 H HE2  . PHE A 1 79 ? 10.527  -2.191  -5.537  1.00 2.47 ? 79 PHE A HE2  1 
ATOM 1248 H HZ   . PHE A 1 79 ? 8.792   -3.808  -6.271  1.00 0.90 ? 79 PHE A HZ   1 
ATOM 1249 N N    . ALA A 1 80 ? 7.227   -3.196  1.433   1.00 0.90 ? 80 ALA A N    1 
ATOM 1250 C CA   . ALA A 1 80 ? 7.066   -3.426  2.896   1.00 0.99 ? 80 ALA A CA   1 
ATOM 1251 C C    . ALA A 1 80 ? 8.211   -4.296  3.417   1.00 1.25 ? 80 ALA A C    1 
ATOM 1252 O O    . ALA A 1 80 ? 8.286   -5.473  3.129   1.00 1.59 ? 80 ALA A O    1 
ATOM 1253 C CB   . ALA A 1 80 ? 5.741   -4.145  3.149   1.00 0.97 ? 80 ALA A CB   1 
ATOM 1254 H H    . ALA A 1 80 ? 6.739   -3.757  0.796   1.00 0.90 ? 80 ALA A H    1 
ATOM 1255 H HA   . ALA A 1 80 ? 7.067   -2.479  3.414   1.00 1.06 ? 80 ALA A HA   1 
ATOM 1256 H HB1  . ALA A 1 80 ? 5.467   -4.043  4.189   1.00 1.34 ? 80 ALA A HB1  1 
ATOM 1257 H HB2  . ALA A 1 80 ? 5.848   -5.191  2.906   1.00 1.28 ? 80 ALA A HB2  1 
ATOM 1258 H HB3  . ALA A 1 80 ? 4.971   -3.709  2.530   1.00 1.48 ? 80 ALA A HB3  1 
ATOM 1259 N N    . ASN A 1 81 ? 9.096   -3.732  4.191   1.00 1.36 ? 81 ASN A N    1 
ATOM 1260 C CA   . ASN A 1 81 ? 10.221  -4.540  4.737   1.00 1.66 ? 81 ASN A CA   1 
ATOM 1261 C C    . ASN A 1 81 ? 9.661   -5.856  5.286   1.00 1.26 ? 81 ASN A C    1 
ATOM 1262 O O    . ASN A 1 81 ? 10.321  -6.876  5.279   1.00 1.70 ? 81 ASN A O    1 
ATOM 1263 C CB   . ASN A 1 81 ? 10.907  -3.762  5.861   1.00 2.69 ? 81 ASN A CB   1 
ATOM 1264 C CG   . ASN A 1 81 ? 12.325  -4.300  6.070   1.00 3.55 ? 81 ASN A CG   1 
ATOM 1265 O OD1  . ASN A 1 81 ? 12.703  -5.293  5.483   1.00 3.97 ? 81 ASN A OD1  1 
ATOM 1266 N ND2  . ASN A 1 81 ? 13.129  -3.680  6.890   1.00 4.32 ? 81 ASN A ND2  1 
ATOM 1267 H H    . ASN A 1 81 ? 9.015   -2.783  4.421   1.00 1.42 ? 81 ASN A H    1 
ATOM 1268 H HA   . ASN A 1 81 ? 10.932  -4.748  3.951   1.00 2.24 ? 81 ASN A HA   1 
ATOM 1269 H HB2  . ASN A 1 81 ? 10.953  -2.716  5.597   1.00 3.17 ? 81 ASN A HB2  1 
ATOM 1270 H HB3  . ASN A 1 81 ? 10.343  -3.877  6.775   1.00 2.99 ? 81 ASN A HB3  1 
ATOM 1271 H HD21 . ASN A 1 81 ? 12.824  -2.878  7.364   1.00 4.38 ? 81 ASN A HD21 1 
ATOM 1272 H HD22 . ASN A 1 81 ? 14.039  -4.016  7.031   1.00 5.07 ? 81 ASN A HD22 1 
ATOM 1273 N N    . ASN A 1 82 ? 8.443   -5.835  5.756   1.00 1.81 ? 82 ASN A N    1 
ATOM 1274 C CA   . ASN A 1 82 ? 7.824   -7.078  6.301   1.00 2.78 ? 82 ASN A CA   1 
ATOM 1275 C C    . ASN A 1 82 ? 8.662   -7.602  7.477   1.00 2.87 ? 82 ASN A C    1 
ATOM 1276 O O    . ASN A 1 82 ? 9.820   -7.930  7.307   1.00 3.08 ? 82 ASN A O    1 
ATOM 1277 C CB   . ASN A 1 82 ? 7.770   -8.138  5.200   1.00 3.66 ? 82 ASN A CB   1 
ATOM 1278 C CG   . ASN A 1 82 ? 6.310   -8.470  4.885   1.00 4.51 ? 82 ASN A CG   1 
ATOM 1279 O OD1  . ASN A 1 82 ? 5.809   -9.501  5.286   1.00 5.04 ? 82 ASN A OD1  1 
ATOM 1280 N ND2  . ASN A 1 82 ? 5.601   -7.631  4.180   1.00 5.07 ? 82 ASN A ND2  1 
ATOM 1281 H H    . ASN A 1 82 ? 7.930   -5.000  5.746   1.00 2.11 ? 82 ASN A H    1 
ATOM 1282 H HA   . ASN A 1 82 ? 6.822   -6.858  6.632   1.00 3.36 ? 82 ASN A HA   1 
ATOM 1283 H HB2  . ASN A 1 82 ? 8.255   -7.760  4.312   1.00 3.59 ? 82 ASN A HB2  1 
ATOM 1284 H HB3  . ASN A 1 82 ? 8.276   -9.032  5.534   1.00 4.25 ? 82 ASN A HB3  1 
ATOM 1285 H HD21 . ASN A 1 82 ? 6.005   -6.798  3.859   1.00 4.96 ? 82 ASN A HD21 1 
ATOM 1286 H HD22 . ASN A 1 82 ? 4.666   -7.835  3.972   1.00 5.80 ? 82 ASN A HD22 1 
ATOM 1287 N N    . PRO A 1 83 ? 8.053   -7.669  8.638   1.00 3.31 ? 83 PRO A N    1 
ATOM 1288 C CA   . PRO A 1 83 ? 8.723   -8.154  9.859   1.00 3.79 ? 83 PRO A CA   1 
ATOM 1289 C C    . PRO A 1 83 ? 8.795   -9.686  9.863   1.00 4.06 ? 83 PRO A C    1 
ATOM 1290 O O    . PRO A 1 83 ? 9.184   -10.293 10.841  1.00 4.77 ? 83 PRO A O    1 
ATOM 1291 C CB   . PRO A 1 83 ? 7.821   -7.650  10.989  1.00 4.67 ? 83 PRO A CB   1 
ATOM 1292 C CG   . PRO A 1 83 ? 6.427   -7.412  10.363  1.00 4.86 ? 83 PRO A CG   1 
ATOM 1293 C CD   . PRO A 1 83 ? 6.645   -7.268  8.844   1.00 3.93 ? 83 PRO A CD   1 
ATOM 1294 H HA   . PRO A 1 83 ? 9.706   -7.723  9.952   1.00 3.84 ? 83 PRO A HA   1 
ATOM 1295 H HB2  . PRO A 1 83 ? 7.757   -8.394  11.771  1.00 5.16 ? 83 PRO A HB2  1 
ATOM 1296 H HB3  . PRO A 1 83 ? 8.203   -6.723  11.386  1.00 4.99 ? 83 PRO A HB3  1 
ATOM 1297 H HG2  . PRO A 1 83 ? 5.781   -8.255  10.568  1.00 5.37 ? 83 PRO A HG2  1 
ATOM 1298 H HG3  . PRO A 1 83 ? 5.993   -6.506  10.755  1.00 5.42 ? 83 PRO A HG3  1 
ATOM 1299 H HD2  . PRO A 1 83 ? 5.978   -7.925  8.304   1.00 4.17 ? 83 PRO A HD2  1 
ATOM 1300 H HD3  . PRO A 1 83 ? 6.502   -6.244  8.537   1.00 3.91 ? 83 PRO A HD3  1 
ATOM 1301 N N    . SER A 1 84 ? 8.423   -10.315 8.780   1.00 3.96 ? 84 SER A N    1 
ATOM 1302 C CA   . SER A 1 84 ? 8.472   -11.804 8.734   1.00 4.68 ? 84 SER A CA   1 
ATOM 1303 C C    . SER A 1 84 ? 9.123   -12.260 7.425   1.00 4.75 ? 84 SER A C    1 
ATOM 1304 O O    . SER A 1 84 ? 8.978   -13.393 7.011   1.00 5.17 ? 84 SER A O    1 
ATOM 1305 C CB   . SER A 1 84 ? 7.052   -12.364 8.819   1.00 5.36 ? 84 SER A CB   1 
ATOM 1306 O OG   . SER A 1 84 ? 6.276   -11.546 9.684   1.00 5.77 ? 84 SER A OG   1 
ATOM 1307 H H    . SER A 1 84 ? 8.110   -9.809  8.002   1.00 3.74 ? 84 SER A H    1 
ATOM 1308 H HA   . SER A 1 84 ? 9.052   -12.171 9.568   1.00 5.09 ? 84 SER A HA   1 
ATOM 1309 H HB2  . SER A 1 84 ? 6.605   -12.369 7.839   1.00 5.42 ? 84 SER A HB2  1 
ATOM 1310 H HB3  . SER A 1 84 ? 7.088   -13.376 9.200   1.00 5.87 ? 84 SER A HB3  1 
ATOM 1311 H HG   . SER A 1 84 ? 6.236   -10.666 9.303   1.00 6.05 ? 84 SER A HG   1 
ATOM 1312 N N    . GLN A 1 85 ? 9.839   -11.388 6.770   1.00 4.71 ? 85 GLN A N    1 
ATOM 1313 C CA   . GLN A 1 85 ? 10.498  -11.777 5.491   1.00 5.21 ? 85 GLN A CA   1 
ATOM 1314 C C    . GLN A 1 85 ? 11.897  -12.322 5.785   1.00 5.52 ? 85 GLN A C    1 
ATOM 1315 O O    . GLN A 1 85 ? 12.843  -11.562 5.668   1.00 5.77 ? 85 GLN A O    1 
ATOM 1316 C CB   . GLN A 1 85 ? 10.610  -10.552 4.581   1.00 5.76 ? 85 GLN A CB   1 
ATOM 1317 C CG   . GLN A 1 85 ? 9.901   -10.835 3.255   1.00 6.16 ? 85 GLN A CG   1 
ATOM 1318 C CD   . GLN A 1 85 ? 10.864  -11.548 2.303   1.00 6.74 ? 85 GLN A CD   1 
ATOM 1319 O OE1  . GLN A 1 85 ? 11.910  -11.023 1.973   1.00 7.09 ? 85 GLN A OE1  1 
ATOM 1320 N NE2  . GLN A 1 85 ? 10.554  -12.729 1.844   1.00 7.18 ? 85 GLN A NE2  1 
ATOM 1321 O OXT  . GLN A 1 85 ? 11.997  -13.491 6.121   1.00 5.87 ? 85 GLN A OXT  1 
ATOM 1322 H H    . GLN A 1 85 ? 9.948   -10.479 7.120   1.00 4.62 ? 85 GLN A H    1 
ATOM 1323 H HA   . GLN A 1 85 ? 9.910   -12.539 5.000   1.00 5.41 ? 85 GLN A HA   1 
ATOM 1324 H HB2  . GLN A 1 85 ? 10.148  -9.703  5.064   1.00 5.84 ? 85 GLN A HB2  1 
ATOM 1325 H HB3  . GLN A 1 85 ? 11.651  -10.339 4.392   1.00 6.20 ? 85 GLN A HB3  1 
ATOM 1326 H HG2  . GLN A 1 85 ? 9.040   -11.464 3.435   1.00 6.42 ? 85 GLN A HG2  1 
ATOM 1327 H HG3  . GLN A 1 85 ? 9.582   -9.905  2.812   1.00 6.17 ? 85 GLN A HG3  1 
ATOM 1328 H HE21 . GLN A 1 85 ? 9.711   -13.152 2.111   1.00 7.13 ? 85 GLN A HE21 1 
ATOM 1329 H HE22 . GLN A 1 85 ? 11.163  -13.193 1.233   1.00 7.74 ? 85 GLN A HE22 1 
# 
